data_2OQJ
#
_entry.id   2OQJ
#
_cell.length_a   66.264
_cell.length_b   171.348
_cell.length_c   119.568
_cell.angle_alpha   90.00
_cell.angle_beta   105.64
_cell.angle_gamma   90.00
#
_symmetry.space_group_name_H-M   'P 1 21 1'
#
loop_
_entity.id
_entity.type
_entity.pdbx_description
1 polymer 'Fab 2G12 light chain'
2 polymer 'Fab 2G12 heavy chain'
3 polymer 'peptide 2G12.1 (ACPPSHVLDMRSGTCLAAEGK)'
#
loop_
_entity_poly.entity_id
_entity_poly.type
_entity_poly.pdbx_seq_one_letter_code
_entity_poly.pdbx_strand_id
1 'polypeptide(L)'
;VVMTQSPSTLSASVGDTITITCRASQSIETWLAWYQQKPGKAPKLLIYKASTLKTGVPSRFSGSGSGTEFTLTISGLQFD
DFATYHCQHYAGYSATFGQGTRVEIKRTVAAPSVFIFPPSDEQLKSGTASVVCLLNNFYPREAKVQWKVDNALQSGNSQE
SVTEQDSKDSTYSLSSTLTLSKADYEKHKVYACEVTHQGLSSPVTKSFNRG
;
A,D,G,J
2 'polypeptide(L)'
;EVQLVESGGGLVKAGGSLILSCGVSNFRISAHTMNWVRRVPGGGLEWVASISTSSTYRDYADAVKGRFTVSRDDLEDFVY
LQMHKMRVEDTAIYYCARKGSDRLSDNDPFDAWGPGTVVTVSPASTKGPSVFPLAPSSKSTSGGTAALGCLVKDYFPEPV
TVSWNSGALTSGVHTFPAVLQSSGLYSLSSVVTVPSSSLGTQTYICNVNHKPSNTKVDKKVEPK
;
B,E,H,K
3 'polypeptide(L)' ACPPSHVLDMRSGTCLAAEGK C,F,I,L
#
# COMPACT_ATOMS: atom_id res chain seq x y z
N VAL A 1 -22.30 17.98 13.35
CA VAL A 1 -22.13 19.46 13.41
C VAL A 1 -22.71 20.11 12.16
N VAL A 2 -23.66 21.02 12.38
CA VAL A 2 -24.35 21.68 11.29
C VAL A 2 -24.03 23.17 11.31
N MET A 3 -23.55 23.69 10.18
CA MET A 3 -23.29 25.13 10.04
C MET A 3 -24.52 25.85 9.51
N THR A 4 -24.89 26.95 10.17
CA THR A 4 -26.03 27.76 9.77
C THR A 4 -25.54 29.15 9.39
N GLN A 5 -25.44 29.38 8.08
CA GLN A 5 -24.94 30.64 7.55
C GLN A 5 -26.07 31.65 7.39
N SER A 6 -25.75 32.93 7.55
CA SER A 6 -26.76 33.96 7.68
C SER A 6 -26.27 35.36 7.26
N PRO A 7 -27.03 36.04 6.38
CA PRO A 7 -28.23 35.57 5.69
C PRO A 7 -27.91 34.80 4.40
N SER A 8 -28.94 34.42 3.63
CA SER A 8 -28.75 33.73 2.36
C SER A 8 -28.34 34.71 1.27
N THR A 9 -28.92 35.90 1.34
CA THR A 9 -28.65 36.97 0.36
C THR A 9 -28.38 38.27 1.10
N LEU A 10 -27.26 38.91 0.75
CA LEU A 10 -26.93 40.22 1.29
C LEU A 10 -26.86 41.23 0.14
N SER A 11 -27.68 42.27 0.23
CA SER A 11 -27.68 43.35 -0.75
C SER A 11 -26.89 44.53 -0.20
N ALA A 12 -25.85 44.94 -0.92
CA ALA A 12 -25.00 46.02 -0.46
C ALA A 12 -24.56 46.94 -1.60
N SER A 13 -23.85 48.00 -1.25
CA SER A 13 -23.30 48.94 -2.23
C SER A 13 -21.78 48.96 -2.19
N VAL A 14 -21.18 49.49 -3.25
CA VAL A 14 -19.73 49.58 -3.39
C VAL A 14 -19.12 50.49 -2.32
N GLY A 15 -18.23 49.92 -1.51
CA GLY A 15 -17.59 50.67 -0.43
C GLY A 15 -18.14 50.41 0.95
N ASP A 16 -19.28 49.71 1.02
CA ASP A 16 -19.89 49.35 2.31
C ASP A 16 -19.05 48.36 3.11
N THR A 17 -19.17 48.44 4.42
CA THR A 17 -18.58 47.44 5.30
C THR A 17 -19.68 46.47 5.76
N ILE A 18 -19.58 45.21 5.35
CA ILE A 18 -20.62 44.20 5.60
C ILE A 18 -20.10 43.02 6.41
N THR A 19 -21.01 42.32 7.09
CA THR A 19 -20.64 41.15 7.90
C THR A 19 -21.57 39.96 7.69
N ILE A 20 -20.96 38.78 7.48
CA ILE A 20 -21.70 37.53 7.44
C ILE A 20 -21.37 36.70 8.68
N THR A 21 -22.39 36.09 9.27
CA THR A 21 -22.21 35.28 10.47
C THR A 21 -22.49 33.79 10.20
N CYS A 22 -21.63 32.92 10.71
CA CYS A 22 -21.85 31.47 10.63
C CYS A 22 -22.13 30.95 12.04
N ARG A 23 -23.17 30.13 12.17
CA ARG A 23 -23.61 29.60 13.46
C ARG A 23 -23.35 28.09 13.50
N ALA A 24 -22.72 27.63 14.59
CA ALA A 24 -22.44 26.20 14.77
C ALA A 24 -23.44 25.55 15.72
N SER A 25 -23.78 24.29 15.44
CA SER A 25 -24.73 23.54 16.26
C SER A 25 -24.13 23.10 17.60
N GLN A 26 -22.80 23.10 17.65
CA GLN A 26 -22.02 22.76 18.85
C GLN A 26 -20.64 23.41 18.75
N SER A 27 -19.91 23.45 19.87
CA SER A 27 -18.61 24.12 19.92
C SER A 27 -17.60 23.54 18.93
N ILE A 28 -16.92 24.44 18.22
CA ILE A 28 -16.05 24.09 17.10
C ILE A 28 -14.61 24.55 17.33
N GLU A 29 -14.40 25.22 18.47
CA GLU A 29 -13.11 25.87 18.78
C GLU A 29 -12.88 27.03 17.79
N THR A 30 -11.84 26.92 16.96
CA THR A 30 -11.55 27.93 15.94
C THR A 30 -11.39 27.27 14.57
N TRP A 31 -11.87 26.03 14.43
CA TRP A 31 -11.71 25.28 13.19
C TRP A 31 -12.73 25.67 12.13
N LEU A 32 -12.69 26.94 11.73
CA LEU A 32 -13.58 27.45 10.69
C LEU A 32 -12.80 28.09 9.53
N ALA A 33 -13.35 27.96 8.33
CA ALA A 33 -12.75 28.54 7.14
C ALA A 33 -13.81 29.31 6.35
N TRP A 34 -13.39 30.37 5.66
CA TRP A 34 -14.27 31.12 4.77
C TRP A 34 -13.76 31.03 3.33
N TYR A 35 -14.68 30.79 2.40
CA TYR A 35 -14.35 30.67 0.99
C TYR A 35 -15.17 31.65 0.16
N GLN A 36 -14.56 32.16 -0.91
CA GLN A 36 -15.28 32.95 -1.90
C GLN A 36 -15.50 32.12 -3.15
N GLN A 37 -16.63 32.30 -3.82
CA GLN A 37 -16.89 31.60 -5.08
C GLN A 37 -17.67 32.43 -6.09
N LYS A 38 -17.10 32.56 -7.29
CA LYS A 38 -17.74 33.21 -8.43
C LYS A 38 -18.42 32.15 -9.29
N PRO A 39 -19.55 32.51 -9.93
CA PRO A 39 -20.33 31.56 -10.74
C PRO A 39 -19.46 30.79 -11.73
N GLY A 40 -19.52 29.47 -11.66
CA GLY A 40 -18.79 28.59 -12.58
C GLY A 40 -17.29 28.56 -12.36
N LYS A 41 -16.86 28.80 -11.13
CA LYS A 41 -15.44 28.82 -10.76
C LYS A 41 -15.19 27.99 -9.51
N ALA A 42 -13.93 27.68 -9.24
CA ALA A 42 -13.54 26.95 -8.04
C ALA A 42 -13.60 27.86 -6.81
N PRO A 43 -14.04 27.33 -5.66
CA PRO A 43 -14.01 28.11 -4.40
C PRO A 43 -12.59 28.52 -3.99
N LYS A 44 -12.42 29.77 -3.61
CA LYS A 44 -11.13 30.31 -3.20
C LYS A 44 -11.06 30.42 -1.68
N LEU A 45 -9.96 29.94 -1.08
CA LEU A 45 -9.77 30.05 0.36
C LEU A 45 -9.43 31.48 0.79
N LEU A 46 -10.15 32.01 1.77
CA LEU A 46 -9.92 33.36 2.26
C LEU A 46 -9.31 33.37 3.66
N ILE A 47 -10.06 32.82 4.61
CA ILE A 47 -9.69 32.86 6.02
C ILE A 47 -9.86 31.47 6.64
N TYR A 48 -8.91 31.08 7.48
CA TYR A 48 -8.96 29.80 8.19
C TYR A 48 -8.54 29.96 9.64
N LYS A 49 -8.75 28.92 10.45
CA LYS A 49 -8.56 29.00 11.90
C LYS A 49 -9.35 30.20 12.45
N ALA A 50 -10.55 30.40 11.89
CA ALA A 50 -11.46 31.49 12.26
C ALA A 50 -10.98 32.88 11.84
N SER A 51 -9.69 33.18 12.00
CA SER A 51 -9.21 34.54 11.85
C SER A 51 -7.88 34.72 11.09
N THR A 52 -7.27 33.62 10.66
CA THR A 52 -6.03 33.71 9.89
C THR A 52 -6.31 34.00 8.41
N LEU A 53 -5.74 35.09 7.92
CA LEU A 53 -5.89 35.49 6.52
C LEU A 53 -4.88 34.74 5.68
N LYS A 54 -5.36 34.01 4.67
CA LYS A 54 -4.47 33.33 3.71
C LYS A 54 -3.68 34.39 2.97
N THR A 55 -2.37 34.20 2.87
CA THR A 55 -1.50 35.19 2.21
C THR A 55 -1.92 35.37 0.75
N GLY A 56 -1.89 36.61 0.27
CA GLY A 56 -2.36 36.94 -1.07
C GLY A 56 -3.77 37.50 -1.06
N VAL A 57 -4.59 37.04 -0.11
CA VAL A 57 -5.94 37.56 0.07
C VAL A 57 -5.87 39.00 0.60
N PRO A 58 -6.60 39.93 -0.06
CA PRO A 58 -6.62 41.34 0.34
C PRO A 58 -7.02 41.52 1.79
N SER A 59 -6.41 42.50 2.46
CA SER A 59 -6.55 42.67 3.90
C SER A 59 -7.88 43.29 4.34
N ARG A 60 -8.75 43.61 3.39
CA ARG A 60 -10.08 44.12 3.72
C ARG A 60 -11.03 43.01 4.20
N PHE A 61 -10.61 41.76 4.01
CA PHE A 61 -11.27 40.60 4.59
C PHE A 61 -10.69 40.30 5.97
N SER A 62 -11.57 39.91 6.90
CA SER A 62 -11.16 39.48 8.23
C SER A 62 -12.25 38.60 8.82
N GLY A 63 -11.84 37.65 9.66
CA GLY A 63 -12.78 36.78 10.35
C GLY A 63 -12.53 36.83 11.84
N SER A 64 -13.54 36.47 12.62
CA SER A 64 -13.41 36.39 14.08
C SER A 64 -14.48 35.49 14.70
N GLY A 65 -14.15 34.90 15.84
CA GLY A 65 -15.09 34.05 16.56
C GLY A 65 -14.43 32.85 17.21
N SER A 66 -15.23 32.14 18.02
CA SER A 66 -14.82 30.93 18.72
C SER A 66 -16.05 30.28 19.31
N GLY A 67 -16.04 28.95 19.41
CA GLY A 67 -17.16 28.21 19.96
C GLY A 67 -18.25 27.96 18.94
N THR A 68 -19.35 28.71 19.03
CA THR A 68 -20.50 28.52 18.15
C THR A 68 -20.76 29.67 17.17
N GLU A 69 -20.30 30.87 17.49
CA GLU A 69 -20.54 32.05 16.64
C GLU A 69 -19.28 32.54 15.94
N PHE A 70 -19.38 32.73 14.63
CA PHE A 70 -18.28 33.20 13.79
C PHE A 70 -18.75 34.29 12.84
N THR A 71 -17.86 35.21 12.51
CA THR A 71 -18.23 36.35 11.68
C THR A 71 -17.15 36.73 10.67
N LEU A 72 -17.58 36.93 9.42
CA LEU A 72 -16.73 37.38 8.32
C LEU A 72 -17.03 38.85 8.01
N THR A 73 -15.98 39.65 7.81
CA THR A 73 -16.17 41.07 7.60
C THR A 73 -15.36 41.55 6.39
N ILE A 74 -16.04 42.21 5.47
CA ILE A 74 -15.40 42.87 4.34
C ILE A 74 -15.49 44.38 4.54
N SER A 75 -14.34 45.03 4.71
CA SER A 75 -14.29 46.46 5.03
C SER A 75 -14.07 47.33 3.80
N GLY A 76 -15.18 47.72 3.17
CA GLY A 76 -15.12 48.51 1.94
C GLY A 76 -15.22 47.62 0.71
N LEU A 77 -16.45 47.25 0.35
CA LEU A 77 -16.72 46.37 -0.78
C LEU A 77 -16.24 46.96 -2.08
N GLN A 78 -15.58 46.12 -2.88
CA GLN A 78 -15.25 46.46 -4.26
C GLN A 78 -16.11 45.60 -5.18
N PHE A 79 -16.24 46.01 -6.44
CA PHE A 79 -16.98 45.24 -7.44
C PHE A 79 -16.55 43.77 -7.50
N ASP A 80 -15.25 43.54 -7.30
CA ASP A 80 -14.68 42.19 -7.31
C ASP A 80 -15.26 41.29 -6.21
N ASP A 81 -15.77 41.90 -5.16
CA ASP A 81 -16.19 41.16 -3.95
C ASP A 81 -17.60 40.59 -4.01
N PHE A 82 -18.37 40.95 -5.03
CA PHE A 82 -19.72 40.40 -5.20
C PHE A 82 -19.69 38.97 -5.72
N ALA A 83 -19.97 38.03 -4.83
CA ALA A 83 -19.94 36.60 -5.13
C ALA A 83 -20.69 35.82 -4.04
N THR A 84 -20.41 34.52 -3.92
CA THR A 84 -20.95 33.73 -2.82
C THR A 84 -19.85 33.43 -1.80
N TYR A 85 -20.23 33.45 -0.54
CA TYR A 85 -19.30 33.18 0.54
C TYR A 85 -19.75 31.97 1.35
N HIS A 86 -18.84 31.01 1.52
CA HIS A 86 -19.15 29.75 2.16
C HIS A 86 -18.38 29.61 3.46
N CYS A 87 -19.06 29.29 4.56
CA CYS A 87 -18.35 28.90 5.77
C CYS A 87 -18.19 27.38 5.80
N GLN A 88 -17.21 26.92 6.58
CA GLN A 88 -16.87 25.50 6.64
C GLN A 88 -16.25 25.15 7.98
N HIS A 89 -16.73 24.07 8.58
CA HIS A 89 -16.06 23.46 9.73
C HIS A 89 -15.26 22.26 9.26
N TYR A 90 -14.01 22.19 9.68
CA TYR A 90 -13.12 21.08 9.29
C TYR A 90 -12.44 20.48 10.51
N ALA A 91 -12.50 19.16 10.62
CA ALA A 91 -11.90 18.42 11.72
C ALA A 91 -11.79 16.96 11.34
N GLY A 92 -10.71 16.31 11.78
CA GLY A 92 -10.45 14.91 11.43
C GLY A 92 -10.31 14.78 9.93
N TYR A 93 -11.13 13.92 9.34
CA TYR A 93 -11.11 13.73 7.89
C TYR A 93 -12.35 14.31 7.21
N SER A 94 -13.33 14.72 8.01
CA SER A 94 -14.58 15.31 7.50
C SER A 94 -14.53 16.82 7.38
N ALA A 95 -15.50 17.34 6.63
CA ALA A 95 -15.78 18.77 6.58
C ALA A 95 -17.28 18.96 6.40
N THR A 96 -17.79 20.09 6.85
CA THR A 96 -19.20 20.43 6.64
C THR A 96 -19.31 21.90 6.25
N PHE A 97 -20.34 22.25 5.48
CA PHE A 97 -20.49 23.61 4.93
C PHE A 97 -21.84 24.23 5.25
N GLY A 98 -21.88 25.56 5.28
CA GLY A 98 -23.13 26.29 5.45
C GLY A 98 -23.88 26.43 4.13
N GLN A 99 -25.08 27.00 4.20
CA GLN A 99 -25.93 27.23 3.03
C GLN A 99 -25.24 28.05 1.94
N GLY A 100 -24.37 28.97 2.36
CA GLY A 100 -23.74 29.95 1.45
C GLY A 100 -24.45 31.30 1.53
N THR A 101 -23.70 32.37 1.32
CA THR A 101 -24.27 33.72 1.29
C THR A 101 -23.93 34.43 0.00
N ARG A 102 -24.95 34.74 -0.79
CA ARG A 102 -24.76 35.47 -2.03
C ARG A 102 -24.77 36.98 -1.73
N VAL A 103 -23.71 37.66 -2.15
CA VAL A 103 -23.59 39.11 -1.98
C VAL A 103 -23.82 39.80 -3.32
N GLU A 104 -24.83 40.66 -3.36
CA GLU A 104 -25.28 41.29 -4.59
C GLU A 104 -25.32 42.81 -4.48
N ILE A 105 -25.39 43.48 -5.63
CA ILE A 105 -25.46 44.94 -5.69
C ILE A 105 -26.90 45.42 -5.42
N LYS A 106 -27.01 46.37 -4.50
CA LYS A 106 -28.30 46.91 -4.07
C LYS A 106 -28.87 47.87 -5.11
N ARG A 107 -30.16 47.71 -5.38
CA ARG A 107 -30.97 48.68 -6.12
C ARG A 107 -32.42 48.47 -5.71
N THR A 108 -33.31 49.33 -6.19
CA THR A 108 -34.74 49.24 -5.87
C THR A 108 -35.33 47.93 -6.38
N VAL A 109 -36.46 47.53 -5.80
CA VAL A 109 -37.20 46.37 -6.28
C VAL A 109 -37.72 46.63 -7.71
N ALA A 110 -37.60 45.62 -8.56
CA ALA A 110 -38.03 45.71 -9.95
C ALA A 110 -38.83 44.47 -10.31
N ALA A 111 -40.06 44.69 -10.78
CA ALA A 111 -40.91 43.60 -11.24
C ALA A 111 -40.43 43.08 -12.60
N PRO A 112 -40.60 41.77 -12.84
CA PRO A 112 -40.27 41.19 -14.14
C PRO A 112 -41.19 41.74 -15.22
N SER A 113 -40.68 41.82 -16.45
CA SER A 113 -41.51 42.09 -17.61
C SER A 113 -41.66 40.76 -18.33
N VAL A 114 -42.86 40.21 -18.30
CA VAL A 114 -43.08 38.85 -18.81
C VAL A 114 -43.49 38.85 -20.27
N PHE A 115 -42.81 38.01 -21.04
CA PHE A 115 -43.13 37.81 -22.45
C PHE A 115 -43.26 36.31 -22.70
N ILE A 116 -44.21 35.94 -23.56
CA ILE A 116 -44.39 34.53 -23.94
C ILE A 116 -44.24 34.36 -25.46
N PHE A 117 -43.51 33.33 -25.87
CA PHE A 117 -43.20 33.09 -27.28
C PHE A 117 -43.68 31.74 -27.75
N PRO A 118 -44.45 31.71 -28.87
CA PRO A 118 -44.87 30.44 -29.46
C PRO A 118 -43.74 29.83 -30.28
N PRO A 119 -43.68 28.49 -30.37
CA PRO A 119 -42.64 27.84 -31.16
C PRO A 119 -42.77 28.17 -32.65
N SER A 120 -41.64 28.34 -33.31
CA SER A 120 -41.61 28.67 -34.74
C SER A 120 -42.19 27.53 -35.57
N ASP A 121 -42.79 27.88 -36.69
CA ASP A 121 -43.40 26.90 -37.59
C ASP A 121 -42.36 25.95 -38.20
N GLU A 122 -41.12 26.42 -38.31
CA GLU A 122 -40.03 25.60 -38.82
C GLU A 122 -39.68 24.46 -37.85
N GLN A 123 -39.57 24.79 -36.56
CA GLN A 123 -39.24 23.81 -35.53
C GLN A 123 -40.40 22.82 -35.33
N LEU A 124 -41.62 23.33 -35.43
CA LEU A 124 -42.81 22.49 -35.33
C LEU A 124 -42.82 21.46 -36.46
N LYS A 125 -42.44 21.90 -37.66
CA LYS A 125 -42.36 21.04 -38.85
C LYS A 125 -41.33 19.92 -38.69
N SER A 126 -40.27 20.17 -37.94
CA SER A 126 -39.24 19.14 -37.70
C SER A 126 -39.59 18.21 -36.54
N GLY A 127 -40.65 18.53 -35.80
CA GLY A 127 -41.23 17.61 -34.83
C GLY A 127 -41.18 17.99 -33.36
N THR A 128 -40.66 19.18 -33.06
CA THR A 128 -40.44 19.60 -31.66
C THR A 128 -41.05 20.98 -31.37
N ALA A 129 -41.57 21.15 -30.16
CA ALA A 129 -42.19 22.40 -29.75
C ALA A 129 -41.49 23.01 -28.54
N SER A 130 -40.86 24.17 -28.72
CA SER A 130 -40.25 24.91 -27.63
C SER A 130 -41.00 26.20 -27.33
N VAL A 131 -41.60 26.26 -26.14
CA VAL A 131 -42.34 27.42 -25.70
C VAL A 131 -41.49 28.20 -24.71
N VAL A 132 -41.20 29.46 -25.03
CA VAL A 132 -40.28 30.25 -24.22
C VAL A 132 -41.00 31.34 -23.42
N CYS A 133 -40.72 31.39 -22.12
CA CYS A 133 -41.17 32.45 -21.24
C CYS A 133 -39.97 33.28 -20.77
N LEU A 134 -40.01 34.58 -21.05
CA LEU A 134 -38.95 35.51 -20.65
C LEU A 134 -39.39 36.38 -19.49
N LEU A 135 -38.56 36.46 -18.46
CA LEU A 135 -38.73 37.39 -17.35
C LEU A 135 -37.64 38.43 -17.43
N ASN A 136 -38.00 39.66 -17.81
CA ASN A 136 -37.00 40.68 -18.12
C ASN A 136 -36.78 41.74 -17.05
N ASN A 137 -35.50 41.94 -16.72
CA ASN A 137 -35.06 43.04 -15.85
C ASN A 137 -35.79 43.12 -14.51
N PHE A 138 -35.58 42.11 -13.68
CA PHE A 138 -36.19 42.09 -12.35
C PHE A 138 -35.14 42.08 -11.24
N TYR A 139 -35.59 42.41 -10.03
CA TYR A 139 -34.77 42.44 -8.83
C TYR A 139 -35.68 42.39 -7.60
N PRO A 140 -35.32 41.59 -6.57
CA PRO A 140 -34.16 40.71 -6.47
C PRO A 140 -34.27 39.43 -7.32
N ARG A 141 -33.34 38.50 -7.12
CA ARG A 141 -33.17 37.34 -8.00
C ARG A 141 -34.27 36.28 -7.87
N GLU A 142 -34.73 36.01 -6.64
CA GLU A 142 -35.72 34.95 -6.39
C GLU A 142 -37.07 35.17 -7.10
N ALA A 143 -37.29 34.38 -8.14
CA ALA A 143 -38.50 34.46 -8.97
C ALA A 143 -38.98 33.07 -9.33
N LYS A 144 -40.29 32.92 -9.53
CA LYS A 144 -40.88 31.61 -9.82
C LYS A 144 -41.66 31.61 -11.13
N VAL A 145 -41.35 30.65 -11.99
CA VAL A 145 -42.05 30.47 -13.26
C VAL A 145 -42.80 29.16 -13.22
N GLN A 146 -44.09 29.21 -13.51
CA GLN A 146 -44.94 28.02 -13.48
C GLN A 146 -45.63 27.83 -14.81
N TRP A 147 -45.51 26.63 -15.37
CA TRP A 147 -46.09 26.33 -16.67
C TRP A 147 -47.45 25.69 -16.53
N LYS A 148 -48.43 26.22 -17.26
CA LYS A 148 -49.79 25.69 -17.23
C LYS A 148 -50.28 25.42 -18.65
N VAL A 149 -50.66 24.18 -18.91
CA VAL A 149 -51.16 23.77 -20.22
C VAL A 149 -52.60 23.31 -20.06
N ASP A 150 -53.53 24.10 -20.62
CA ASP A 150 -54.97 23.95 -20.40
C ASP A 150 -55.32 23.94 -18.90
N ASN A 151 -54.69 24.85 -18.16
CA ASN A 151 -54.83 24.96 -16.69
C ASN A 151 -54.21 23.84 -15.86
N ALA A 152 -53.69 22.80 -16.51
CA ALA A 152 -52.95 21.75 -15.83
C ALA A 152 -51.51 22.22 -15.63
N LEU A 153 -51.04 22.19 -14.38
CA LEU A 153 -49.69 22.65 -14.06
C LEU A 153 -48.63 21.64 -14.46
N GLN A 154 -47.52 22.13 -15.00
CA GLN A 154 -46.49 21.26 -15.57
C GLN A 154 -45.37 20.95 -14.60
N SER A 155 -44.76 19.77 -14.81
CA SER A 155 -43.71 19.29 -13.94
C SER A 155 -42.65 18.55 -14.77
N GLY A 156 -41.39 18.98 -14.62
CA GLY A 156 -40.24 18.25 -15.16
C GLY A 156 -40.05 18.21 -16.67
N ASN A 157 -40.79 19.05 -17.39
CA ASN A 157 -40.62 19.18 -18.84
C ASN A 157 -40.14 20.58 -19.25
N SER A 158 -39.48 21.27 -18.33
CA SER A 158 -38.92 22.58 -18.63
C SER A 158 -37.58 22.79 -17.95
N GLN A 159 -36.80 23.71 -18.51
CA GLN A 159 -35.49 24.08 -17.98
C GLN A 159 -35.39 25.59 -18.02
N GLU A 160 -34.64 26.16 -17.09
CA GLU A 160 -34.46 27.62 -17.04
C GLU A 160 -33.02 28.10 -16.88
N SER A 161 -32.79 29.35 -17.26
CA SER A 161 -31.48 29.97 -17.20
C SER A 161 -31.61 31.40 -16.67
N VAL A 162 -30.64 31.80 -15.85
CA VAL A 162 -30.66 33.14 -15.22
C VAL A 162 -29.36 33.89 -15.48
N THR A 163 -29.47 35.17 -15.81
CA THR A 163 -28.30 36.02 -16.05
C THR A 163 -27.71 36.52 -14.74
N GLU A 164 -26.46 36.98 -14.80
CA GLU A 164 -25.82 37.66 -13.69
C GLU A 164 -26.28 39.11 -13.67
N GLN A 165 -26.14 39.78 -12.53
CA GLN A 165 -26.56 41.18 -12.40
C GLN A 165 -26.07 42.02 -13.57
N ASP A 166 -27.01 42.73 -14.19
CA ASP A 166 -26.71 43.58 -15.34
C ASP A 166 -25.77 44.71 -14.96
N SER A 167 -24.68 44.84 -15.72
CA SER A 167 -23.64 45.83 -15.44
C SER A 167 -24.13 47.27 -15.48
N LYS A 168 -25.32 47.50 -16.06
CA LYS A 168 -25.88 48.83 -16.21
C LYS A 168 -26.88 49.15 -15.10
N ASP A 169 -27.90 48.31 -14.96
CA ASP A 169 -29.01 48.58 -14.05
C ASP A 169 -29.18 47.54 -12.94
N SER A 170 -28.17 46.67 -12.80
CA SER A 170 -28.10 45.67 -11.73
C SER A 170 -29.32 44.73 -11.62
N THR A 171 -30.01 44.53 -12.73
CA THR A 171 -31.18 43.63 -12.76
C THR A 171 -30.81 42.24 -13.23
N TYR A 172 -31.69 41.28 -12.95
CA TYR A 172 -31.55 39.91 -13.44
C TYR A 172 -32.61 39.63 -14.49
N SER A 173 -32.32 38.67 -15.36
CA SER A 173 -33.31 38.18 -16.31
C SER A 173 -33.35 36.65 -16.29
N LEU A 174 -34.56 36.11 -16.42
CA LEU A 174 -34.75 34.66 -16.44
C LEU A 174 -35.33 34.25 -17.79
N SER A 175 -35.00 33.04 -18.22
CA SER A 175 -35.60 32.48 -19.43
C SER A 175 -36.00 31.03 -19.21
N SER A 176 -37.28 30.74 -19.41
CA SER A 176 -37.82 29.39 -19.22
C SER A 176 -38.28 28.76 -20.54
N THR A 177 -37.94 27.50 -20.74
CA THR A 177 -38.18 26.80 -22.00
C THR A 177 -38.96 25.51 -21.78
N LEU A 178 -40.25 25.54 -22.07
CA LEU A 178 -41.10 24.35 -22.04
C LEU A 178 -40.95 23.56 -23.34
N THR A 179 -40.49 22.32 -23.23
CA THR A 179 -40.22 21.50 -24.40
C THR A 179 -41.21 20.33 -24.52
N LEU A 180 -41.90 20.27 -25.66
CA LEU A 180 -42.88 19.23 -25.93
C LEU A 180 -42.70 18.64 -27.32
N SER A 181 -43.18 17.42 -27.52
CA SER A 181 -43.18 16.79 -28.83
C SER A 181 -44.34 17.34 -29.65
N LYS A 182 -44.17 17.37 -30.97
CA LYS A 182 -45.15 17.91 -31.91
C LYS A 182 -46.58 17.43 -31.60
N ALA A 183 -46.74 16.11 -31.46
CA ALA A 183 -48.04 15.50 -31.20
C ALA A 183 -48.67 15.97 -29.90
N ASP A 184 -47.88 16.01 -28.83
CA ASP A 184 -48.39 16.41 -27.51
C ASP A 184 -48.71 17.90 -27.43
N TYR A 185 -48.08 18.68 -28.30
CA TYR A 185 -48.37 20.10 -28.44
C TYR A 185 -49.70 20.32 -29.16
N GLU A 186 -50.06 19.37 -30.03
CA GLU A 186 -51.33 19.43 -30.77
C GLU A 186 -52.53 19.13 -29.89
N LYS A 187 -52.28 18.51 -28.74
CA LYS A 187 -53.33 18.05 -27.84
C LYS A 187 -53.99 19.17 -27.02
N HIS A 188 -53.36 20.35 -26.98
CA HIS A 188 -53.83 21.44 -26.11
C HIS A 188 -53.92 22.80 -26.78
N LYS A 189 -54.80 23.65 -26.24
CA LYS A 189 -55.11 24.94 -26.85
C LYS A 189 -54.30 26.09 -26.23
N VAL A 190 -54.55 26.37 -24.96
CA VAL A 190 -53.96 27.52 -24.26
C VAL A 190 -52.67 27.17 -23.53
N TYR A 191 -51.60 27.89 -23.86
CA TYR A 191 -50.28 27.71 -23.24
C TYR A 191 -49.90 28.93 -22.42
N ALA A 192 -49.85 28.75 -21.10
CA ALA A 192 -49.66 29.88 -20.17
C ALA A 192 -48.36 29.83 -19.39
N CYS A 193 -47.92 31.01 -18.95
CA CYS A 193 -46.75 31.17 -18.09
C CYS A 193 -47.15 31.98 -16.86
N GLU A 194 -47.04 31.38 -15.68
CA GLU A 194 -47.38 32.07 -14.42
C GLU A 194 -46.13 32.47 -13.63
N VAL A 195 -46.03 33.76 -13.31
CA VAL A 195 -44.84 34.30 -12.67
C VAL A 195 -45.14 34.89 -11.29
N THR A 196 -44.47 34.37 -10.27
CA THR A 196 -44.53 34.96 -8.93
C THR A 196 -43.20 35.66 -8.61
N HIS A 197 -43.30 36.87 -8.09
CA HIS A 197 -42.12 37.64 -7.68
C HIS A 197 -42.49 38.65 -6.59
N GLN A 198 -41.49 39.14 -5.86
CA GLN A 198 -41.69 40.04 -4.73
C GLN A 198 -42.29 41.39 -5.13
N GLY A 199 -41.88 41.90 -6.29
CA GLY A 199 -42.35 43.18 -6.80
C GLY A 199 -43.75 43.12 -7.39
N LEU A 200 -44.25 41.90 -7.54
CA LEU A 200 -45.63 41.65 -7.97
C LEU A 200 -46.48 41.36 -6.74
N SER A 201 -47.45 42.24 -6.47
CA SER A 201 -48.34 42.07 -5.31
C SER A 201 -49.17 40.79 -5.41
N SER A 202 -49.38 40.34 -6.66
CA SER A 202 -50.01 39.05 -6.97
C SER A 202 -49.41 38.55 -8.30
N PRO A 203 -49.50 37.23 -8.56
CA PRO A 203 -48.87 36.67 -9.77
C PRO A 203 -49.37 37.23 -11.11
N VAL A 204 -48.51 37.17 -12.13
CA VAL A 204 -48.84 37.62 -13.49
C VAL A 204 -48.83 36.41 -14.45
N THR A 205 -49.93 36.25 -15.18
CA THR A 205 -50.04 35.18 -16.17
C THR A 205 -49.97 35.79 -17.58
N LYS A 206 -49.20 35.14 -18.45
CA LYS A 206 -49.17 35.48 -19.88
C LYS A 206 -49.42 34.22 -20.68
N SER A 207 -50.19 34.34 -21.77
CA SER A 207 -50.56 33.17 -22.57
C SER A 207 -50.84 33.49 -24.04
N PHE A 208 -50.87 32.42 -24.85
CA PHE A 208 -51.32 32.48 -26.23
C PHE A 208 -52.10 31.20 -26.57
N ASN A 209 -52.88 31.26 -27.65
CA ASN A 209 -53.54 30.07 -28.20
C ASN A 209 -52.85 29.59 -29.46
N ARG A 210 -52.84 28.27 -29.67
CA ARG A 210 -52.23 27.66 -30.85
C ARG A 210 -52.88 28.17 -32.13
N GLY A 211 -52.27 29.17 -32.76
CA GLY A 211 -52.80 29.78 -33.98
C GLY A 211 -53.98 30.69 -33.72
N GLU B 1 1.84 27.07 -10.42
CA GLU B 1 1.69 26.58 -9.02
C GLU B 1 0.70 25.43 -8.88
N VAL B 2 0.18 25.22 -7.67
CA VAL B 2 -0.65 24.07 -7.33
C VAL B 2 -1.96 24.03 -8.13
N GLN B 3 -2.21 22.90 -8.78
CA GLN B 3 -3.40 22.74 -9.61
C GLN B 3 -4.02 21.34 -9.53
N LEU B 4 -5.34 21.31 -9.70
CA LEU B 4 -6.09 20.06 -9.81
C LEU B 4 -6.99 20.13 -11.02
N VAL B 5 -7.34 18.97 -11.58
CA VAL B 5 -8.20 18.92 -12.77
C VAL B 5 -9.06 17.64 -12.77
N GLU B 6 -10.37 17.85 -12.84
CA GLU B 6 -11.33 16.74 -12.80
C GLU B 6 -11.78 16.36 -14.20
N SER B 7 -12.12 15.08 -14.37
CA SER B 7 -12.78 14.61 -15.58
C SER B 7 -13.68 13.42 -15.26
N GLY B 8 -14.55 13.08 -16.21
CA GLY B 8 -15.50 11.99 -16.02
C GLY B 8 -16.95 12.42 -16.07
N GLY B 9 -17.21 13.70 -15.81
CA GLY B 9 -18.58 14.23 -15.74
C GLY B 9 -19.43 14.05 -16.99
N GLY B 10 -20.75 14.12 -16.80
CA GLY B 10 -21.72 14.00 -17.89
C GLY B 10 -23.15 13.74 -17.45
N LEU B 11 -23.94 13.17 -18.36
CA LEU B 11 -25.33 12.79 -18.10
C LEU B 11 -25.47 11.33 -17.73
N VAL B 12 -26.25 11.08 -16.69
CA VAL B 12 -26.61 9.72 -16.30
C VAL B 12 -28.08 9.66 -15.97
N LYS B 13 -28.68 8.52 -16.31
CA LYS B 13 -30.04 8.24 -15.92
C LYS B 13 -30.04 7.64 -14.53
N ALA B 14 -31.08 7.95 -13.76
CA ALA B 14 -31.22 7.45 -12.39
C ALA B 14 -30.97 5.95 -12.29
N GLY B 15 -30.25 5.55 -11.24
CA GLY B 15 -29.88 4.15 -11.04
C GLY B 15 -28.58 3.79 -11.73
N GLY B 16 -28.12 4.66 -12.62
CA GLY B 16 -26.91 4.43 -13.39
C GLY B 16 -25.65 4.67 -12.59
N SER B 17 -24.50 4.53 -13.25
CA SER B 17 -23.20 4.73 -12.62
C SER B 17 -22.33 5.70 -13.39
N LEU B 18 -21.51 6.45 -12.66
CA LEU B 18 -20.47 7.28 -13.28
C LEU B 18 -19.22 7.24 -12.41
N ILE B 19 -18.05 7.14 -13.07
CA ILE B 19 -16.76 7.19 -12.37
C ILE B 19 -16.08 8.53 -12.65
N LEU B 20 -15.64 9.21 -11.58
CA LEU B 20 -14.88 10.46 -11.71
C LEU B 20 -13.41 10.26 -11.34
N SER B 21 -12.53 11.07 -11.93
CA SER B 21 -11.12 11.03 -11.59
C SER B 21 -10.54 12.43 -11.52
N CYS B 22 -9.50 12.58 -10.72
CA CYS B 22 -8.90 13.88 -10.45
C CYS B 22 -7.38 13.77 -10.50
N GLY B 23 -6.76 14.49 -11.44
CA GLY B 23 -5.30 14.56 -11.56
C GLY B 23 -4.77 15.87 -11.03
N VAL B 24 -3.47 15.93 -10.74
CA VAL B 24 -2.87 17.15 -10.16
C VAL B 24 -1.61 17.64 -10.88
N SER B 25 -1.24 18.89 -10.59
CA SER B 25 -0.02 19.50 -11.11
C SER B 25 0.74 20.22 -10.00
N ASN B 26 2.06 20.05 -9.98
CA ASN B 26 2.97 20.81 -9.11
C ASN B 26 2.88 20.53 -7.60
N PHE B 27 2.34 19.38 -7.23
CA PHE B 27 2.45 18.85 -5.87
C PHE B 27 2.18 17.35 -5.87
N ARG B 28 2.55 16.66 -4.79
CA ARG B 28 2.33 15.22 -4.69
C ARG B 28 1.21 14.94 -3.70
N ILE B 29 0.23 14.16 -4.12
CA ILE B 29 -0.96 13.90 -3.27
C ILE B 29 -0.67 13.06 -2.02
N SER B 30 0.35 12.22 -2.08
CA SER B 30 0.70 11.32 -0.97
C SER B 30 0.84 12.04 0.37
N ALA B 31 1.01 13.35 0.31
CA ALA B 31 1.18 14.18 1.50
C ALA B 31 -0.14 14.75 2.02
N HIS B 32 -1.25 14.45 1.33
CA HIS B 32 -2.53 15.09 1.64
C HIS B 32 -3.73 14.14 1.73
N THR B 33 -4.66 14.45 2.63
CA THR B 33 -5.98 13.86 2.61
C THR B 33 -6.72 14.51 1.45
N MET B 34 -7.25 13.69 0.54
CA MET B 34 -7.96 14.22 -0.62
C MET B 34 -9.46 14.18 -0.40
N ASN B 35 -10.15 15.15 -0.97
CA ASN B 35 -11.57 15.30 -0.75
C ASN B 35 -12.36 15.49 -2.04
N TRP B 36 -13.60 15.01 -2.02
CA TRP B 36 -14.57 15.34 -3.04
C TRP B 36 -15.63 16.25 -2.41
N VAL B 37 -15.93 17.37 -3.09
CA VAL B 37 -16.96 18.32 -2.69
C VAL B 37 -17.80 18.61 -3.93
N ARG B 38 -19.11 18.83 -3.73
CA ARG B 38 -20.00 19.12 -4.86
C ARG B 38 -20.83 20.40 -4.63
N ARG B 39 -21.07 21.16 -5.69
CA ARG B 39 -21.96 22.32 -5.58
C ARG B 39 -23.34 22.01 -6.16
N VAL B 40 -24.36 22.09 -5.32
CA VAL B 40 -25.73 21.85 -5.75
C VAL B 40 -26.31 23.08 -6.48
N PRO B 41 -27.28 22.85 -7.40
CA PRO B 41 -27.95 23.96 -8.08
C PRO B 41 -28.51 25.01 -7.10
N GLY B 42 -28.81 24.57 -5.87
CA GLY B 42 -29.24 25.48 -4.80
C GLY B 42 -28.24 26.59 -4.52
N GLY B 43 -26.96 26.30 -4.72
CA GLY B 43 -25.91 27.31 -4.55
C GLY B 43 -24.80 26.90 -3.60
N GLY B 44 -25.15 26.11 -2.58
CA GLY B 44 -24.22 25.74 -1.52
C GLY B 44 -23.41 24.48 -1.78
N LEU B 45 -22.48 24.21 -0.89
CA LEU B 45 -21.55 23.09 -1.06
C LEU B 45 -21.87 21.95 -0.09
N GLU B 46 -21.71 20.72 -0.58
CA GLU B 46 -21.79 19.53 0.26
C GLU B 46 -20.44 18.82 0.22
N TRP B 47 -19.91 18.49 1.39
CA TRP B 47 -18.76 17.60 1.45
C TRP B 47 -19.22 16.19 1.10
N VAL B 48 -18.53 15.55 0.16
CA VAL B 48 -18.96 14.25 -0.34
C VAL B 48 -18.19 13.10 0.29
N ALA B 49 -16.87 13.11 0.13
CA ALA B 49 -16.03 11.99 0.56
C ALA B 49 -14.57 12.39 0.73
N SER B 50 -13.87 11.66 1.60
CA SER B 50 -12.45 11.88 1.79
C SER B 50 -11.69 10.57 1.89
N ILE B 51 -10.42 10.61 1.52
CA ILE B 51 -9.53 9.47 1.62
C ILE B 51 -8.20 9.91 2.23
N SER B 52 -7.81 9.25 3.31
CA SER B 52 -6.62 9.62 4.08
C SER B 52 -5.34 9.17 3.39
N THR B 53 -4.22 9.78 3.79
CA THR B 53 -2.92 9.46 3.24
C THR B 53 -2.65 7.97 3.34
N SER B 54 -2.08 7.40 2.28
CA SER B 54 -1.91 5.95 2.09
C SER B 54 -3.14 5.09 2.43
N SER B 55 -4.33 5.64 2.19
CA SER B 55 -5.61 4.90 2.17
C SER B 55 -6.10 4.33 3.52
N THR B 56 -5.47 4.72 4.63
CA THR B 56 -5.82 4.20 5.96
C THR B 56 -7.33 4.31 6.28
N TYR B 57 -7.94 5.43 5.93
CA TYR B 57 -9.36 5.65 6.19
C TYR B 57 -10.04 6.37 5.03
N ARG B 58 -11.24 5.89 4.70
CA ARG B 58 -12.10 6.52 3.71
C ARG B 58 -13.40 6.91 4.40
N ASP B 59 -13.85 8.13 4.14
CA ASP B 59 -15.01 8.68 4.82
C ASP B 59 -16.02 9.25 3.83
N TYR B 60 -17.30 9.02 4.12
CA TYR B 60 -18.37 9.44 3.22
C TYR B 60 -19.48 10.21 3.95
N ALA B 61 -20.13 11.11 3.22
CA ALA B 61 -21.32 11.79 3.68
C ALA B 61 -22.48 10.80 3.78
N ASP B 62 -23.38 11.01 4.73
CA ASP B 62 -24.50 10.11 4.94
C ASP B 62 -25.34 9.87 3.69
N ALA B 63 -25.53 10.92 2.89
CA ALA B 63 -26.31 10.83 1.64
C ALA B 63 -25.70 9.93 0.56
N VAL B 64 -24.39 9.72 0.59
CA VAL B 64 -23.73 8.91 -0.43
C VAL B 64 -23.10 7.60 0.07
N LYS B 65 -23.16 7.38 1.39
CA LYS B 65 -22.58 6.17 2.00
C LYS B 65 -23.31 4.93 1.51
N GLY B 66 -22.54 3.94 1.06
CA GLY B 66 -23.11 2.73 0.46
C GLY B 66 -23.23 2.75 -1.06
N ARG B 67 -23.06 3.92 -1.68
CA ARG B 67 -23.24 4.07 -3.12
C ARG B 67 -22.00 4.60 -3.83
N PHE B 68 -21.18 5.33 -3.07
CA PHE B 68 -19.96 5.96 -3.60
C PHE B 68 -18.71 5.26 -3.05
N THR B 69 -17.63 5.31 -3.82
CA THR B 69 -16.35 4.76 -3.38
C THR B 69 -15.20 5.65 -3.84
N VAL B 70 -14.36 6.02 -2.89
CA VAL B 70 -13.22 6.90 -3.19
C VAL B 70 -11.94 6.08 -3.17
N SER B 71 -11.10 6.28 -4.19
CA SER B 71 -9.81 5.60 -4.28
C SER B 71 -8.70 6.61 -4.56
N ARG B 72 -7.46 6.21 -4.29
CA ARG B 72 -6.31 7.05 -4.56
C ARG B 72 -5.16 6.29 -5.19
N ASP B 73 -4.42 6.98 -6.03
CA ASP B 73 -3.26 6.41 -6.71
C ASP B 73 -2.08 7.32 -6.42
N ASP B 74 -1.29 6.96 -5.41
CA ASP B 74 -0.21 7.81 -4.95
C ASP B 74 0.98 7.89 -5.91
N LEU B 75 1.23 6.80 -6.64
CA LEU B 75 2.37 6.74 -7.57
C LEU B 75 2.21 7.59 -8.82
N GLU B 76 0.98 7.70 -9.30
CA GLU B 76 0.68 8.46 -10.52
C GLU B 76 -0.14 9.72 -10.22
N ASP B 77 -0.42 9.94 -8.93
CA ASP B 77 -1.14 11.13 -8.47
C ASP B 77 -2.54 11.27 -9.06
N PHE B 78 -3.38 10.28 -8.77
CA PHE B 78 -4.81 10.33 -9.14
C PHE B 78 -5.72 10.00 -7.96
N VAL B 79 -6.88 10.67 -7.96
CA VAL B 79 -7.97 10.32 -7.04
C VAL B 79 -9.17 9.95 -7.88
N TYR B 80 -9.91 8.94 -7.44
CA TYR B 80 -11.12 8.49 -8.14
C TYR B 80 -12.36 8.64 -7.25
N LEU B 81 -13.51 8.79 -7.89
CA LEU B 81 -14.79 8.70 -7.19
C LEU B 81 -15.79 7.86 -7.99
N GLN B 82 -16.14 6.70 -7.45
CA GLN B 82 -17.16 5.82 -8.03
C GLN B 82 -18.53 6.24 -7.54
N MET B 83 -19.46 6.44 -8.45
CA MET B 83 -20.84 6.77 -8.07
C MET B 83 -21.80 5.74 -8.65
N HIS B 84 -22.57 5.12 -7.77
CA HIS B 84 -23.51 4.07 -8.15
C HIS B 84 -24.93 4.39 -7.69
N LYS B 85 -25.91 3.62 -8.16
CA LYS B 85 -27.33 3.83 -7.82
C LYS B 85 -27.63 5.33 -7.69
N MET B 86 -27.33 6.08 -8.76
CA MET B 86 -27.36 7.53 -8.73
C MET B 86 -28.78 8.09 -8.70
N ARG B 87 -28.96 9.11 -7.88
CA ARG B 87 -30.25 9.73 -7.67
C ARG B 87 -30.25 11.10 -8.32
N VAL B 88 -31.43 11.71 -8.44
CA VAL B 88 -31.57 13.03 -9.02
C VAL B 88 -30.84 14.09 -8.19
N GLU B 89 -30.85 13.91 -6.87
CA GLU B 89 -30.24 14.88 -5.96
C GLU B 89 -28.70 14.83 -5.94
N ASP B 90 -28.12 13.91 -6.70
CA ASP B 90 -26.66 13.85 -6.87
C ASP B 90 -26.19 14.76 -8.00
N THR B 91 -27.14 15.42 -8.67
CA THR B 91 -26.86 16.42 -9.72
C THR B 91 -26.15 17.65 -9.14
N ALA B 92 -24.91 17.87 -9.57
CA ALA B 92 -24.07 18.94 -9.03
C ALA B 92 -22.79 19.13 -9.86
N ILE B 93 -22.09 20.23 -9.61
CA ILE B 93 -20.71 20.38 -10.08
C ILE B 93 -19.82 19.66 -9.06
N TYR B 94 -18.90 18.83 -9.52
CA TYR B 94 -18.02 18.07 -8.62
C TYR B 94 -16.59 18.59 -8.61
N TYR B 95 -16.12 18.91 -7.42
CA TYR B 95 -14.75 19.37 -7.20
C TYR B 95 -13.99 18.33 -6.38
N CYS B 96 -12.72 18.12 -6.71
CA CYS B 96 -11.80 17.46 -5.79
C CYS B 96 -10.99 18.58 -5.16
N ALA B 97 -10.59 18.39 -3.91
CA ALA B 97 -9.86 19.40 -3.17
C ALA B 97 -8.91 18.74 -2.20
N ARG B 98 -7.77 19.40 -1.95
CA ARG B 98 -6.81 18.86 -1.01
C ARG B 98 -6.90 19.56 0.33
N LYS B 99 -6.64 18.80 1.39
CA LYS B 99 -6.53 19.33 2.73
C LYS B 99 -5.07 19.75 2.90
N GLY B 100 -4.85 21.04 3.11
CA GLY B 100 -3.50 21.59 3.24
C GLY B 100 -3.51 23.10 3.43
N SER B 101 -2.31 23.70 3.38
CA SER B 101 -2.13 25.17 3.43
C SER B 101 -0.66 25.57 3.27
N ASP B 102 -0.39 26.87 3.41
CA ASP B 102 0.96 27.43 3.32
C ASP B 102 1.91 26.68 4.25
N ARG B 103 1.58 26.65 5.55
CA ARG B 103 2.28 25.84 6.55
C ARG B 103 1.42 24.66 6.97
N LEU B 104 1.71 23.47 6.43
CA LEU B 104 0.99 22.25 6.77
C LEU B 104 0.98 21.96 8.26
N SER B 105 -0.22 21.74 8.81
CA SER B 105 -0.39 21.45 10.22
C SER B 105 -1.34 20.26 10.40
N ASP B 106 -1.72 19.99 11.65
CA ASP B 106 -2.55 18.82 11.99
C ASP B 106 -3.99 18.91 11.47
N ASN B 107 -4.59 20.09 11.51
CA ASN B 107 -5.94 20.29 10.97
C ASN B 107 -6.00 21.44 9.97
N ASP B 108 -5.89 21.11 8.69
CA ASP B 108 -5.85 22.10 7.63
C ASP B 108 -7.18 22.25 6.90
N PRO B 109 -7.44 23.43 6.34
CA PRO B 109 -8.59 23.62 5.46
C PRO B 109 -8.34 23.05 4.05
N PHE B 110 -9.28 23.26 3.14
CA PHE B 110 -9.09 22.91 1.74
C PHE B 110 -8.56 24.11 0.99
N ASP B 111 -7.25 24.13 0.75
CA ASP B 111 -6.58 25.30 0.19
C ASP B 111 -6.51 25.27 -1.33
N ALA B 112 -6.71 24.11 -1.93
CA ALA B 112 -6.62 24.00 -3.38
C ALA B 112 -7.76 23.17 -3.95
N TRP B 113 -8.32 23.66 -5.04
CA TRP B 113 -9.51 23.08 -5.65
C TRP B 113 -9.36 22.97 -7.16
N GLY B 114 -9.89 21.90 -7.73
CA GLY B 114 -10.04 21.78 -9.18
C GLY B 114 -11.18 22.67 -9.64
N PRO B 115 -11.27 22.94 -10.97
CA PRO B 115 -12.30 23.85 -11.49
C PRO B 115 -13.73 23.27 -11.43
N GLY B 116 -13.84 21.94 -11.31
CA GLY B 116 -15.14 21.30 -11.24
C GLY B 116 -15.54 20.58 -12.51
N THR B 117 -16.28 19.49 -12.33
CA THR B 117 -16.85 18.74 -13.44
C THR B 117 -18.36 18.58 -13.21
N VAL B 118 -19.14 18.90 -14.24
CA VAL B 118 -20.60 18.87 -14.15
C VAL B 118 -21.13 17.43 -14.24
N VAL B 119 -21.97 17.09 -13.26
CA VAL B 119 -22.63 15.79 -13.23
C VAL B 119 -24.13 16.04 -13.09
N THR B 120 -24.90 15.51 -14.03
CA THR B 120 -26.34 15.67 -14.00
C THR B 120 -27.05 14.34 -14.21
N VAL B 121 -28.06 14.11 -13.38
CA VAL B 121 -28.79 12.86 -13.35
C VAL B 121 -30.23 13.14 -13.75
N SER B 122 -30.72 12.46 -14.79
CA SER B 122 -32.08 12.67 -15.28
C SER B 122 -33.08 11.82 -14.47
N PRO B 123 -34.28 12.37 -14.21
CA PRO B 123 -35.29 11.66 -13.42
C PRO B 123 -35.73 10.36 -14.09
N ALA B 124 -35.91 10.41 -15.42
CA ALA B 124 -36.35 9.26 -16.19
C ALA B 124 -35.26 8.20 -16.28
N SER B 125 -35.45 7.12 -15.50
CA SER B 125 -34.54 5.98 -15.51
C SER B 125 -34.99 4.97 -16.56
N THR B 126 -36.18 5.19 -17.09
CA THR B 126 -36.81 4.27 -18.02
C THR B 126 -37.64 5.02 -19.07
N LYS B 127 -37.63 4.51 -20.29
CA LYS B 127 -38.44 5.06 -21.37
C LYS B 127 -39.12 3.97 -22.18
N GLY B 128 -40.44 4.06 -22.28
CA GLY B 128 -41.23 3.14 -23.09
C GLY B 128 -41.00 3.35 -24.58
N PRO B 129 -41.13 2.27 -25.38
CA PRO B 129 -40.86 2.31 -26.82
C PRO B 129 -42.04 2.80 -27.69
N SER B 130 -41.70 3.23 -28.91
CA SER B 130 -42.68 3.60 -29.93
C SER B 130 -42.71 2.52 -31.02
N VAL B 131 -43.91 2.13 -31.45
CA VAL B 131 -44.05 1.04 -32.41
C VAL B 131 -44.63 1.49 -33.76
N PHE B 132 -43.82 1.37 -34.80
CA PHE B 132 -44.24 1.73 -36.15
C PHE B 132 -44.26 0.49 -37.04
N PRO B 133 -45.28 0.34 -37.89
CA PRO B 133 -45.39 -0.85 -38.73
C PRO B 133 -44.51 -0.80 -39.97
N LEU B 134 -44.03 -1.97 -40.39
CA LEU B 134 -43.33 -2.13 -41.66
C LEU B 134 -44.27 -2.82 -42.63
N ALA B 135 -45.07 -2.01 -43.32
CA ALA B 135 -46.13 -2.48 -44.20
C ALA B 135 -45.60 -3.23 -45.43
N PRO B 136 -46.19 -4.40 -45.73
CA PRO B 136 -45.77 -5.23 -46.87
C PRO B 136 -46.11 -4.58 -48.22
N SER B 137 -45.23 -4.76 -49.19
CA SER B 137 -45.44 -4.24 -50.54
C SER B 137 -46.43 -5.15 -51.29
N SER B 138 -47.63 -4.64 -51.53
CA SER B 138 -48.74 -5.44 -52.08
C SER B 138 -48.57 -5.80 -53.56
N LYS B 139 -47.67 -5.12 -54.25
CA LYS B 139 -47.40 -5.39 -55.67
C LYS B 139 -45.89 -5.41 -55.92
N SER B 140 -45.28 -6.59 -55.77
CA SER B 140 -43.85 -6.76 -55.96
C SER B 140 -43.47 -8.15 -56.51
N THR B 141 -43.18 -9.10 -55.60
CA THR B 141 -42.70 -10.43 -55.98
C THR B 141 -43.83 -11.46 -56.15
N SER B 142 -44.87 -11.05 -56.88
CA SER B 142 -46.04 -11.88 -57.23
C SER B 142 -46.78 -12.46 -56.00
N GLY B 143 -47.64 -13.45 -56.25
CA GLY B 143 -48.39 -14.13 -55.19
C GLY B 143 -47.65 -15.33 -54.62
N GLY B 144 -46.48 -15.06 -54.01
CA GLY B 144 -45.64 -16.11 -53.43
C GLY B 144 -45.38 -15.87 -51.95
N THR B 145 -44.35 -15.09 -51.65
CA THR B 145 -43.99 -14.77 -50.27
C THR B 145 -43.89 -13.25 -50.07
N ALA B 146 -44.54 -12.78 -49.02
CA ALA B 146 -44.48 -11.38 -48.64
C ALA B 146 -43.86 -11.25 -47.25
N ALA B 147 -43.25 -10.10 -46.99
CA ALA B 147 -42.66 -9.83 -45.68
C ALA B 147 -43.27 -8.58 -45.03
N LEU B 148 -43.49 -8.65 -43.73
CA LEU B 148 -44.01 -7.55 -42.94
C LEU B 148 -43.44 -7.58 -41.52
N GLY B 149 -43.60 -6.49 -40.78
CA GLY B 149 -43.08 -6.44 -39.42
C GLY B 149 -43.42 -5.21 -38.60
N CYS B 150 -42.78 -5.12 -37.44
CA CYS B 150 -42.87 -3.97 -36.55
C CYS B 150 -41.49 -3.35 -36.34
N LEU B 151 -41.46 -2.03 -36.18
CA LEU B 151 -40.25 -1.33 -35.81
C LEU B 151 -40.40 -0.75 -34.41
N VAL B 152 -39.56 -1.23 -33.49
CA VAL B 152 -39.57 -0.80 -32.10
C VAL B 152 -38.47 0.25 -31.89
N LYS B 153 -38.89 1.51 -31.70
CA LYS B 153 -37.95 2.64 -31.61
C LYS B 153 -37.90 3.34 -30.26
N ASP B 154 -36.69 3.75 -29.88
CA ASP B 154 -36.41 4.64 -28.75
C ASP B 154 -36.92 4.13 -27.39
N TYR B 155 -36.30 3.06 -26.91
CA TYR B 155 -36.63 2.49 -25.60
C TYR B 155 -35.37 2.31 -24.75
N PHE B 156 -35.54 2.47 -23.43
CA PHE B 156 -34.43 2.35 -22.49
C PHE B 156 -34.91 1.81 -21.15
N PRO B 157 -34.21 0.81 -20.59
CA PRO B 157 -33.11 0.08 -21.19
C PRO B 157 -33.61 -1.20 -21.86
N GLU B 158 -32.79 -2.24 -21.87
CA GLU B 158 -33.16 -3.52 -22.45
C GLU B 158 -33.69 -4.48 -21.38
N PRO B 159 -34.39 -5.56 -21.79
CA PRO B 159 -34.75 -5.94 -23.16
C PRO B 159 -36.20 -5.63 -23.54
N VAL B 160 -36.56 -5.98 -24.78
CA VAL B 160 -37.95 -5.92 -25.26
C VAL B 160 -38.35 -7.30 -25.80
N THR B 161 -39.58 -7.71 -25.48
CA THR B 161 -40.13 -8.99 -25.94
C THR B 161 -41.13 -8.74 -27.06
N VAL B 162 -40.93 -9.42 -28.19
CA VAL B 162 -41.89 -9.36 -29.30
C VAL B 162 -42.40 -10.75 -29.66
N SER B 163 -43.72 -10.86 -29.83
CA SER B 163 -44.36 -12.08 -30.30
C SER B 163 -45.46 -11.69 -31.26
N TRP B 164 -45.82 -12.60 -32.16
CA TRP B 164 -46.82 -12.31 -33.18
C TRP B 164 -48.11 -13.08 -32.97
N ASN B 165 -49.24 -12.38 -33.19
CA ASN B 165 -50.57 -12.93 -32.98
C ASN B 165 -50.76 -13.60 -31.61
N SER B 166 -50.37 -12.88 -30.56
CA SER B 166 -50.40 -13.36 -29.17
C SER B 166 -49.67 -14.70 -28.96
N GLY B 167 -48.59 -14.90 -29.74
CA GLY B 167 -47.76 -16.09 -29.63
C GLY B 167 -48.19 -17.28 -30.48
N ALA B 168 -49.26 -17.10 -31.26
CA ALA B 168 -49.77 -18.16 -32.12
C ALA B 168 -48.93 -18.34 -33.38
N LEU B 169 -48.45 -17.22 -33.93
CA LEU B 169 -47.59 -17.24 -35.12
C LEU B 169 -46.12 -17.27 -34.71
N THR B 170 -45.51 -18.44 -34.83
CA THR B 170 -44.10 -18.63 -34.42
C THR B 170 -43.17 -18.96 -35.58
N SER B 171 -43.72 -19.56 -36.63
CA SER B 171 -42.95 -20.00 -37.78
C SER B 171 -42.66 -18.86 -38.75
N GLY B 172 -41.39 -18.68 -39.09
CA GLY B 172 -40.97 -17.69 -40.07
C GLY B 172 -40.57 -16.35 -39.50
N VAL B 173 -40.67 -16.23 -38.17
CA VAL B 173 -40.39 -14.99 -37.46
C VAL B 173 -38.90 -14.81 -37.14
N HIS B 174 -38.42 -13.58 -37.28
CA HIS B 174 -37.09 -13.19 -36.84
C HIS B 174 -37.16 -11.87 -36.03
N THR B 175 -36.82 -11.93 -34.75
CA THR B 175 -36.67 -10.72 -33.95
C THR B 175 -35.17 -10.39 -33.91
N PHE B 176 -34.82 -9.17 -34.32
CA PHE B 176 -33.42 -8.78 -34.45
C PHE B 176 -32.81 -8.26 -33.15
N PRO B 177 -31.49 -8.50 -32.96
CA PRO B 177 -30.74 -7.91 -31.85
C PRO B 177 -30.90 -6.40 -31.82
N ALA B 178 -31.03 -5.84 -30.62
CA ALA B 178 -31.24 -4.41 -30.47
C ALA B 178 -30.01 -3.64 -30.94
N VAL B 179 -30.23 -2.41 -31.39
CA VAL B 179 -29.15 -1.55 -31.84
C VAL B 179 -29.16 -0.23 -31.05
N LEU B 180 -27.97 0.17 -30.56
CA LEU B 180 -27.82 1.39 -29.79
C LEU B 180 -27.58 2.59 -30.71
N GLN B 181 -28.55 3.51 -30.71
CA GLN B 181 -28.48 4.72 -31.53
C GLN B 181 -27.70 5.79 -30.77
N SER B 182 -27.20 6.79 -31.50
CA SER B 182 -26.43 7.89 -30.90
C SER B 182 -27.26 8.77 -29.95
N SER B 183 -28.57 8.55 -29.96
CA SER B 183 -29.48 9.21 -29.03
C SER B 183 -29.40 8.59 -27.63
N GLY B 184 -28.74 7.45 -27.53
CA GLY B 184 -28.61 6.73 -26.27
C GLY B 184 -29.73 5.75 -26.01
N LEU B 185 -30.71 5.70 -26.92
CA LEU B 185 -31.81 4.74 -26.83
C LEU B 185 -31.63 3.54 -27.78
N TYR B 186 -32.26 2.43 -27.45
CA TYR B 186 -32.16 1.23 -28.26
C TYR B 186 -33.27 1.18 -29.31
N SER B 187 -33.07 0.33 -30.31
CA SER B 187 -33.99 0.17 -31.41
C SER B 187 -33.80 -1.19 -32.07
N LEU B 188 -34.88 -1.96 -32.15
CA LEU B 188 -34.87 -3.21 -32.91
C LEU B 188 -36.10 -3.33 -33.81
N SER B 189 -36.04 -4.24 -34.79
CA SER B 189 -37.20 -4.55 -35.61
C SER B 189 -37.48 -6.04 -35.59
N SER B 190 -38.75 -6.40 -35.73
CA SER B 190 -39.19 -7.79 -35.72
C SER B 190 -39.99 -8.07 -36.98
N VAL B 191 -39.52 -9.03 -37.77
CA VAL B 191 -40.15 -9.34 -39.05
C VAL B 191 -40.77 -10.74 -39.11
N VAL B 192 -41.56 -10.98 -40.15
CA VAL B 192 -42.12 -12.30 -40.45
C VAL B 192 -42.46 -12.40 -41.95
N THR B 193 -42.17 -13.57 -42.53
CA THR B 193 -42.55 -13.84 -43.91
C THR B 193 -43.79 -14.73 -43.95
N VAL B 194 -44.75 -14.35 -44.79
CA VAL B 194 -46.02 -15.07 -44.91
C VAL B 194 -46.45 -15.19 -46.37
N PRO B 195 -47.30 -16.19 -46.69
CA PRO B 195 -47.87 -16.31 -48.04
C PRO B 195 -48.62 -15.05 -48.45
N SER B 196 -48.39 -14.60 -49.69
CA SER B 196 -48.99 -13.37 -50.21
C SER B 196 -50.51 -13.43 -50.25
N SER B 197 -51.05 -14.63 -50.47
CA SER B 197 -52.48 -14.85 -50.57
C SER B 197 -53.23 -14.62 -49.25
N SER B 198 -52.50 -14.73 -48.13
CA SER B 198 -53.10 -14.57 -46.81
C SER B 198 -53.26 -13.10 -46.38
N LEU B 199 -52.59 -12.19 -47.11
CA LEU B 199 -52.60 -10.75 -46.80
C LEU B 199 -54.00 -10.12 -46.80
N GLY B 200 -54.87 -10.58 -47.70
CA GLY B 200 -56.20 -10.01 -47.87
C GLY B 200 -57.28 -10.60 -46.99
N THR B 201 -56.88 -11.34 -45.95
CA THR B 201 -57.81 -11.93 -44.98
C THR B 201 -57.19 -12.04 -43.58
N GLN B 202 -56.00 -12.63 -43.49
CA GLN B 202 -55.32 -12.85 -42.22
C GLN B 202 -54.69 -11.54 -41.72
N THR B 203 -55.12 -11.09 -40.55
CA THR B 203 -54.57 -9.87 -39.94
C THR B 203 -53.38 -10.22 -39.04
N TYR B 204 -52.36 -9.36 -39.06
CA TYR B 204 -51.13 -9.60 -38.32
C TYR B 204 -50.86 -8.54 -37.28
N ILE B 205 -50.76 -8.96 -36.02
CA ILE B 205 -50.43 -8.06 -34.90
C ILE B 205 -49.17 -8.53 -34.18
N CYS B 206 -48.31 -7.59 -33.81
CA CYS B 206 -47.14 -7.90 -32.99
C CYS B 206 -47.32 -7.40 -31.56
N ASN B 207 -46.89 -8.22 -30.60
CA ASN B 207 -47.07 -7.92 -29.17
C ASN B 207 -45.76 -7.46 -28.53
N VAL B 208 -45.63 -6.14 -28.41
CA VAL B 208 -44.41 -5.52 -27.90
C VAL B 208 -44.51 -5.32 -26.39
N ASN B 209 -43.66 -6.04 -25.66
CA ASN B 209 -43.60 -5.95 -24.20
C ASN B 209 -42.25 -5.41 -23.74
N HIS B 210 -42.29 -4.38 -22.89
CA HIS B 210 -41.09 -3.77 -22.34
C HIS B 210 -41.20 -3.71 -20.82
N LYS B 211 -40.69 -4.75 -20.16
CA LYS B 211 -40.85 -4.90 -18.70
C LYS B 211 -40.34 -3.74 -17.84
N PRO B 212 -39.17 -3.14 -18.17
CA PRO B 212 -38.65 -1.98 -17.41
C PRO B 212 -39.64 -0.82 -17.22
N SER B 213 -40.33 -0.44 -18.29
CA SER B 213 -41.26 0.70 -18.25
C SER B 213 -42.72 0.28 -18.09
N ASN B 214 -42.95 -1.03 -18.00
CA ASN B 214 -44.30 -1.61 -17.91
C ASN B 214 -45.17 -1.18 -19.11
N THR B 215 -44.60 -1.33 -20.31
CA THR B 215 -45.25 -0.90 -21.54
C THR B 215 -45.64 -2.11 -22.39
N LYS B 216 -46.92 -2.17 -22.78
CA LYS B 216 -47.41 -3.22 -23.68
C LYS B 216 -48.18 -2.60 -24.84
N VAL B 217 -47.62 -2.74 -26.05
CA VAL B 217 -48.22 -2.17 -27.27
C VAL B 217 -48.49 -3.25 -28.31
N ASP B 218 -49.73 -3.26 -28.82
CA ASP B 218 -50.12 -4.12 -29.94
C ASP B 218 -50.25 -3.26 -31.20
N LYS B 219 -49.82 -3.80 -32.34
CA LYS B 219 -49.81 -3.03 -33.57
C LYS B 219 -50.34 -3.81 -34.77
N LYS B 220 -51.39 -3.27 -35.39
CA LYS B 220 -51.96 -3.83 -36.61
C LYS B 220 -51.03 -3.50 -37.79
N VAL B 221 -50.60 -4.53 -38.51
CA VAL B 221 -49.76 -4.34 -39.71
C VAL B 221 -50.53 -4.78 -40.95
N GLU B 222 -50.83 -3.82 -41.83
CA GLU B 222 -51.61 -4.09 -43.05
C GLU B 222 -51.07 -3.28 -44.24
N PRO B 223 -51.30 -3.78 -45.48
CA PRO B 223 -50.78 -3.10 -46.68
C PRO B 223 -51.43 -1.73 -46.92
N LYS B 224 -50.66 -0.83 -47.52
CA LYS B 224 -51.13 0.54 -47.80
C LYS B 224 -52.04 0.60 -49.02
N ALA C 1 -15.80 12.76 10.84
CA ALA C 1 -15.77 11.37 11.38
C ALA C 1 -14.36 10.85 11.57
N CYS C 2 -14.22 9.84 12.42
CA CYS C 2 -12.95 9.16 12.65
C CYS C 2 -13.06 7.68 12.29
N PRO C 3 -11.92 7.00 12.11
CA PRO C 3 -11.93 5.54 11.98
C PRO C 3 -12.50 4.86 13.22
N PRO C 4 -12.81 3.55 13.14
CA PRO C 4 -13.22 2.81 14.33
C PRO C 4 -12.11 2.79 15.38
N SER C 5 -12.50 2.77 16.66
CA SER C 5 -11.55 2.82 17.79
C SER C 5 -10.72 4.11 17.78
N HIS C 6 -11.37 5.20 17.38
CA HIS C 6 -10.79 6.55 17.42
C HIS C 6 -11.91 7.54 17.72
N VAL C 7 -11.56 8.63 18.38
CA VAL C 7 -12.52 9.73 18.61
C VAL C 7 -11.94 11.09 18.21
N LEU C 8 -12.83 12.00 17.84
CA LEU C 8 -12.45 13.34 17.42
C LEU C 8 -12.17 14.25 18.61
N ASP C 9 -10.94 14.75 18.69
CA ASP C 9 -10.55 15.70 19.74
C ASP C 9 -10.68 17.15 19.25
N MET C 10 -11.84 17.76 19.53
CA MET C 10 -12.16 19.11 19.06
C MET C 10 -11.07 20.15 19.26
N ARG C 11 -10.43 20.13 20.43
CA ARG C 11 -9.39 21.09 20.79
C ARG C 11 -8.21 21.07 19.81
N SER C 12 -7.83 19.88 19.36
CA SER C 12 -6.74 19.71 18.40
C SER C 12 -7.26 19.51 16.97
N GLY C 13 -8.49 19.01 16.87
CA GLY C 13 -9.11 18.76 15.58
C GLY C 13 -8.69 17.46 14.90
N THR C 14 -7.90 16.65 15.61
CA THR C 14 -7.40 15.39 15.07
C THR C 14 -8.10 14.21 15.75
N CYS C 15 -8.06 13.04 15.08
CA CYS C 15 -8.53 11.80 15.66
C CYS C 15 -7.60 11.32 16.76
N LEU C 16 -8.15 10.59 17.72
CA LEU C 16 -7.43 10.18 18.91
C LEU C 16 -7.85 8.76 19.30
N ALA C 17 -6.85 7.92 19.57
CA ALA C 17 -7.08 6.50 19.87
C ALA C 17 -7.67 6.26 21.28
N ALA C 18 -8.98 6.01 21.33
CA ALA C 18 -9.67 5.72 22.59
C ALA C 18 -10.30 4.33 22.56
N VAL D 1 5.69 -8.87 -31.19
CA VAL D 1 5.05 -10.21 -31.45
C VAL D 1 3.64 -10.07 -32.03
N VAL D 2 3.47 -10.61 -33.24
CA VAL D 2 2.19 -10.60 -33.94
C VAL D 2 1.62 -12.02 -34.05
N MET D 3 0.33 -12.16 -33.77
CA MET D 3 -0.35 -13.46 -33.86
C MET D 3 -1.26 -13.50 -35.06
N THR D 4 -1.25 -14.63 -35.75
CA THR D 4 -2.08 -14.82 -36.93
C THR D 4 -2.88 -16.10 -36.80
N GLN D 5 -4.20 -15.95 -36.65
CA GLN D 5 -5.12 -17.07 -36.51
C GLN D 5 -5.75 -17.41 -37.87
N SER D 6 -6.11 -18.68 -38.04
CA SER D 6 -6.64 -19.17 -39.30
C SER D 6 -7.49 -20.43 -39.07
N PRO D 7 -8.66 -20.52 -39.74
CA PRO D 7 -9.24 -19.52 -40.65
C PRO D 7 -10.13 -18.52 -39.90
N SER D 8 -10.63 -17.52 -40.60
CA SER D 8 -11.55 -16.54 -40.01
C SER D 8 -12.88 -17.19 -39.70
N THR D 9 -13.41 -17.94 -40.66
CA THR D 9 -14.65 -18.69 -40.50
C THR D 9 -14.39 -20.17 -40.75
N LEU D 10 -14.79 -21.00 -39.79
CA LEU D 10 -14.71 -22.44 -39.93
C LEU D 10 -16.14 -23.00 -39.97
N SER D 11 -16.49 -23.59 -41.11
CA SER D 11 -17.82 -24.14 -41.32
C SER D 11 -17.80 -25.65 -41.11
N ALA D 12 -18.59 -26.14 -40.16
CA ALA D 12 -18.55 -27.55 -39.79
C ALA D 12 -19.89 -28.15 -39.38
N SER D 13 -19.88 -29.44 -39.05
CA SER D 13 -21.07 -30.18 -38.65
C SER D 13 -20.89 -30.81 -37.28
N VAL D 14 -22.01 -31.09 -36.62
CA VAL D 14 -21.99 -31.76 -35.32
C VAL D 14 -21.29 -33.12 -35.43
N GLY D 15 -20.37 -33.39 -34.52
CA GLY D 15 -19.62 -34.65 -34.51
C GLY D 15 -18.24 -34.57 -35.16
N ASP D 16 -18.05 -33.58 -36.04
CA ASP D 16 -16.78 -33.36 -36.71
C ASP D 16 -15.63 -33.11 -35.74
N THR D 17 -14.44 -33.45 -36.18
CA THR D 17 -13.22 -33.09 -35.47
C THR D 17 -12.46 -32.03 -36.28
N ILE D 18 -12.46 -30.81 -35.76
CA ILE D 18 -11.95 -29.62 -36.46
C ILE D 18 -10.69 -29.07 -35.82
N THR D 19 -9.91 -28.31 -36.59
CA THR D 19 -8.68 -27.71 -36.08
C THR D 19 -8.50 -26.25 -36.48
N ILE D 20 -8.16 -25.42 -35.49
CA ILE D 20 -7.81 -24.02 -35.71
C ILE D 20 -6.29 -23.89 -35.50
N THR D 21 -5.64 -23.13 -36.38
CA THR D 21 -4.20 -22.87 -36.19
C THR D 21 -3.93 -21.40 -35.88
N CYS D 22 -2.77 -21.16 -35.28
CA CYS D 22 -2.35 -19.84 -34.83
C CYS D 22 -0.83 -19.80 -34.98
N ARG D 23 -0.33 -18.84 -35.76
CA ARG D 23 1.09 -18.74 -36.07
C ARG D 23 1.72 -17.43 -35.55
N ALA D 24 2.70 -17.58 -34.66
CA ALA D 24 3.40 -16.44 -34.07
C ALA D 24 4.51 -15.93 -34.99
N SER D 25 4.69 -14.61 -35.02
CA SER D 25 5.68 -13.97 -35.88
C SER D 25 7.12 -14.35 -35.51
N GLN D 26 7.33 -14.61 -34.22
CA GLN D 26 8.62 -15.04 -33.69
C GLN D 26 8.43 -16.13 -32.63
N SER D 27 9.52 -16.81 -32.27
CA SER D 27 9.48 -17.89 -31.30
C SER D 27 8.85 -17.42 -29.98
N ILE D 28 8.01 -18.28 -29.42
CA ILE D 28 7.11 -17.90 -28.33
C ILE D 28 7.13 -18.96 -27.23
N GLU D 29 8.05 -19.92 -27.38
CA GLU D 29 8.13 -21.11 -26.53
C GLU D 29 6.79 -21.86 -26.57
N THR D 30 6.13 -22.00 -25.43
CA THR D 30 4.82 -22.62 -25.38
C THR D 30 3.83 -21.68 -24.72
N TRP D 31 4.15 -20.38 -24.69
CA TRP D 31 3.32 -19.40 -24.00
C TRP D 31 2.14 -18.97 -24.86
N LEU D 32 1.07 -19.76 -24.81
CA LEU D 32 -0.13 -19.52 -25.61
C LEU D 32 -1.36 -20.10 -24.93
N ALA D 33 -2.47 -19.36 -24.98
CA ALA D 33 -3.75 -19.85 -24.50
C ALA D 33 -4.80 -19.81 -25.60
N TRP D 34 -5.83 -20.64 -25.44
CA TRP D 34 -7.00 -20.60 -26.30
C TRP D 34 -8.25 -20.26 -25.50
N TYR D 35 -9.12 -19.44 -26.09
CA TYR D 35 -10.34 -18.97 -25.44
C TYR D 35 -11.57 -19.18 -26.30
N GLN D 36 -12.68 -19.52 -25.66
CA GLN D 36 -13.98 -19.61 -26.33
C GLN D 36 -14.88 -18.46 -25.88
N GLN D 37 -15.57 -17.86 -26.84
CA GLN D 37 -16.47 -16.75 -26.55
C GLN D 37 -17.79 -16.87 -27.30
N LYS D 38 -18.88 -16.90 -26.54
CA LYS D 38 -20.23 -16.89 -27.09
C LYS D 38 -20.71 -15.44 -27.14
N PRO D 39 -21.33 -15.04 -28.28
CA PRO D 39 -21.80 -13.65 -28.48
C PRO D 39 -22.49 -13.04 -27.26
N GLY D 40 -21.99 -11.88 -26.83
CA GLY D 40 -22.55 -11.15 -25.69
C GLY D 40 -22.11 -11.64 -24.33
N LYS D 41 -21.13 -12.55 -24.30
CA LYS D 41 -20.62 -13.11 -23.06
C LYS D 41 -19.12 -12.85 -22.93
N ALA D 42 -18.54 -13.27 -21.80
CA ALA D 42 -17.09 -13.15 -21.58
C ALA D 42 -16.32 -14.31 -22.20
N PRO D 43 -15.06 -14.09 -22.62
CA PRO D 43 -14.25 -15.20 -23.08
C PRO D 43 -14.01 -16.20 -21.94
N LYS D 44 -14.10 -17.49 -22.25
CA LYS D 44 -13.78 -18.53 -21.28
C LYS D 44 -12.41 -19.11 -21.61
N LEU D 45 -11.62 -19.36 -20.57
CA LEU D 45 -10.32 -20.00 -20.78
C LEU D 45 -10.53 -21.48 -21.03
N LEU D 46 -9.83 -22.00 -22.04
CA LEU D 46 -9.93 -23.41 -22.41
C LEU D 46 -8.64 -24.15 -22.12
N ILE D 47 -7.55 -23.68 -22.75
CA ILE D 47 -6.27 -24.36 -22.72
C ILE D 47 -5.19 -23.30 -22.59
N TYR D 48 -4.23 -23.55 -21.70
CA TYR D 48 -3.10 -22.63 -21.52
C TYR D 48 -1.74 -23.34 -21.55
N LYS D 49 -0.67 -22.56 -21.58
CA LYS D 49 0.68 -23.07 -21.84
C LYS D 49 0.70 -24.07 -23.00
N ALA D 50 0.05 -23.69 -24.10
CA ALA D 50 -0.04 -24.47 -25.34
C ALA D 50 -0.94 -25.70 -25.28
N SER D 51 -0.83 -26.48 -24.20
CA SER D 51 -1.49 -27.80 -24.14
C SER D 51 -2.09 -28.20 -22.78
N THR D 52 -2.05 -27.29 -21.81
CA THR D 52 -2.65 -27.60 -20.50
C THR D 52 -4.16 -27.27 -20.48
N LEU D 53 -4.96 -28.33 -20.43
CA LEU D 53 -6.41 -28.21 -20.39
C LEU D 53 -6.85 -27.75 -19.00
N LYS D 54 -7.45 -26.56 -18.94
CA LYS D 54 -7.98 -26.00 -17.69
C LYS D 54 -9.01 -26.94 -17.08
N THR D 55 -9.00 -27.07 -15.75
CA THR D 55 -9.93 -27.99 -15.08
C THR D 55 -11.37 -27.54 -15.29
N GLY D 56 -12.26 -28.51 -15.45
CA GLY D 56 -13.67 -28.25 -15.74
C GLY D 56 -13.97 -28.30 -17.23
N VAL D 57 -13.03 -27.81 -18.03
CA VAL D 57 -13.14 -27.83 -19.50
C VAL D 57 -13.18 -29.28 -20.01
N PRO D 58 -14.16 -29.60 -20.87
CA PRO D 58 -14.30 -30.93 -21.50
C PRO D 58 -13.03 -31.42 -22.21
N SER D 59 -12.78 -32.72 -22.13
CA SER D 59 -11.54 -33.33 -22.63
C SER D 59 -11.46 -33.39 -24.16
N ARG D 60 -12.59 -33.18 -24.84
CA ARG D 60 -12.62 -33.17 -26.31
C ARG D 60 -11.86 -31.97 -26.90
N PHE D 61 -11.53 -31.00 -26.04
CA PHE D 61 -10.63 -29.90 -26.39
C PHE D 61 -9.19 -30.32 -26.13
N SER D 62 -8.29 -29.92 -27.03
CA SER D 62 -6.86 -30.16 -26.87
C SER D 62 -6.04 -29.25 -27.78
N GLY D 63 -4.90 -28.80 -27.27
CA GLY D 63 -4.02 -27.94 -28.03
C GLY D 63 -2.65 -28.55 -28.12
N SER D 64 -1.87 -28.10 -29.10
CA SER D 64 -0.47 -28.53 -29.24
C SER D 64 0.36 -27.45 -29.92
N GLY D 65 1.65 -27.72 -30.05
CA GLY D 65 2.57 -26.81 -30.72
C GLY D 65 3.61 -26.22 -29.80
N SER D 66 4.62 -25.61 -30.40
CA SER D 66 5.72 -24.95 -29.71
C SER D 66 6.52 -24.15 -30.72
N GLY D 67 6.99 -22.96 -30.30
CA GLY D 67 7.80 -22.13 -31.16
C GLY D 67 7.01 -21.07 -31.90
N THR D 68 6.63 -21.39 -33.14
CA THR D 68 5.89 -20.45 -33.97
C THR D 68 4.50 -20.95 -34.41
N GLU D 69 4.21 -22.23 -34.16
CA GLU D 69 2.97 -22.81 -34.66
C GLU D 69 2.19 -23.60 -33.62
N PHE D 70 0.93 -23.23 -33.45
CA PHE D 70 0.06 -23.83 -32.44
C PHE D 70 -1.28 -24.19 -33.05
N THR D 71 -1.91 -25.24 -32.53
CA THR D 71 -3.16 -25.74 -33.09
C THR D 71 -4.15 -26.15 -32.01
N LEU D 72 -5.40 -25.70 -32.14
CA LEU D 72 -6.49 -26.13 -31.28
C LEU D 72 -7.30 -27.19 -32.00
N THR D 73 -7.68 -28.24 -31.27
CA THR D 73 -8.43 -29.36 -31.85
C THR D 73 -9.67 -29.64 -31.02
N ILE D 74 -10.83 -29.70 -31.68
CA ILE D 74 -12.06 -30.10 -31.02
C ILE D 74 -12.54 -31.45 -31.57
N SER D 75 -12.41 -32.51 -30.78
CA SER D 75 -12.76 -33.87 -31.20
C SER D 75 -14.20 -34.26 -30.90
N GLY D 76 -15.08 -34.03 -31.88
CA GLY D 76 -16.49 -34.36 -31.75
C GLY D 76 -17.33 -33.17 -31.31
N LEU D 77 -17.46 -32.19 -32.21
CA LEU D 77 -18.22 -30.97 -31.96
C LEU D 77 -19.61 -31.21 -31.37
N GLN D 78 -19.97 -30.40 -30.40
CA GLN D 78 -21.32 -30.37 -29.85
C GLN D 78 -21.98 -29.06 -30.29
N PHE D 79 -23.31 -29.00 -30.26
CA PHE D 79 -24.04 -27.76 -30.55
C PHE D 79 -23.53 -26.58 -29.73
N ASP D 80 -23.25 -26.83 -28.45
CA ASP D 80 -22.67 -25.82 -27.55
C ASP D 80 -21.32 -25.26 -28.04
N ASP D 81 -20.60 -26.00 -28.89
CA ASP D 81 -19.25 -25.63 -29.29
C ASP D 81 -19.18 -24.64 -30.45
N PHE D 82 -20.34 -24.23 -30.99
CA PHE D 82 -20.37 -23.21 -32.04
C PHE D 82 -20.28 -21.81 -31.45
N ALA D 83 -19.11 -21.18 -31.64
CA ALA D 83 -18.81 -19.88 -31.08
C ALA D 83 -17.54 -19.38 -31.72
N THR D 84 -16.96 -18.32 -31.15
CA THR D 84 -15.69 -17.78 -31.62
C THR D 84 -14.57 -18.24 -30.71
N TYR D 85 -13.46 -18.61 -31.32
CA TYR D 85 -12.26 -19.01 -30.59
C TYR D 85 -11.10 -18.04 -30.85
N HIS D 86 -10.38 -17.69 -29.78
CA HIS D 86 -9.28 -16.74 -29.82
C HIS D 86 -7.96 -17.36 -29.34
N CYS D 87 -6.86 -17.10 -30.04
CA CYS D 87 -5.55 -17.46 -29.52
C CYS D 87 -4.86 -16.25 -28.90
N GLN D 88 -4.20 -16.47 -27.77
CA GLN D 88 -3.51 -15.40 -27.04
C GLN D 88 -2.07 -15.78 -26.70
N HIS D 89 -1.15 -14.84 -26.90
CA HIS D 89 0.22 -14.96 -26.40
C HIS D 89 0.40 -14.07 -25.17
N TYR D 90 0.96 -14.64 -24.11
CA TYR D 90 1.11 -13.92 -22.84
C TYR D 90 2.52 -14.07 -22.30
N ALA D 91 3.16 -12.93 -22.06
CA ALA D 91 4.54 -12.87 -21.60
C ALA D 91 4.78 -11.49 -21.00
N GLY D 92 5.55 -11.44 -19.92
CA GLY D 92 5.83 -10.19 -19.23
C GLY D 92 4.60 -9.64 -18.56
N TYR D 93 4.24 -8.40 -18.89
CA TYR D 93 3.04 -7.77 -18.34
C TYR D 93 2.00 -7.48 -19.41
N SER D 94 2.35 -7.77 -20.66
CA SER D 94 1.42 -7.56 -21.77
C SER D 94 0.89 -8.88 -22.33
N ALA D 95 0.05 -8.77 -23.35
CA ALA D 95 -0.50 -9.90 -24.10
C ALA D 95 -0.88 -9.46 -25.50
N THR D 96 -1.10 -10.41 -26.39
CA THR D 96 -1.52 -10.11 -27.76
C THR D 96 -2.36 -11.25 -28.34
N PHE D 97 -3.48 -10.89 -28.94
CA PHE D 97 -4.46 -11.85 -29.42
C PHE D 97 -4.41 -12.07 -30.93
N GLY D 98 -5.07 -13.14 -31.38
CA GLY D 98 -5.27 -13.40 -32.79
C GLY D 98 -6.59 -12.79 -33.22
N GLN D 99 -6.85 -12.84 -34.53
CA GLN D 99 -8.03 -12.21 -35.13
C GLN D 99 -9.33 -12.86 -34.69
N GLY D 100 -9.26 -14.16 -34.41
CA GLY D 100 -10.42 -14.94 -33.98
C GLY D 100 -10.95 -15.85 -35.06
N THR D 101 -11.47 -17.00 -34.66
CA THR D 101 -12.15 -17.91 -35.57
C THR D 101 -13.59 -18.12 -35.14
N ARG D 102 -14.53 -17.86 -36.05
CA ARG D 102 -15.94 -18.14 -35.79
C ARG D 102 -16.31 -19.50 -36.37
N VAL D 103 -16.88 -20.35 -35.53
CA VAL D 103 -17.29 -21.68 -35.95
C VAL D 103 -18.81 -21.74 -36.13
N GLU D 104 -19.24 -22.15 -37.33
CA GLU D 104 -20.65 -22.15 -37.70
C GLU D 104 -21.08 -23.50 -38.29
N ILE D 105 -22.38 -23.79 -38.17
CA ILE D 105 -22.97 -25.01 -38.71
C ILE D 105 -23.03 -24.90 -40.24
N LYS D 106 -22.46 -25.89 -40.93
CA LYS D 106 -22.43 -25.88 -42.38
C LYS D 106 -23.75 -26.33 -43.00
N ARG D 107 -24.20 -25.55 -43.99
CA ARG D 107 -25.31 -25.91 -44.87
C ARG D 107 -25.02 -25.37 -46.27
N THR D 108 -25.94 -25.59 -47.20
CA THR D 108 -25.75 -25.17 -48.59
C THR D 108 -25.83 -23.65 -48.72
N VAL D 109 -25.16 -23.10 -49.75
CA VAL D 109 -25.21 -21.67 -50.03
C VAL D 109 -26.65 -21.28 -50.36
N ALA D 110 -27.13 -20.21 -49.73
CA ALA D 110 -28.51 -19.76 -49.93
C ALA D 110 -28.58 -18.25 -50.08
N ALA D 111 -29.11 -17.80 -51.20
CA ALA D 111 -29.24 -16.38 -51.51
C ALA D 111 -30.35 -15.73 -50.68
N PRO D 112 -30.12 -14.49 -50.22
CA PRO D 112 -31.13 -13.81 -49.40
C PRO D 112 -32.37 -13.41 -50.19
N SER D 113 -33.52 -13.43 -49.53
CA SER D 113 -34.71 -12.75 -50.01
C SER D 113 -34.62 -11.31 -49.52
N VAL D 114 -34.77 -10.35 -50.44
CA VAL D 114 -34.58 -8.94 -50.10
C VAL D 114 -35.89 -8.18 -50.13
N PHE D 115 -36.13 -7.40 -49.07
CA PHE D 115 -37.34 -6.58 -48.95
C PHE D 115 -36.98 -5.16 -48.49
N ILE D 116 -37.60 -4.16 -49.11
CA ILE D 116 -37.42 -2.76 -48.70
C ILE D 116 -38.74 -2.17 -48.20
N PHE D 117 -38.69 -1.50 -47.06
CA PHE D 117 -39.90 -0.90 -46.47
C PHE D 117 -39.83 0.62 -46.42
N PRO D 118 -40.91 1.30 -46.84
CA PRO D 118 -41.00 2.74 -46.65
C PRO D 118 -41.27 3.09 -45.18
N PRO D 119 -40.86 4.30 -44.73
CA PRO D 119 -41.25 4.76 -43.40
C PRO D 119 -42.76 5.01 -43.29
N SER D 120 -43.34 4.68 -42.15
CA SER D 120 -44.77 4.85 -41.91
C SER D 120 -45.14 6.34 -41.81
N ASP D 121 -46.38 6.66 -42.16
CA ASP D 121 -46.86 8.05 -42.10
C ASP D 121 -46.82 8.62 -40.69
N GLU D 122 -47.07 7.76 -39.70
CA GLU D 122 -47.08 8.14 -38.29
C GLU D 122 -45.72 8.65 -37.81
N GLN D 123 -44.67 7.90 -38.16
CA GLN D 123 -43.30 8.24 -37.79
C GLN D 123 -42.81 9.47 -38.56
N LEU D 124 -43.22 9.57 -39.82
CA LEU D 124 -42.87 10.69 -40.68
C LEU D 124 -43.44 11.99 -40.10
N LYS D 125 -44.69 11.92 -39.64
CA LYS D 125 -45.39 13.05 -39.03
C LYS D 125 -44.70 13.52 -37.74
N SER D 126 -44.02 12.61 -37.06
CA SER D 126 -43.30 12.95 -35.82
C SER D 126 -41.92 13.57 -36.09
N GLY D 127 -41.43 13.42 -37.32
CA GLY D 127 -40.19 14.09 -37.74
C GLY D 127 -39.00 13.22 -38.12
N THR D 128 -39.16 11.90 -38.06
CA THR D 128 -38.08 10.96 -38.36
C THR D 128 -38.47 9.97 -39.46
N ALA D 129 -37.58 9.76 -40.42
CA ALA D 129 -37.81 8.80 -41.50
C ALA D 129 -36.89 7.60 -41.33
N SER D 130 -37.48 6.42 -41.13
CA SER D 130 -36.72 5.17 -41.03
C SER D 130 -37.01 4.25 -42.21
N VAL D 131 -35.97 4.00 -43.01
CA VAL D 131 -36.08 3.10 -44.15
C VAL D 131 -35.36 1.78 -43.84
N VAL D 132 -36.10 0.68 -43.89
CA VAL D 132 -35.61 -0.62 -43.49
C VAL D 132 -35.42 -1.56 -44.67
N CYS D 133 -34.23 -2.16 -44.76
CA CYS D 133 -33.93 -3.19 -45.74
C CYS D 133 -33.73 -4.53 -45.03
N LEU D 134 -34.51 -5.53 -45.45
CA LEU D 134 -34.45 -6.87 -44.85
C LEU D 134 -33.81 -7.89 -45.78
N LEU D 135 -32.76 -8.55 -45.28
CA LEU D 135 -32.15 -9.68 -45.96
C LEU D 135 -32.57 -10.96 -45.25
N ASN D 136 -33.36 -11.79 -45.93
CA ASN D 136 -33.98 -12.94 -45.29
C ASN D 136 -33.43 -14.31 -45.66
N ASN D 137 -33.02 -15.07 -44.63
CA ASN D 137 -32.59 -16.48 -44.74
C ASN D 137 -31.49 -16.75 -45.76
N PHE D 138 -30.27 -16.32 -45.43
CA PHE D 138 -29.13 -16.47 -46.32
C PHE D 138 -27.94 -17.16 -45.64
N TYR D 139 -27.10 -17.77 -46.48
CA TYR D 139 -25.87 -18.42 -46.04
C TYR D 139 -24.85 -18.39 -47.17
N PRO D 140 -23.56 -18.09 -46.87
CA PRO D 140 -22.95 -17.78 -45.58
C PRO D 140 -23.27 -16.37 -45.08
N ARG D 141 -22.66 -15.99 -43.95
CA ARG D 141 -22.98 -14.74 -43.24
C ARG D 141 -22.61 -13.45 -43.98
N GLU D 142 -21.46 -13.42 -44.67
CA GLU D 142 -20.98 -12.19 -45.32
C GLU D 142 -21.86 -11.74 -46.48
N ALA D 143 -22.50 -10.59 -46.31
CA ALA D 143 -23.42 -10.02 -47.28
C ALA D 143 -23.38 -8.51 -47.13
N LYS D 144 -23.07 -7.82 -48.22
CA LYS D 144 -22.89 -6.37 -48.13
C LYS D 144 -24.11 -5.61 -48.64
N VAL D 145 -24.60 -4.71 -47.80
CA VAL D 145 -25.77 -3.89 -48.10
C VAL D 145 -25.30 -2.48 -48.39
N GLN D 146 -25.90 -1.85 -49.39
CA GLN D 146 -25.52 -0.51 -49.77
C GLN D 146 -26.76 0.34 -50.06
N TRP D 147 -26.94 1.37 -49.25
CA TRP D 147 -28.02 2.31 -49.44
C TRP D 147 -27.67 3.31 -50.52
N LYS D 148 -28.67 3.67 -51.33
CA LYS D 148 -28.51 4.65 -52.41
C LYS D 148 -29.70 5.59 -52.46
N VAL D 149 -29.43 6.89 -52.55
CA VAL D 149 -30.47 7.91 -52.65
C VAL D 149 -30.21 8.78 -53.87
N ASP D 150 -31.11 8.70 -54.85
CA ASP D 150 -30.94 9.35 -56.16
C ASP D 150 -29.61 8.94 -56.83
N ASN D 151 -29.23 7.69 -56.59
CA ASN D 151 -27.96 7.11 -57.05
C ASN D 151 -26.67 7.67 -56.42
N ALA D 152 -26.83 8.36 -55.29
CA ALA D 152 -25.71 8.73 -54.44
C ALA D 152 -25.63 7.74 -53.28
N LEU D 153 -24.46 7.10 -53.12
CA LEU D 153 -24.28 6.07 -52.10
C LEU D 153 -24.14 6.68 -50.70
N GLN D 154 -24.87 6.11 -49.73
CA GLN D 154 -24.94 6.63 -48.38
C GLN D 154 -23.82 6.10 -47.49
N SER D 155 -23.49 6.85 -46.45
CA SER D 155 -22.44 6.44 -45.53
C SER D 155 -22.65 7.02 -44.14
N GLY D 156 -22.55 6.16 -43.13
CA GLY D 156 -22.54 6.57 -41.73
C GLY D 156 -23.86 7.08 -41.16
N ASN D 157 -24.96 6.81 -41.87
CA ASN D 157 -26.29 7.17 -41.39
C ASN D 157 -27.24 5.98 -41.36
N SER D 158 -26.64 4.80 -41.34
CA SER D 158 -27.38 3.55 -41.25
C SER D 158 -26.77 2.62 -40.20
N GLN D 159 -27.60 1.77 -39.62
CA GLN D 159 -27.15 0.73 -38.70
C GLN D 159 -27.79 -0.60 -39.05
N GLU D 160 -27.05 -1.69 -38.84
CA GLU D 160 -27.58 -3.02 -39.15
C GLU D 160 -27.42 -4.04 -38.02
N SER D 161 -28.27 -5.05 -38.06
CA SER D 161 -28.30 -6.11 -37.08
C SER D 161 -28.38 -7.45 -37.80
N VAL D 162 -27.91 -8.51 -37.14
CA VAL D 162 -27.86 -9.85 -37.74
C VAL D 162 -28.31 -10.88 -36.72
N THR D 163 -29.15 -11.82 -37.14
CA THR D 163 -29.55 -12.91 -36.25
C THR D 163 -28.46 -13.97 -36.15
N GLU D 164 -28.52 -14.77 -35.10
CA GLU D 164 -27.70 -15.97 -34.98
C GLU D 164 -28.29 -17.04 -35.90
N GLN D 165 -27.48 -18.06 -36.25
CA GLN D 165 -27.96 -19.14 -37.11
C GLN D 165 -29.30 -19.70 -36.63
N ASP D 166 -30.19 -19.94 -37.58
CA ASP D 166 -31.55 -20.41 -37.31
C ASP D 166 -31.54 -21.86 -36.84
N SER D 167 -32.42 -22.19 -35.90
CA SER D 167 -32.54 -23.54 -35.35
C SER D 167 -32.95 -24.58 -36.40
N LYS D 168 -33.89 -24.22 -37.27
CA LYS D 168 -34.35 -25.10 -38.33
C LYS D 168 -33.38 -25.21 -39.49
N ASP D 169 -33.12 -24.11 -40.18
CA ASP D 169 -32.41 -24.15 -41.47
C ASP D 169 -30.96 -23.65 -41.44
N SER D 170 -30.52 -23.17 -40.26
CA SER D 170 -29.15 -22.70 -40.04
C SER D 170 -28.77 -21.48 -40.86
N THR D 171 -29.76 -20.64 -41.15
CA THR D 171 -29.55 -19.45 -41.97
C THR D 171 -29.43 -18.20 -41.11
N TYR D 172 -28.88 -17.15 -41.71
CA TYR D 172 -28.77 -15.85 -41.10
C TYR D 172 -29.81 -14.92 -41.71
N SER D 173 -30.18 -13.89 -40.95
CA SER D 173 -31.02 -12.80 -41.46
C SER D 173 -30.45 -11.45 -41.03
N LEU D 174 -30.54 -10.47 -41.92
CA LEU D 174 -29.96 -9.14 -41.69
C LEU D 174 -31.01 -8.05 -41.81
N SER D 175 -30.97 -7.09 -40.89
CA SER D 175 -31.85 -5.92 -40.93
C SER D 175 -31.04 -4.64 -40.86
N SER D 176 -31.19 -3.78 -41.87
CA SER D 176 -30.47 -2.52 -41.93
C SER D 176 -31.42 -1.33 -41.98
N THR D 177 -31.19 -0.36 -41.09
CA THR D 177 -32.06 0.82 -40.99
C THR D 177 -31.35 2.11 -41.39
N LEU D 178 -31.86 2.75 -42.43
CA LEU D 178 -31.41 4.07 -42.81
C LEU D 178 -32.24 5.13 -42.10
N THR D 179 -31.56 6.00 -41.36
CA THR D 179 -32.22 7.05 -40.59
C THR D 179 -31.96 8.44 -41.18
N LEU D 180 -33.05 9.15 -41.46
CA LEU D 180 -32.99 10.51 -41.98
C LEU D 180 -34.01 11.39 -41.29
N SER D 181 -33.75 12.70 -41.25
CA SER D 181 -34.71 13.65 -40.74
C SER D 181 -35.82 13.85 -41.78
N LYS D 182 -37.01 14.23 -41.31
CA LYS D 182 -38.15 14.45 -42.20
C LYS D 182 -37.77 15.34 -43.39
N ALA D 183 -37.11 16.46 -43.10
CA ALA D 183 -36.73 17.45 -44.11
C ALA D 183 -35.79 16.90 -45.18
N ASP D 184 -34.88 16.00 -44.78
CA ASP D 184 -33.96 15.36 -45.72
C ASP D 184 -34.65 14.30 -46.56
N TYR D 185 -35.64 13.64 -45.98
CA TYR D 185 -36.42 12.62 -46.66
C TYR D 185 -37.26 13.18 -47.81
N GLU D 186 -37.74 14.42 -47.64
CA GLU D 186 -38.58 15.08 -48.64
C GLU D 186 -37.77 15.52 -49.86
N LYS D 187 -36.47 15.69 -49.68
CA LYS D 187 -35.59 16.23 -50.72
C LYS D 187 -35.31 15.25 -51.87
N HIS D 188 -35.64 13.98 -51.68
CA HIS D 188 -35.28 12.95 -52.65
C HIS D 188 -36.42 12.00 -53.03
N LYS D 189 -36.39 11.52 -54.27
CA LYS D 189 -37.44 10.68 -54.84
C LYS D 189 -37.19 9.19 -54.60
N VAL D 190 -36.10 8.67 -55.14
CA VAL D 190 -35.83 7.23 -55.14
C VAL D 190 -34.89 6.76 -54.02
N TYR D 191 -35.39 5.81 -53.23
CA TYR D 191 -34.63 5.22 -52.13
C TYR D 191 -34.36 3.74 -52.40
N ALA D 192 -33.09 3.41 -52.56
CA ALA D 192 -32.68 2.09 -53.03
C ALA D 192 -31.90 1.28 -51.99
N CYS D 193 -31.99 -0.04 -52.12
CA CYS D 193 -31.21 -0.96 -51.30
C CYS D 193 -30.51 -1.98 -52.20
N GLU D 194 -29.18 -1.92 -52.25
CA GLU D 194 -28.39 -2.83 -53.09
C GLU D 194 -27.68 -3.92 -52.27
N VAL D 195 -27.94 -5.18 -52.63
CA VAL D 195 -27.48 -6.32 -51.85
C VAL D 195 -26.48 -7.18 -52.62
N THR D 196 -25.29 -7.35 -52.05
CA THR D 196 -24.26 -8.20 -52.65
C THR D 196 -24.02 -9.39 -51.74
N HIS D 197 -24.10 -10.59 -52.31
CA HIS D 197 -23.90 -11.83 -51.57
C HIS D 197 -23.40 -12.93 -52.51
N GLN D 198 -22.78 -13.94 -51.92
CA GLN D 198 -22.22 -15.07 -52.69
C GLN D 198 -23.30 -15.82 -53.48
N GLY D 199 -24.50 -15.90 -52.93
CA GLY D 199 -25.64 -16.56 -53.58
C GLY D 199 -26.06 -15.88 -54.89
N LEU D 200 -26.03 -14.55 -54.90
CA LEU D 200 -26.40 -13.79 -56.09
C LEU D 200 -25.21 -13.64 -57.03
N SER D 201 -25.43 -13.93 -58.31
CA SER D 201 -24.40 -13.75 -59.33
C SER D 201 -24.26 -12.26 -59.65
N SER D 202 -25.37 -11.54 -59.56
CA SER D 202 -25.40 -10.09 -59.76
C SER D 202 -25.95 -9.40 -58.52
N PRO D 203 -25.44 -8.20 -58.20
CA PRO D 203 -25.99 -7.41 -57.10
C PRO D 203 -27.46 -7.08 -57.32
N VAL D 204 -28.30 -7.46 -56.36
CA VAL D 204 -29.75 -7.25 -56.45
C VAL D 204 -30.12 -5.92 -55.80
N THR D 205 -30.98 -5.16 -56.48
CA THR D 205 -31.43 -3.87 -55.95
C THR D 205 -32.95 -3.83 -55.86
N LYS D 206 -33.45 -3.41 -54.70
CA LYS D 206 -34.87 -3.13 -54.49
C LYS D 206 -35.03 -1.65 -54.21
N SER D 207 -36.11 -1.05 -54.71
CA SER D 207 -36.34 0.38 -54.54
C SER D 207 -37.83 0.75 -54.49
N PHE D 208 -38.09 1.98 -54.06
CA PHE D 208 -39.44 2.55 -54.01
C PHE D 208 -39.35 4.06 -54.16
N ASN D 209 -40.44 4.68 -54.60
CA ASN D 209 -40.56 6.14 -54.65
C ASN D 209 -41.51 6.63 -53.56
N ARG D 210 -41.32 7.87 -53.11
CA ARG D 210 -42.23 8.46 -52.11
C ARG D 210 -43.65 8.61 -52.67
N GLY D 211 -44.48 7.60 -52.43
CA GLY D 211 -45.88 7.61 -52.90
C GLY D 211 -46.01 7.49 -54.40
N GLU E 1 -18.21 -18.09 -7.59
CA GLU E 1 -16.73 -18.19 -7.45
C GLU E 1 -16.05 -16.90 -7.90
N VAL E 2 -14.82 -17.02 -8.38
CA VAL E 2 -14.04 -15.87 -8.84
C VAL E 2 -14.80 -15.05 -9.89
N GLN E 3 -15.22 -13.85 -9.49
CA GLN E 3 -15.99 -12.95 -10.34
C GLN E 3 -15.38 -11.57 -10.43
N LEU E 4 -15.56 -10.95 -11.59
CA LEU E 4 -15.21 -9.55 -11.81
C LEU E 4 -16.45 -8.84 -12.35
N VAL E 5 -16.58 -7.55 -12.08
CA VAL E 5 -17.70 -6.77 -12.60
C VAL E 5 -17.28 -5.34 -12.94
N GLU E 6 -17.38 -5.01 -14.22
CA GLU E 6 -17.01 -3.68 -14.72
C GLU E 6 -18.21 -2.78 -14.75
N SER E 7 -17.98 -1.50 -14.50
CA SER E 7 -19.00 -0.47 -14.67
C SER E 7 -18.35 0.79 -15.20
N GLY E 8 -19.14 1.63 -15.87
CA GLY E 8 -18.67 2.89 -16.39
C GLY E 8 -18.96 3.18 -17.85
N GLY E 9 -19.35 2.17 -18.61
CA GLY E 9 -19.63 2.33 -20.04
C GLY E 9 -20.73 3.31 -20.43
N GLY E 10 -20.90 3.49 -21.74
CA GLY E 10 -21.92 4.40 -22.27
C GLY E 10 -21.57 4.99 -23.62
N LEU E 11 -22.10 6.17 -23.91
CA LEU E 11 -21.83 6.90 -25.14
C LEU E 11 -20.91 8.07 -24.90
N VAL E 12 -19.85 8.17 -25.68
CA VAL E 12 -18.88 9.26 -25.60
C VAL E 12 -18.72 9.88 -26.98
N LYS E 13 -18.67 11.21 -27.03
CA LYS E 13 -18.34 11.90 -28.28
C LYS E 13 -16.83 11.92 -28.48
N ALA E 14 -16.39 11.95 -29.73
CA ALA E 14 -14.95 11.85 -30.05
C ALA E 14 -14.16 13.03 -29.48
N GLY E 15 -13.00 12.74 -28.90
CA GLY E 15 -12.22 13.74 -28.17
C GLY E 15 -12.57 13.78 -26.69
N GLY E 16 -13.67 13.15 -26.31
CA GLY E 16 -14.15 13.15 -24.93
C GLY E 16 -13.47 12.16 -24.02
N SER E 17 -13.95 12.09 -22.78
CA SER E 17 -13.37 11.21 -21.74
C SER E 17 -14.39 10.26 -21.14
N LEU E 18 -13.90 9.19 -20.53
CA LEU E 18 -14.74 8.21 -19.83
C LEU E 18 -13.85 7.34 -18.95
N ILE E 19 -14.30 7.09 -17.73
CA ILE E 19 -13.53 6.28 -16.77
C ILE E 19 -14.29 4.99 -16.45
N LEU E 20 -13.58 3.86 -16.45
CA LEU E 20 -14.19 2.59 -16.08
C LEU E 20 -13.62 2.09 -14.76
N SER E 21 -14.48 1.56 -13.89
CA SER E 21 -14.00 0.84 -12.71
C SER E 21 -14.33 -0.64 -12.87
N CYS E 22 -13.75 -1.46 -11.99
CA CYS E 22 -13.91 -2.90 -12.04
C CYS E 22 -13.70 -3.43 -10.64
N GLY E 23 -14.77 -3.94 -10.03
CA GLY E 23 -14.72 -4.52 -8.70
C GLY E 23 -14.72 -6.04 -8.81
N VAL E 24 -14.39 -6.73 -7.72
CA VAL E 24 -14.30 -8.20 -7.75
C VAL E 24 -15.03 -8.92 -6.61
N SER E 25 -15.27 -10.20 -6.85
CA SER E 25 -15.85 -11.09 -5.87
C SER E 25 -14.97 -12.32 -5.70
N ASN E 26 -14.79 -12.73 -4.44
CA ASN E 26 -14.18 -14.01 -4.08
C ASN E 26 -12.68 -14.18 -4.35
N PHE E 27 -11.94 -13.07 -4.32
CA PHE E 27 -10.48 -13.12 -4.35
C PHE E 27 -9.87 -11.74 -4.11
N ARG E 28 -8.59 -11.69 -3.79
CA ARG E 28 -7.87 -10.43 -3.63
C ARG E 28 -7.07 -10.13 -4.89
N ILE E 29 -7.18 -8.91 -5.40
CA ILE E 29 -6.44 -8.52 -6.61
C ILE E 29 -4.94 -8.35 -6.39
N SER E 30 -4.54 -8.08 -5.15
CA SER E 30 -3.13 -7.80 -4.82
C SER E 30 -2.15 -8.90 -5.23
N ALA E 31 -2.64 -10.11 -5.44
CA ALA E 31 -1.80 -11.23 -5.85
C ALA E 31 -1.58 -11.28 -7.37
N HIS E 32 -2.38 -10.52 -8.13
CA HIS E 32 -2.41 -10.65 -9.59
C HIS E 32 -2.08 -9.38 -10.35
N THR E 33 -1.55 -9.55 -11.55
CA THR E 33 -1.52 -8.52 -12.55
C THR E 33 -2.94 -8.39 -13.09
N MET E 34 -3.44 -7.16 -13.17
CA MET E 34 -4.78 -6.92 -13.69
C MET E 34 -4.75 -6.30 -15.09
N ASN E 35 -5.67 -6.71 -15.94
CA ASN E 35 -5.68 -6.30 -17.35
C ASN E 35 -7.00 -5.76 -17.85
N TRP E 36 -6.92 -4.79 -18.77
CA TRP E 36 -8.09 -4.35 -19.52
C TRP E 36 -8.02 -4.86 -20.96
N VAL E 37 -9.08 -5.52 -21.41
CA VAL E 37 -9.16 -6.07 -22.76
C VAL E 37 -10.43 -5.56 -23.42
N ARG E 38 -10.41 -5.40 -24.74
CA ARG E 38 -11.58 -4.94 -25.47
C ARG E 38 -11.91 -5.78 -26.70
N ARG E 39 -13.20 -6.05 -26.90
CA ARG E 39 -13.66 -6.71 -28.11
C ARG E 39 -14.25 -5.68 -29.06
N VAL E 40 -13.62 -5.51 -30.21
CA VAL E 40 -14.09 -4.58 -31.24
C VAL E 40 -15.26 -5.17 -32.05
N PRO E 41 -16.00 -4.34 -32.80
CA PRO E 41 -17.10 -4.85 -33.63
C PRO E 41 -16.70 -5.90 -34.67
N GLY E 42 -15.46 -5.85 -35.15
CA GLY E 42 -14.92 -6.85 -36.08
C GLY E 42 -15.00 -8.27 -35.56
N GLY E 43 -14.93 -8.45 -34.24
CA GLY E 43 -15.05 -9.77 -33.63
C GLY E 43 -13.89 -10.14 -32.73
N GLY E 44 -12.71 -9.60 -33.01
CA GLY E 44 -11.48 -9.95 -32.29
C GLY E 44 -11.26 -9.21 -30.98
N LEU E 45 -10.30 -9.70 -30.20
CA LEU E 45 -9.94 -9.07 -28.92
C LEU E 45 -8.65 -8.28 -29.04
N GLU E 46 -8.54 -7.23 -28.23
CA GLU E 46 -7.35 -6.40 -28.17
C GLU E 46 -6.95 -6.17 -26.72
N TRP E 47 -5.70 -6.46 -26.41
CA TRP E 47 -5.15 -6.13 -25.10
C TRP E 47 -4.96 -4.61 -25.02
N VAL E 48 -5.47 -4.01 -23.95
CA VAL E 48 -5.50 -2.54 -23.79
C VAL E 48 -4.44 -2.03 -22.81
N ALA E 49 -4.46 -2.55 -21.59
CA ALA E 49 -3.58 -2.08 -20.50
C ALA E 49 -3.43 -3.10 -19.38
N SER E 50 -2.43 -2.88 -18.51
CA SER E 50 -2.17 -3.72 -17.34
C SER E 50 -1.41 -2.99 -16.22
N ILE E 51 -1.67 -3.37 -14.97
CA ILE E 51 -0.81 -2.99 -13.82
C ILE E 51 -0.23 -4.22 -13.16
N SER E 52 1.05 -4.13 -12.81
CA SER E 52 1.69 -5.18 -12.03
C SER E 52 1.23 -5.10 -10.59
N THR E 53 1.54 -6.13 -9.80
CA THR E 53 1.29 -6.11 -8.37
C THR E 53 1.92 -4.86 -7.75
N SER E 54 1.22 -4.26 -6.79
CA SER E 54 1.59 -2.97 -6.17
C SER E 54 2.10 -1.87 -7.12
N SER E 55 1.48 -1.80 -8.29
CA SER E 55 1.65 -0.71 -9.27
C SER E 55 3.09 -0.41 -9.74
N THR E 56 3.97 -1.42 -9.65
CA THR E 56 5.38 -1.25 -9.98
C THR E 56 5.60 -0.84 -11.44
N TYR E 57 4.82 -1.44 -12.33
CA TYR E 57 4.91 -1.15 -13.76
C TYR E 57 3.52 -1.20 -14.40
N ARG E 58 3.25 -0.23 -15.26
CA ARG E 58 2.00 -0.18 -16.01
C ARG E 58 2.34 -0.25 -17.49
N ASP E 59 1.65 -1.14 -18.20
CA ASP E 59 1.89 -1.30 -19.64
C ASP E 59 0.63 -1.02 -20.44
N TYR E 60 0.84 -0.39 -21.60
CA TYR E 60 -0.25 0.02 -22.49
C TYR E 60 -0.02 -0.46 -23.92
N ALA E 61 -1.11 -0.64 -24.66
CA ALA E 61 -1.04 -0.92 -26.08
C ALA E 61 -0.61 0.36 -26.80
N ASP E 62 0.07 0.20 -27.93
CA ASP E 62 0.53 1.35 -28.71
C ASP E 62 -0.59 2.31 -29.05
N ALA E 63 -1.75 1.77 -29.44
CA ALA E 63 -2.87 2.57 -29.91
C ALA E 63 -3.51 3.44 -28.82
N VAL E 64 -3.27 3.10 -27.56
CA VAL E 64 -3.86 3.81 -26.43
C VAL E 64 -2.81 4.50 -25.56
N LYS E 65 -1.54 4.24 -25.84
CA LYS E 65 -0.43 4.83 -25.10
C LYS E 65 -0.46 6.36 -25.17
N GLY E 66 -0.42 6.99 -24.01
CA GLY E 66 -0.51 8.45 -23.91
C GLY E 66 -1.91 8.96 -23.59
N ARG E 67 -2.93 8.15 -23.90
CA ARG E 67 -4.33 8.57 -23.76
C ARG E 67 -5.05 7.89 -22.60
N PHE E 68 -4.68 6.63 -22.32
CA PHE E 68 -5.34 5.85 -21.28
C PHE E 68 -4.45 5.76 -20.05
N THR E 69 -5.08 5.65 -18.88
CA THR E 69 -4.36 5.41 -17.63
C THR E 69 -5.00 4.28 -16.83
N VAL E 70 -4.18 3.35 -16.37
CA VAL E 70 -4.65 2.23 -15.58
C VAL E 70 -4.18 2.37 -14.13
N SER E 71 -5.11 2.24 -13.19
CA SER E 71 -4.78 2.33 -11.76
C SER E 71 -5.40 1.18 -10.98
N ARG E 72 -4.86 0.91 -9.80
CA ARG E 72 -5.37 -0.17 -8.97
C ARG E 72 -5.49 0.23 -7.50
N ASP E 73 -6.45 -0.40 -6.82
CA ASP E 73 -6.73 -0.16 -5.41
C ASP E 73 -6.71 -1.51 -4.69
N ASP E 74 -5.55 -1.86 -4.14
CA ASP E 74 -5.36 -3.15 -3.49
C ASP E 74 -6.18 -3.30 -2.20
N LEU E 75 -6.32 -2.22 -1.45
CA LEU E 75 -7.06 -2.28 -0.19
C LEU E 75 -8.56 -2.56 -0.35
N GLU E 76 -9.18 -1.96 -1.37
CA GLU E 76 -10.62 -2.15 -1.58
C GLU E 76 -10.94 -2.97 -2.84
N ASP E 77 -9.88 -3.53 -3.46
CA ASP E 77 -9.98 -4.43 -4.61
C ASP E 77 -10.75 -3.82 -5.80
N PHE E 78 -10.20 -2.76 -6.38
CA PHE E 78 -10.76 -2.10 -7.56
C PHE E 78 -9.68 -1.77 -8.56
N VAL E 79 -10.05 -1.79 -9.85
CA VAL E 79 -9.15 -1.40 -10.93
C VAL E 79 -9.79 -0.30 -11.76
N TYR E 80 -9.00 0.67 -12.22
CA TYR E 80 -9.53 1.78 -13.00
C TYR E 80 -8.91 1.88 -14.39
N LEU E 81 -9.65 2.46 -15.32
CA LEU E 81 -9.16 2.76 -16.67
C LEU E 81 -9.65 4.13 -17.13
N GLN E 82 -8.74 5.10 -17.17
CA GLN E 82 -9.08 6.44 -17.65
C GLN E 82 -8.90 6.47 -19.14
N MET E 83 -9.90 6.96 -19.85
CA MET E 83 -9.81 7.05 -21.30
C MET E 83 -10.04 8.49 -21.74
N HIS E 84 -9.00 9.07 -22.34
CA HIS E 84 -9.03 10.45 -22.78
C HIS E 84 -8.86 10.59 -24.30
N LYS E 85 -9.17 11.78 -24.81
CA LYS E 85 -9.09 12.08 -26.24
C LYS E 85 -9.51 10.86 -27.05
N MET E 86 -10.76 10.47 -26.87
CA MET E 86 -11.27 9.21 -27.44
C MET E 86 -11.51 9.22 -28.95
N ARG E 87 -11.05 8.15 -29.58
CA ARG E 87 -11.15 7.94 -31.01
C ARG E 87 -12.33 7.02 -31.30
N VAL E 88 -12.86 7.09 -32.51
CA VAL E 88 -13.96 6.22 -32.94
C VAL E 88 -13.62 4.73 -32.78
N GLU E 89 -12.39 4.35 -33.15
CA GLU E 89 -11.94 2.96 -33.02
C GLU E 89 -11.74 2.48 -31.56
N ASP E 90 -11.98 3.37 -30.59
CA ASP E 90 -12.01 2.98 -29.18
C ASP E 90 -13.33 2.29 -28.83
N THR E 91 -14.30 2.41 -29.73
CA THR E 91 -15.59 1.73 -29.59
C THR E 91 -15.36 0.23 -29.52
N ALA E 92 -15.78 -0.37 -28.42
CA ALA E 92 -15.63 -1.80 -28.18
C ALA E 92 -16.31 -2.21 -26.88
N ILE E 93 -16.36 -3.51 -26.61
CA ILE E 93 -16.76 -4.00 -25.30
C ILE E 93 -15.48 -4.13 -24.48
N TYR E 94 -15.50 -3.55 -23.28
CA TYR E 94 -14.32 -3.54 -22.41
C TYR E 94 -14.48 -4.53 -21.27
N TYR E 95 -13.49 -5.40 -21.12
CA TYR E 95 -13.44 -6.38 -20.02
C TYR E 95 -12.21 -6.15 -19.16
N CYS E 96 -12.35 -6.23 -17.84
CA CYS E 96 -11.18 -6.42 -16.98
C CYS E 96 -10.97 -7.92 -16.78
N ALA E 97 -9.70 -8.34 -16.78
CA ALA E 97 -9.36 -9.74 -16.59
C ALA E 97 -8.12 -9.89 -15.72
N ARG E 98 -8.04 -10.97 -14.95
CA ARG E 98 -6.87 -11.21 -14.10
C ARG E 98 -5.90 -12.23 -14.69
N LYS E 99 -4.61 -11.97 -14.52
CA LYS E 99 -3.57 -12.92 -14.88
C LYS E 99 -3.49 -13.94 -13.74
N GLY E 100 -3.80 -15.19 -14.04
CA GLY E 100 -3.80 -16.27 -13.04
C GLY E 100 -4.18 -17.61 -13.64
N SER E 101 -4.20 -18.65 -12.81
CA SER E 101 -4.68 -19.99 -13.21
C SER E 101 -4.99 -20.88 -12.01
N ASP E 102 -5.40 -22.12 -12.26
CA ASP E 102 -5.66 -23.11 -11.21
C ASP E 102 -4.42 -23.27 -10.33
N ARG E 103 -3.30 -23.55 -10.97
CA ARG E 103 -2.01 -23.59 -10.27
C ARG E 103 -1.18 -22.36 -10.68
N LEU E 104 -1.23 -21.31 -9.85
CA LEU E 104 -0.49 -20.07 -10.10
C LEU E 104 0.99 -20.33 -10.39
N SER E 105 1.57 -19.52 -11.28
CA SER E 105 2.97 -19.69 -11.69
C SER E 105 3.62 -18.34 -11.97
N ASP E 106 4.83 -18.37 -12.52
CA ASP E 106 5.56 -17.15 -12.89
C ASP E 106 4.85 -16.41 -14.04
N ASN E 107 4.43 -17.15 -15.06
CA ASN E 107 3.73 -16.59 -16.21
C ASN E 107 2.39 -17.29 -16.44
N ASP E 108 1.29 -16.55 -16.23
CA ASP E 108 -0.06 -17.10 -16.26
C ASP E 108 -0.93 -16.48 -17.35
N PRO E 109 -1.95 -17.21 -17.85
CA PRO E 109 -2.94 -16.64 -18.76
C PRO E 109 -4.04 -15.85 -18.01
N PHE E 110 -5.11 -15.49 -18.71
CA PHE E 110 -6.21 -14.72 -18.11
C PHE E 110 -7.35 -15.67 -17.75
N ASP E 111 -7.34 -16.19 -16.52
CA ASP E 111 -8.27 -17.24 -16.15
C ASP E 111 -9.68 -16.75 -15.77
N ALA E 112 -9.83 -15.45 -15.54
CA ALA E 112 -11.11 -14.91 -15.10
C ALA E 112 -11.39 -13.53 -15.66
N TRP E 113 -12.55 -13.38 -16.28
CA TRP E 113 -12.96 -12.14 -16.94
C TRP E 113 -14.30 -11.65 -16.40
N GLY E 114 -14.46 -10.33 -16.38
CA GLY E 114 -15.77 -9.73 -16.10
C GLY E 114 -16.64 -9.83 -17.34
N PRO E 115 -17.97 -9.65 -17.18
CA PRO E 115 -18.92 -9.81 -18.29
C PRO E 115 -18.79 -8.74 -19.39
N GLY E 116 -18.21 -7.59 -19.06
CA GLY E 116 -17.91 -6.56 -20.06
C GLY E 116 -18.85 -5.37 -20.00
N THR E 117 -18.32 -4.20 -20.33
CA THR E 117 -19.11 -2.97 -20.38
C THR E 117 -18.96 -2.34 -21.77
N VAL E 118 -20.09 -1.93 -22.35
CA VAL E 118 -20.13 -1.39 -23.72
C VAL E 118 -19.71 0.08 -23.77
N VAL E 119 -18.76 0.39 -24.66
CA VAL E 119 -18.28 1.75 -24.84
C VAL E 119 -18.36 2.11 -26.33
N THR E 120 -19.15 3.13 -26.65
CA THR E 120 -19.30 3.56 -28.04
C THR E 120 -18.89 5.02 -28.22
N VAL E 121 -18.02 5.26 -29.20
CA VAL E 121 -17.53 6.61 -29.49
C VAL E 121 -18.18 7.14 -30.76
N SER E 122 -18.96 8.21 -30.60
CA SER E 122 -19.65 8.86 -31.70
C SER E 122 -18.64 9.57 -32.61
N PRO E 123 -18.83 9.46 -33.94
CA PRO E 123 -17.93 10.17 -34.87
C PRO E 123 -18.02 11.69 -34.73
N ALA E 124 -19.23 12.20 -34.53
CA ALA E 124 -19.47 13.63 -34.40
C ALA E 124 -18.87 14.17 -33.10
N SER E 125 -17.69 14.76 -33.22
CA SER E 125 -17.03 15.43 -32.10
C SER E 125 -17.68 16.79 -31.88
N THR E 126 -18.44 17.23 -32.88
CA THR E 126 -19.03 18.56 -32.89
C THR E 126 -20.36 18.60 -33.66
N LYS E 127 -21.29 19.41 -33.17
CA LYS E 127 -22.57 19.61 -33.84
C LYS E 127 -22.99 21.08 -33.84
N GLY E 128 -23.30 21.58 -35.03
CA GLY E 128 -23.80 22.95 -35.20
C GLY E 128 -25.23 23.11 -34.75
N PRO E 129 -25.61 24.33 -34.35
CA PRO E 129 -26.95 24.63 -33.84
C PRO E 129 -28.00 24.99 -34.90
N SER E 130 -29.26 24.83 -34.53
CA SER E 130 -30.39 25.33 -35.30
C SER E 130 -30.93 26.58 -34.63
N VAL E 131 -31.17 27.62 -35.41
CA VAL E 131 -31.59 28.92 -34.89
C VAL E 131 -33.04 29.24 -35.28
N PHE E 132 -33.94 29.17 -34.30
CA PHE E 132 -35.35 29.50 -34.51
C PHE E 132 -35.69 30.87 -33.93
N PRO E 133 -36.44 31.69 -34.68
CA PRO E 133 -36.79 33.02 -34.18
C PRO E 133 -37.85 33.01 -33.09
N LEU E 134 -37.70 33.92 -32.12
CA LEU E 134 -38.74 34.19 -31.12
C LEU E 134 -39.48 35.46 -31.54
N ALA E 135 -40.54 35.29 -32.32
CA ALA E 135 -41.28 36.40 -32.91
C ALA E 135 -42.03 37.26 -31.89
N PRO E 136 -41.92 38.60 -32.01
CA PRO E 136 -42.64 39.51 -31.12
C PRO E 136 -44.13 39.59 -31.46
N SER E 137 -44.95 39.91 -30.47
CA SER E 137 -46.38 40.10 -30.68
C SER E 137 -46.67 41.51 -31.15
N SER E 138 -47.33 41.62 -32.31
CA SER E 138 -47.65 42.92 -32.90
C SER E 138 -48.75 43.67 -32.12
N LYS E 139 -49.44 42.94 -31.24
CA LYS E 139 -50.42 43.51 -30.32
C LYS E 139 -50.25 42.89 -28.93
N SER E 140 -49.77 43.69 -27.98
CA SER E 140 -49.67 43.27 -26.58
C SER E 140 -49.86 44.44 -25.59
N THR E 141 -48.77 45.11 -25.24
CA THR E 141 -48.79 46.18 -24.23
C THR E 141 -48.63 47.59 -24.83
N SER E 142 -49.54 47.92 -25.75
CA SER E 142 -49.60 49.23 -26.45
C SER E 142 -48.31 49.60 -27.20
N GLY E 143 -48.23 50.86 -27.64
CA GLY E 143 -47.01 51.39 -28.28
C GLY E 143 -45.92 51.71 -27.27
N GLY E 144 -45.43 50.68 -26.59
CA GLY E 144 -44.41 50.82 -25.55
C GLY E 144 -43.17 50.00 -25.86
N THR E 145 -42.93 48.98 -25.04
CA THR E 145 -41.75 48.11 -25.19
C THR E 145 -42.15 46.69 -25.62
N ALA E 146 -41.51 46.22 -26.70
CA ALA E 146 -41.71 44.87 -27.21
C ALA E 146 -40.43 44.08 -27.10
N ALA E 147 -40.56 42.76 -26.94
CA ALA E 147 -39.41 41.87 -26.84
C ALA E 147 -39.40 40.81 -27.96
N LEU E 148 -38.22 40.60 -28.53
CA LEU E 148 -38.01 39.59 -29.57
C LEU E 148 -36.62 38.95 -29.40
N GLY E 149 -36.39 37.82 -30.05
CA GLY E 149 -35.08 37.15 -29.96
C GLY E 149 -34.86 35.93 -30.82
N CYS E 150 -33.80 35.19 -30.49
CA CYS E 150 -33.44 33.95 -31.18
C CYS E 150 -33.26 32.81 -30.19
N LEU E 151 -33.89 31.68 -30.49
CA LEU E 151 -33.70 30.44 -29.73
C LEU E 151 -32.67 29.56 -30.45
N VAL E 152 -31.58 29.24 -29.76
CA VAL E 152 -30.50 28.45 -30.33
C VAL E 152 -30.53 27.03 -29.75
N LYS E 153 -30.86 26.06 -30.59
CA LYS E 153 -31.07 24.68 -30.11
C LYS E 153 -30.11 23.63 -30.67
N ASP E 154 -29.75 22.69 -29.81
CA ASP E 154 -29.08 21.43 -30.18
C ASP E 154 -27.67 21.59 -30.77
N TYR E 155 -26.76 22.13 -29.96
CA TYR E 155 -25.36 22.30 -30.35
C TYR E 155 -24.37 21.67 -29.35
N PHE E 156 -23.21 21.28 -29.85
CA PHE E 156 -22.16 20.68 -29.05
C PHE E 156 -20.79 20.98 -29.66
N PRO E 157 -19.80 21.38 -28.83
CA PRO E 157 -19.91 21.70 -27.41
C PRO E 157 -20.14 23.20 -27.18
N GLU E 158 -19.84 23.66 -25.97
CA GLU E 158 -19.82 25.09 -25.64
C GLU E 158 -18.60 25.77 -26.30
N PRO E 159 -18.64 27.11 -26.45
CA PRO E 159 -19.74 28.06 -26.29
C PRO E 159 -20.30 28.59 -27.62
N VAL E 160 -21.26 29.50 -27.53
CA VAL E 160 -21.82 30.19 -28.69
C VAL E 160 -21.76 31.71 -28.46
N THR E 161 -21.38 32.45 -29.50
CA THR E 161 -21.42 33.91 -29.48
C THR E 161 -22.65 34.40 -30.22
N VAL E 162 -23.45 35.24 -29.56
CA VAL E 162 -24.63 35.82 -30.18
C VAL E 162 -24.55 37.35 -30.16
N SER E 163 -24.62 37.96 -31.34
CA SER E 163 -24.68 39.41 -31.45
C SER E 163 -25.91 39.80 -32.26
N TRP E 164 -26.30 41.07 -32.19
CA TRP E 164 -27.46 41.56 -32.93
C TRP E 164 -27.10 42.63 -33.94
N ASN E 165 -27.76 42.59 -35.09
CA ASN E 165 -27.53 43.51 -36.20
C ASN E 165 -26.04 43.76 -36.44
N SER E 166 -25.31 42.68 -36.70
CA SER E 166 -23.86 42.71 -36.96
C SER E 166 -23.03 43.35 -35.85
N GLY E 167 -23.58 43.37 -34.64
CA GLY E 167 -22.89 43.94 -33.48
C GLY E 167 -23.22 45.40 -33.20
N ALA E 168 -24.11 45.98 -34.00
CA ALA E 168 -24.49 47.40 -33.85
C ALA E 168 -25.46 47.65 -32.70
N LEU E 169 -26.26 46.64 -32.36
CA LEU E 169 -27.23 46.76 -31.27
C LEU E 169 -26.75 46.04 -30.01
N THR E 170 -26.51 46.83 -28.96
CA THR E 170 -26.00 46.32 -27.68
C THR E 170 -26.98 46.59 -26.55
N SER E 171 -27.66 47.74 -26.63
CA SER E 171 -28.60 48.18 -25.60
C SER E 171 -29.80 47.23 -25.43
N GLY E 172 -30.01 46.79 -24.19
CA GLY E 172 -31.17 45.97 -23.83
C GLY E 172 -31.15 44.52 -24.30
N VAL E 173 -29.96 44.02 -24.63
CA VAL E 173 -29.76 42.65 -25.10
C VAL E 173 -29.36 41.75 -23.94
N HIS E 174 -30.00 40.58 -23.85
CA HIS E 174 -29.65 39.59 -22.84
C HIS E 174 -29.37 38.24 -23.48
N THR E 175 -28.13 37.77 -23.36
CA THR E 175 -27.77 36.43 -23.80
C THR E 175 -27.72 35.53 -22.57
N PHE E 176 -28.56 34.49 -22.59
CA PHE E 176 -28.73 33.63 -21.43
C PHE E 176 -27.72 32.50 -21.38
N PRO E 177 -27.33 32.08 -20.16
CA PRO E 177 -26.46 30.93 -19.99
C PRO E 177 -27.05 29.69 -20.67
N ALA E 178 -26.17 28.86 -21.24
CA ALA E 178 -26.58 27.64 -21.93
C ALA E 178 -27.24 26.66 -20.96
N VAL E 179 -28.07 25.79 -21.51
CA VAL E 179 -28.76 24.78 -20.72
C VAL E 179 -28.53 23.40 -21.35
N LEU E 180 -28.11 22.44 -20.52
CA LEU E 180 -27.82 21.09 -21.00
C LEU E 180 -29.06 20.20 -21.02
N GLN E 181 -29.44 19.75 -22.22
CA GLN E 181 -30.65 18.95 -22.42
C GLN E 181 -30.39 17.47 -22.17
N SER E 182 -31.45 16.72 -21.88
CA SER E 182 -31.35 15.27 -21.65
C SER E 182 -30.80 14.53 -22.86
N SER E 183 -30.88 15.16 -24.03
CA SER E 183 -30.31 14.63 -25.26
C SER E 183 -28.78 14.70 -25.27
N GLY E 184 -28.23 15.51 -24.37
CA GLY E 184 -26.78 15.66 -24.26
C GLY E 184 -26.26 16.86 -25.02
N LEU E 185 -27.19 17.69 -25.50
CA LEU E 185 -26.86 18.86 -26.31
C LEU E 185 -27.33 20.16 -25.67
N TYR E 186 -26.68 21.26 -26.03
CA TYR E 186 -26.94 22.55 -25.39
C TYR E 186 -27.97 23.38 -26.14
N SER E 187 -28.52 24.36 -25.42
CA SER E 187 -29.57 25.22 -25.92
C SER E 187 -29.61 26.50 -25.10
N LEU E 188 -29.45 27.63 -25.77
CA LEU E 188 -29.57 28.93 -25.14
C LEU E 188 -30.57 29.79 -25.87
N SER E 189 -30.98 30.89 -25.24
CA SER E 189 -31.81 31.89 -25.90
C SER E 189 -31.16 33.27 -25.77
N SER E 190 -31.28 34.08 -26.82
CA SER E 190 -30.82 35.45 -26.79
C SER E 190 -32.01 36.37 -27.10
N VAL E 191 -32.24 37.35 -26.23
CA VAL E 191 -33.37 38.27 -26.39
C VAL E 191 -32.93 39.73 -26.41
N VAL E 192 -33.82 40.57 -26.92
CA VAL E 192 -33.62 42.03 -26.93
C VAL E 192 -34.97 42.72 -26.79
N THR E 193 -35.01 43.80 -26.03
CA THR E 193 -36.20 44.66 -25.98
C THR E 193 -36.01 45.92 -26.82
N VAL E 194 -37.00 46.23 -27.64
CA VAL E 194 -37.00 47.41 -28.49
C VAL E 194 -38.36 48.11 -28.44
N PRO E 195 -38.40 49.42 -28.77
CA PRO E 195 -39.69 50.11 -28.87
C PRO E 195 -40.63 49.46 -29.89
N SER E 196 -41.92 49.44 -29.57
CA SER E 196 -42.95 48.83 -30.42
C SER E 196 -43.04 49.50 -31.79
N SER E 197 -42.82 50.83 -31.80
CA SER E 197 -42.89 51.64 -33.02
C SER E 197 -41.84 51.24 -34.07
N SER E 198 -40.69 50.78 -33.61
CA SER E 198 -39.58 50.42 -34.50
C SER E 198 -39.75 49.05 -35.19
N LEU E 199 -40.81 48.33 -34.84
CA LEU E 199 -41.11 47.03 -35.43
C LEU E 199 -41.47 47.12 -36.92
N GLY E 200 -42.31 48.09 -37.26
CA GLY E 200 -42.81 48.25 -38.62
C GLY E 200 -41.88 48.97 -39.59
N THR E 201 -40.61 49.13 -39.20
CA THR E 201 -39.59 49.72 -40.07
C THR E 201 -38.26 49.01 -39.95
N GLN E 202 -37.73 48.94 -38.73
CA GLN E 202 -36.41 48.35 -38.48
C GLN E 202 -36.46 46.82 -38.45
N THR E 203 -35.59 46.21 -39.26
CA THR E 203 -35.43 44.76 -39.30
C THR E 203 -34.37 44.32 -38.30
N TYR E 204 -34.53 43.13 -37.75
CA TYR E 204 -33.62 42.64 -36.73
C TYR E 204 -33.02 41.27 -37.08
N ILE E 205 -31.69 41.24 -37.16
CA ILE E 205 -30.97 40.00 -37.46
C ILE E 205 -30.02 39.65 -36.33
N CYS E 206 -30.15 38.43 -35.79
CA CYS E 206 -29.23 37.92 -34.78
C CYS E 206 -28.12 37.09 -35.42
N ASN E 207 -26.89 37.35 -35.00
CA ASN E 207 -25.73 36.67 -35.56
C ASN E 207 -25.23 35.61 -34.59
N VAL E 208 -25.40 34.35 -34.98
CA VAL E 208 -24.99 33.22 -34.16
C VAL E 208 -23.71 32.63 -34.73
N ASN E 209 -22.69 32.52 -33.88
CA ASN E 209 -21.40 31.95 -34.27
C ASN E 209 -21.00 30.84 -33.31
N HIS E 210 -20.77 29.65 -33.86
CA HIS E 210 -20.34 28.51 -33.06
C HIS E 210 -18.99 28.01 -33.57
N LYS E 211 -17.92 28.62 -33.06
CA LYS E 211 -16.54 28.33 -33.46
C LYS E 211 -16.21 26.84 -33.58
N PRO E 212 -16.55 26.03 -32.55
CA PRO E 212 -16.28 24.59 -32.62
C PRO E 212 -16.71 23.94 -33.94
N SER E 213 -17.97 24.16 -34.34
CA SER E 213 -18.51 23.51 -35.54
C SER E 213 -18.28 24.32 -36.83
N ASN E 214 -17.62 25.47 -36.70
CA ASN E 214 -17.41 26.42 -37.79
C ASN E 214 -18.74 26.83 -38.46
N THR E 215 -19.73 27.15 -37.62
CA THR E 215 -21.08 27.45 -38.08
C THR E 215 -21.49 28.88 -37.71
N LYS E 216 -21.74 29.68 -38.74
CA LYS E 216 -22.23 31.04 -38.58
C LYS E 216 -23.61 31.14 -39.21
N VAL E 217 -24.59 31.59 -38.45
CA VAL E 217 -25.97 31.68 -38.91
C VAL E 217 -26.60 33.03 -38.60
N ASP E 218 -27.27 33.60 -39.59
CA ASP E 218 -28.05 34.83 -39.43
C ASP E 218 -29.54 34.51 -39.48
N LYS E 219 -30.31 35.10 -38.58
CA LYS E 219 -31.74 34.86 -38.52
C LYS E 219 -32.55 36.17 -38.46
N LYS E 220 -33.28 36.43 -39.54
CA LYS E 220 -34.19 37.57 -39.61
C LYS E 220 -35.40 37.29 -38.73
N VAL E 221 -35.71 38.22 -37.84
CA VAL E 221 -36.83 38.09 -36.92
C VAL E 221 -37.86 39.18 -37.17
N GLU E 222 -39.09 38.76 -37.47
CA GLU E 222 -40.20 39.67 -37.74
C GLU E 222 -41.51 39.13 -37.16
N PRO E 223 -42.46 40.03 -36.82
CA PRO E 223 -43.74 39.60 -36.24
C PRO E 223 -44.54 38.70 -37.19
N LYS E 224 -45.37 37.83 -36.62
CA LYS E 224 -46.20 36.92 -37.41
C LYS E 224 -47.37 37.64 -38.09
N ALA F 1 5.89 -4.54 -23.54
CA ALA F 1 7.19 -3.94 -23.12
C ALA F 1 7.52 -4.31 -21.67
N CYS F 2 8.80 -4.20 -21.32
CA CYS F 2 9.24 -4.42 -19.94
C CYS F 2 9.61 -3.09 -19.27
N PRO F 3 9.68 -3.07 -17.92
CA PRO F 3 10.22 -1.92 -17.20
C PRO F 3 11.68 -1.65 -17.59
N PRO F 4 12.19 -0.43 -17.31
CA PRO F 4 13.55 -0.09 -17.72
C PRO F 4 14.59 -1.05 -17.14
N SER F 5 15.63 -1.32 -17.91
CA SER F 5 16.68 -2.28 -17.56
C SER F 5 16.14 -3.67 -17.22
N HIS F 6 15.10 -4.07 -17.94
CA HIS F 6 14.57 -5.43 -17.93
C HIS F 6 14.32 -5.86 -19.36
N VAL F 7 14.58 -7.12 -19.67
CA VAL F 7 14.26 -7.66 -21.00
C VAL F 7 13.26 -8.80 -20.88
N LEU F 8 12.62 -9.12 -22.01
CA LEU F 8 11.67 -10.23 -22.03
C LEU F 8 12.38 -11.56 -22.25
N ASP F 9 12.46 -12.36 -21.19
CA ASP F 9 13.02 -13.69 -21.26
C ASP F 9 11.93 -14.65 -21.73
N MET F 10 11.96 -14.99 -23.02
CA MET F 10 10.95 -15.87 -23.61
C MET F 10 10.89 -17.25 -22.97
N ARG F 11 12.04 -17.76 -22.55
CA ARG F 11 12.10 -19.06 -21.90
C ARG F 11 11.35 -19.04 -20.58
N SER F 12 11.60 -17.99 -19.79
CA SER F 12 10.97 -17.80 -18.49
C SER F 12 9.53 -17.31 -18.63
N GLY F 13 9.30 -16.39 -19.56
CA GLY F 13 8.01 -15.78 -19.77
C GLY F 13 7.80 -14.54 -18.92
N THR F 14 8.89 -14.06 -18.32
CA THR F 14 8.84 -12.92 -17.41
C THR F 14 9.89 -11.87 -17.77
N CYS F 15 9.68 -10.64 -17.33
CA CYS F 15 10.69 -9.58 -17.47
C CYS F 15 11.80 -9.85 -16.48
N LEU F 16 13.01 -10.05 -17.00
CA LEU F 16 14.18 -10.27 -16.16
C LEU F 16 15.12 -9.08 -16.22
N ALA F 17 15.72 -8.77 -15.07
CA ALA F 17 16.75 -7.74 -14.98
C ALA F 17 17.98 -8.15 -15.80
N ALA F 18 18.43 -7.24 -16.65
CA ALA F 18 19.59 -7.50 -17.50
C ALA F 18 20.46 -6.27 -17.59
N GLU F 19 21.77 -6.49 -17.79
CA GLU F 19 22.72 -5.41 -17.97
C GLU F 19 23.41 -5.54 -19.33
N GLY F 20 23.81 -4.41 -19.90
CA GLY F 20 24.45 -4.38 -21.22
C GLY F 20 24.23 -3.08 -21.96
N VAL G 1 -10.71 -22.40 19.07
CA VAL G 1 -10.43 -23.83 18.68
C VAL G 1 -9.13 -24.34 19.27
N VAL G 2 -9.25 -25.36 20.12
CA VAL G 2 -8.12 -25.95 20.83
C VAL G 2 -7.95 -27.40 20.36
N MET G 3 -6.72 -27.78 20.05
CA MET G 3 -6.40 -29.16 19.65
C MET G 3 -5.81 -29.96 20.82
N THR G 4 -6.22 -31.21 20.95
CA THR G 4 -5.61 -32.11 21.93
C THR G 4 -4.95 -33.25 21.17
N GLN G 5 -3.63 -33.37 21.30
CA GLN G 5 -2.86 -34.42 20.63
C GLN G 5 -2.51 -35.55 21.58
N SER G 6 -2.64 -36.78 21.09
CA SER G 6 -2.53 -37.97 21.91
C SER G 6 -1.84 -39.11 21.15
N PRO G 7 -0.89 -39.82 21.79
CA PRO G 7 -0.33 -39.59 23.13
C PRO G 7 0.84 -38.60 23.12
N SER G 8 1.42 -38.31 24.28
CA SER G 8 2.60 -37.46 24.36
C SER G 8 3.78 -38.19 23.72
N THR G 9 3.90 -39.47 24.06
CA THR G 9 4.99 -40.29 23.59
C THR G 9 4.45 -41.60 23.06
N LEU G 10 5.01 -42.06 21.94
CA LEU G 10 4.70 -43.37 21.42
C LEU G 10 5.98 -44.19 21.31
N SER G 11 6.03 -45.29 22.05
CA SER G 11 7.18 -46.18 22.02
C SER G 11 6.85 -47.39 21.15
N ALA G 12 7.48 -47.46 19.99
CA ALA G 12 7.21 -48.54 19.04
C ALA G 12 8.48 -49.20 18.53
N SER G 13 8.32 -50.23 17.70
CA SER G 13 9.45 -50.91 17.09
C SER G 13 9.45 -50.69 15.58
N VAL G 14 10.60 -50.92 14.96
CA VAL G 14 10.74 -50.84 13.50
C VAL G 14 9.80 -51.85 12.82
N GLY G 15 9.00 -51.35 11.88
CA GLY G 15 8.05 -52.19 11.14
C GLY G 15 6.63 -52.16 11.68
N ASP G 16 6.45 -51.58 12.87
CA ASP G 16 5.13 -51.45 13.50
C ASP G 16 4.23 -50.49 12.75
N THR G 17 2.93 -50.74 12.84
CA THR G 17 1.93 -49.82 12.34
C THR G 17 1.29 -49.07 13.52
N ILE G 18 1.61 -47.78 13.64
CA ILE G 18 1.18 -46.96 14.76
C ILE G 18 0.23 -45.83 14.34
N THR G 19 -0.60 -45.38 15.29
CA THR G 19 -1.53 -44.27 15.07
C THR G 19 -1.39 -43.17 16.12
N ILE G 20 -1.45 -41.92 15.65
CA ILE G 20 -1.52 -40.73 16.49
C ILE G 20 -2.89 -40.10 16.26
N THR G 21 -3.56 -39.70 17.33
CA THR G 21 -4.87 -39.05 17.19
C THR G 21 -4.81 -37.59 17.60
N CYS G 22 -5.78 -36.81 17.11
CA CYS G 22 -5.81 -35.37 17.33
C CYS G 22 -7.28 -34.94 17.34
N ARG G 23 -7.71 -34.34 18.46
CA ARG G 23 -9.12 -33.98 18.68
C ARG G 23 -9.32 -32.46 18.80
N ALA G 24 -10.33 -31.94 18.12
CA ALA G 24 -10.66 -30.51 18.21
C ALA G 24 -11.84 -30.22 19.15
N SER G 25 -11.78 -29.07 19.82
CA SER G 25 -12.81 -28.66 20.78
C SER G 25 -14.15 -28.38 20.11
N GLN G 26 -14.13 -28.16 18.80
CA GLN G 26 -15.32 -27.92 17.99
C GLN G 26 -15.04 -28.31 16.55
N SER G 27 -16.10 -28.51 15.75
CA SER G 27 -15.95 -28.99 14.38
C SER G 27 -15.03 -28.10 13.57
N ILE G 28 -14.11 -28.74 12.88
CA ILE G 28 -13.04 -28.07 12.13
C ILE G 28 -13.06 -28.61 10.69
N GLU G 29 -14.19 -29.26 10.35
CA GLU G 29 -14.44 -29.89 9.05
C GLU G 29 -13.33 -30.89 8.71
N THR G 30 -12.55 -30.62 7.67
CA THR G 30 -11.35 -31.41 7.41
C THR G 30 -10.14 -30.50 7.23
N TRP G 31 -10.16 -29.34 7.89
CA TRP G 31 -9.06 -28.37 7.81
C TRP G 31 -7.99 -28.69 8.84
N LEU G 32 -7.23 -29.73 8.57
CA LEU G 32 -6.18 -30.18 9.46
C LEU G 32 -5.01 -30.72 8.66
N ALA G 33 -3.80 -30.45 9.15
CA ALA G 33 -2.57 -30.94 8.54
C ALA G 33 -1.69 -31.64 9.58
N TRP G 34 -0.79 -32.49 9.10
CA TRP G 34 0.20 -33.15 9.95
C TRP G 34 1.62 -32.83 9.48
N TYR G 35 2.52 -32.64 10.44
CA TYR G 35 3.91 -32.30 10.17
C TYR G 35 4.84 -33.24 10.92
N GLN G 36 5.98 -33.54 10.31
CA GLN G 36 7.04 -34.26 10.99
C GLN G 36 8.19 -33.29 11.28
N GLN G 37 8.76 -33.39 12.47
CA GLN G 37 9.90 -32.56 12.84
C GLN G 37 11.00 -33.36 13.54
N LYS G 38 12.22 -33.26 12.98
CA LYS G 38 13.42 -33.85 13.57
C LYS G 38 14.09 -32.81 14.47
N PRO G 39 14.83 -33.24 15.50
CA PRO G 39 15.46 -32.28 16.42
C PRO G 39 16.42 -31.33 15.71
N GLY G 40 16.21 -30.03 15.88
CA GLY G 40 17.08 -29.02 15.28
C GLY G 40 16.81 -28.74 13.81
N LYS G 41 15.73 -29.33 13.29
CA LYS G 41 15.34 -29.14 11.89
C LYS G 41 13.96 -28.48 11.79
N ALA G 42 13.62 -28.02 10.59
CA ALA G 42 12.33 -27.38 10.32
C ALA G 42 11.24 -28.42 10.18
N PRO G 43 10.00 -28.09 10.59
CA PRO G 43 8.88 -29.01 10.37
C PRO G 43 8.66 -29.28 8.88
N LYS G 44 8.18 -30.49 8.57
CA LYS G 44 7.88 -30.87 7.20
C LYS G 44 6.42 -31.28 7.09
N LEU G 45 5.72 -30.70 6.12
CA LEU G 45 4.33 -31.05 5.84
C LEU G 45 4.23 -32.47 5.32
N LEU G 46 3.34 -33.25 5.92
CA LEU G 46 3.10 -34.63 5.48
C LEU G 46 1.75 -34.74 4.79
N ILE G 47 0.70 -34.44 5.54
CA ILE G 47 -0.67 -34.59 5.09
C ILE G 47 -1.44 -33.31 5.39
N TYR G 48 -2.35 -32.94 4.50
CA TYR G 48 -3.21 -31.77 4.72
C TYR G 48 -4.63 -32.06 4.28
N LYS G 49 -5.56 -31.20 4.72
CA LYS G 49 -6.98 -31.43 4.55
C LYS G 49 -7.35 -32.85 5.02
N ALA G 50 -6.84 -33.19 6.21
CA ALA G 50 -7.08 -34.47 6.89
C ALA G 50 -6.49 -35.71 6.22
N SER G 51 -6.66 -35.83 4.90
CA SER G 51 -6.35 -37.07 4.19
C SER G 51 -5.55 -36.92 2.90
N THR G 52 -5.27 -35.70 2.45
CA THR G 52 -4.47 -35.50 1.24
C THR G 52 -2.97 -35.64 1.54
N LEU G 53 -2.32 -36.58 0.87
CA LEU G 53 -0.88 -36.81 1.02
C LEU G 53 -0.09 -35.86 0.11
N LYS G 54 0.80 -35.07 0.71
CA LYS G 54 1.67 -34.17 -0.04
C LYS G 54 2.62 -35.00 -0.89
N THR G 55 2.63 -34.71 -2.19
CA THR G 55 3.44 -35.46 -3.15
C THR G 55 4.92 -35.43 -2.78
N GLY G 56 5.52 -36.61 -2.64
CA GLY G 56 6.89 -36.76 -2.18
C GLY G 56 6.98 -37.42 -0.83
N VAL G 57 5.93 -37.25 -0.02
CA VAL G 57 5.79 -37.98 1.24
C VAL G 57 5.47 -39.42 0.87
N PRO G 58 6.17 -40.40 1.49
CA PRO G 58 5.96 -41.82 1.17
C PRO G 58 4.53 -42.29 1.47
N SER G 59 4.13 -43.37 0.82
CA SER G 59 2.75 -43.86 0.92
C SER G 59 2.39 -44.47 2.29
N ARG G 60 3.40 -44.86 3.07
CA ARG G 60 3.15 -45.47 4.39
C ARG G 60 2.44 -44.52 5.37
N PHE G 61 2.50 -43.23 5.08
CA PHE G 61 1.76 -42.23 5.84
C PHE G 61 0.33 -42.08 5.30
N SER G 62 -0.62 -41.96 6.22
CA SER G 62 -2.02 -41.70 5.86
C SER G 62 -2.75 -41.03 7.01
N GLY G 63 -3.68 -40.15 6.67
CA GLY G 63 -4.52 -39.51 7.67
C GLY G 63 -5.99 -39.68 7.34
N SER G 64 -6.82 -39.74 8.37
CA SER G 64 -8.28 -39.75 8.16
C SER G 64 -9.00 -38.91 9.22
N GLY G 65 -10.31 -38.82 9.10
CA GLY G 65 -11.15 -38.11 10.06
C GLY G 65 -11.79 -36.85 9.54
N SER G 66 -12.67 -36.29 10.35
CA SER G 66 -13.45 -35.08 10.04
C SER G 66 -14.17 -34.64 11.30
N GLY G 67 -14.69 -33.42 11.30
CA GLY G 67 -15.39 -32.90 12.47
C GLY G 67 -14.43 -32.65 13.60
N THR G 68 -14.51 -33.48 14.64
CA THR G 68 -13.73 -33.27 15.86
C THR G 68 -12.73 -34.36 16.19
N GLU G 69 -12.50 -35.30 15.26
CA GLU G 69 -11.56 -36.41 15.51
C GLU G 69 -10.77 -36.83 14.26
N PHE G 70 -9.44 -36.82 14.40
CA PHE G 70 -8.52 -37.02 13.27
C PHE G 70 -7.38 -37.95 13.63
N THR G 71 -7.06 -38.86 12.72
CA THR G 71 -6.04 -39.86 12.99
C THR G 71 -4.88 -39.76 11.99
N LEU G 72 -3.67 -40.07 12.45
CA LEU G 72 -2.52 -40.23 11.57
C LEU G 72 -1.96 -41.63 11.75
N THR G 73 -1.69 -42.30 10.64
CA THR G 73 -1.24 -43.69 10.67
C THR G 73 0.04 -43.83 9.86
N ILE G 74 1.07 -44.41 10.49
CA ILE G 74 2.27 -44.82 9.78
C ILE G 74 2.31 -46.35 9.72
N SER G 75 2.09 -46.91 8.52
CA SER G 75 2.04 -48.36 8.35
C SER G 75 3.40 -48.93 7.96
N GLY G 76 4.14 -49.39 8.96
CA GLY G 76 5.49 -49.91 8.77
C GLY G 76 6.56 -48.85 9.02
N LEU G 77 6.92 -48.69 10.29
CA LEU G 77 7.89 -47.68 10.70
C LEU G 77 9.30 -47.96 10.18
N GLN G 78 9.96 -46.91 9.70
CA GLN G 78 11.37 -46.97 9.36
C GLN G 78 12.16 -46.29 10.47
N PHE G 79 13.48 -46.43 10.42
CA PHE G 79 14.36 -45.72 11.36
C PHE G 79 14.25 -44.20 11.18
N ASP G 80 14.02 -43.77 9.95
CA ASP G 80 13.86 -42.35 9.62
C ASP G 80 12.60 -41.75 10.25
N ASP G 81 11.60 -42.60 10.48
CA ASP G 81 10.29 -42.15 10.94
C ASP G 81 10.20 -41.78 12.42
N PHE G 82 11.29 -42.00 13.16
CA PHE G 82 11.34 -41.61 14.57
C PHE G 82 11.64 -40.13 14.72
N ALA G 83 10.61 -39.38 15.11
CA ALA G 83 10.67 -37.92 15.22
C ALA G 83 9.47 -37.43 16.03
N THR G 84 9.23 -36.12 16.00
CA THR G 84 8.03 -35.55 16.60
C THR G 84 7.03 -35.20 15.51
N TYR G 85 5.76 -35.54 15.76
CA TYR G 85 4.68 -35.27 14.82
C TYR G 85 3.71 -34.27 15.43
N HIS G 86 3.32 -33.28 14.63
CA HIS G 86 2.48 -32.18 15.06
C HIS G 86 1.22 -32.12 14.22
N CYS G 87 0.05 -31.95 14.87
CA CYS G 87 -1.18 -31.63 14.14
C CYS G 87 -1.46 -30.13 14.15
N GLN G 88 -2.08 -29.65 13.08
CA GLN G 88 -2.36 -28.22 12.93
C GLN G 88 -3.73 -28.02 12.31
N HIS G 89 -4.49 -27.08 12.87
CA HIS G 89 -5.74 -26.64 12.26
C HIS G 89 -5.55 -25.25 11.67
N TYR G 90 -5.88 -25.12 10.39
CA TYR G 90 -5.71 -23.87 9.65
C TYR G 90 -7.01 -23.39 9.03
N ALA G 91 -7.33 -22.13 9.30
CA ALA G 91 -8.52 -21.48 8.80
C ALA G 91 -8.31 -19.98 8.87
N GLY G 92 -8.84 -19.26 7.88
CA GLY G 92 -8.69 -17.83 7.80
C GLY G 92 -7.23 -17.43 7.67
N TYR G 93 -6.76 -16.62 8.62
CA TYR G 93 -5.38 -16.15 8.62
C TYR G 93 -4.60 -16.71 9.79
N SER G 94 -5.33 -17.37 10.68
CA SER G 94 -4.76 -17.91 11.90
C SER G 94 -4.45 -19.39 11.74
N ALA G 95 -3.84 -19.96 12.77
CA ALA G 95 -3.62 -21.39 12.89
C ALA G 95 -3.35 -21.73 14.34
N THR G 96 -3.58 -22.98 14.70
CA THR G 96 -3.26 -23.48 16.02
C THR G 96 -2.80 -24.93 15.93
N PHE G 97 -1.85 -25.31 16.80
CA PHE G 97 -1.23 -26.65 16.75
C PHE G 97 -1.61 -27.50 17.97
N GLY G 98 -1.34 -28.80 17.88
CA GLY G 98 -1.46 -29.70 19.01
C GLY G 98 -0.19 -29.65 19.85
N GLN G 99 -0.15 -30.42 20.93
CA GLN G 99 1.01 -30.39 21.83
C GLN G 99 2.23 -31.11 21.24
N GLY G 100 2.00 -32.04 20.31
CA GLY G 100 3.06 -32.82 19.70
C GLY G 100 3.13 -34.23 20.22
N THR G 101 3.57 -35.16 19.38
CA THR G 101 3.74 -36.55 19.77
C THR G 101 5.15 -37.01 19.41
N ARG G 102 5.87 -37.52 20.41
CA ARG G 102 7.26 -37.98 20.20
C ARG G 102 7.31 -39.50 20.04
N VAL G 103 7.85 -39.93 18.89
CA VAL G 103 7.95 -41.36 18.56
C VAL G 103 9.37 -41.86 18.81
N GLU G 104 9.49 -42.79 19.75
CA GLU G 104 10.77 -43.33 20.16
C GLU G 104 10.83 -44.85 20.02
N ILE G 105 12.04 -45.39 20.03
CA ILE G 105 12.27 -46.83 19.90
C ILE G 105 12.02 -47.55 21.22
N LYS G 106 11.17 -48.58 21.18
CA LYS G 106 10.81 -49.35 22.35
C LYS G 106 11.97 -50.20 22.85
N ARG G 107 12.20 -50.13 24.16
CA ARG G 107 13.15 -50.99 24.86
C ARG G 107 12.78 -51.03 26.35
N THR G 108 13.48 -51.85 27.13
CA THR G 108 13.17 -52.02 28.56
C THR G 108 13.51 -50.77 29.36
N VAL G 109 12.83 -50.60 30.49
CA VAL G 109 13.12 -49.49 31.40
C VAL G 109 14.56 -49.59 31.89
N ALA G 110 15.27 -48.46 31.88
CA ALA G 110 16.62 -48.39 32.42
C ALA G 110 16.76 -47.21 33.38
N ALA G 111 17.21 -47.52 34.59
CA ALA G 111 17.47 -46.51 35.60
C ALA G 111 18.81 -45.82 35.31
N PRO G 112 18.88 -44.49 35.50
CA PRO G 112 20.13 -43.76 35.21
C PRO G 112 21.26 -44.12 36.17
N SER G 113 22.49 -44.07 35.66
CA SER G 113 23.69 -44.20 36.48
C SER G 113 24.22 -42.81 36.77
N VAL G 114 24.22 -42.43 38.05
CA VAL G 114 24.52 -41.05 38.44
C VAL G 114 25.98 -40.85 38.86
N PHE G 115 26.62 -39.86 38.24
CA PHE G 115 27.98 -39.48 38.56
C PHE G 115 28.04 -37.96 38.77
N ILE G 116 28.80 -37.53 39.78
CA ILE G 116 29.00 -36.11 40.06
C ILE G 116 30.50 -35.76 39.89
N PHE G 117 30.77 -34.54 39.45
CA PHE G 117 32.14 -34.08 39.21
C PHE G 117 32.39 -32.68 39.80
N PRO G 118 33.43 -32.54 40.63
CA PRO G 118 33.78 -31.20 41.15
C PRO G 118 34.42 -30.34 40.05
N PRO G 119 34.50 -29.01 40.24
CA PRO G 119 35.24 -28.22 39.26
C PRO G 119 36.73 -28.52 39.31
N SER G 120 37.42 -28.38 38.19
CA SER G 120 38.86 -28.57 38.15
C SER G 120 39.56 -27.42 38.85
N ASP G 121 40.70 -27.71 39.47
CA ASP G 121 41.51 -26.68 40.14
C ASP G 121 41.96 -25.57 39.21
N GLU G 122 42.08 -25.90 37.92
CA GLU G 122 42.44 -24.92 36.88
C GLU G 122 41.33 -23.91 36.65
N GLN G 123 40.09 -24.41 36.52
CA GLN G 123 38.94 -23.55 36.31
C GLN G 123 38.65 -22.71 37.55
N LEU G 124 38.81 -23.33 38.71
CA LEU G 124 38.58 -22.68 40.00
C LEU G 124 39.53 -21.50 40.18
N LYS G 125 40.78 -21.69 39.79
CA LYS G 125 41.83 -20.66 39.86
C LYS G 125 41.51 -19.48 38.94
N SER G 126 40.84 -19.76 37.82
CA SER G 126 40.50 -18.72 36.85
C SER G 126 39.26 -17.90 37.24
N GLY G 127 38.47 -18.42 38.19
CA GLY G 127 37.37 -17.65 38.77
C GLY G 127 35.98 -18.23 38.72
N THR G 128 35.83 -19.39 38.09
CA THR G 128 34.50 -20.01 37.93
C THR G 128 34.48 -21.45 38.42
N ALA G 129 33.34 -21.88 38.94
CA ALA G 129 33.14 -23.26 39.36
C ALA G 129 32.02 -23.93 38.59
N SER G 130 32.34 -25.02 37.90
CA SER G 130 31.35 -25.82 37.19
C SER G 130 31.22 -27.20 37.82
N VAL G 131 30.08 -27.42 38.46
CA VAL G 131 29.77 -28.71 39.06
C VAL G 131 28.88 -29.49 38.11
N VAL G 132 29.38 -30.63 37.64
CA VAL G 132 28.68 -31.42 36.62
C VAL G 132 28.03 -32.67 37.21
N CYS G 133 26.79 -32.93 36.80
CA CYS G 133 26.09 -34.14 37.17
C CYS G 133 25.66 -34.95 35.95
N LEU G 134 26.24 -36.15 35.82
CA LEU G 134 25.94 -37.03 34.68
C LEU G 134 24.89 -38.09 35.03
N LEU G 135 23.87 -38.18 34.20
CA LEU G 135 22.86 -39.25 34.28
C LEU G 135 23.01 -40.17 33.08
N ASN G 136 23.61 -41.34 33.30
CA ASN G 136 24.00 -42.19 32.18
C ASN G 136 23.04 -43.33 31.85
N ASN G 137 22.72 -43.43 30.56
CA ASN G 137 21.97 -44.55 29.98
C ASN G 137 20.67 -44.87 30.68
N PHE G 138 19.66 -44.03 30.45
CA PHE G 138 18.34 -44.25 31.03
C PHE G 138 17.24 -44.28 29.98
N TYR G 139 16.13 -44.93 30.34
CA TYR G 139 14.95 -45.00 29.51
C TYR G 139 13.75 -45.28 30.43
N PRO G 140 12.61 -44.59 30.20
CA PRO G 140 12.35 -43.59 29.17
C PRO G 140 13.00 -42.22 29.45
N ARG G 141 12.61 -41.21 28.70
CA ARG G 141 13.32 -39.95 28.63
C ARG G 141 13.20 -39.04 29.87
N GLU G 142 12.03 -39.00 30.50
CA GLU G 142 11.82 -38.06 31.62
C GLU G 142 12.62 -38.41 32.89
N ALA G 143 13.65 -37.61 33.14
CA ALA G 143 14.48 -37.72 34.33
C ALA G 143 14.65 -36.33 34.93
N LYS G 144 14.61 -36.23 36.25
CA LYS G 144 14.73 -34.94 36.91
C LYS G 144 15.97 -34.80 37.78
N VAL G 145 16.70 -33.70 37.57
CA VAL G 145 17.93 -33.42 38.28
C VAL G 145 17.70 -32.23 39.21
N GLN G 146 18.04 -32.42 40.48
CA GLN G 146 17.92 -31.38 41.49
C GLN G 146 19.30 -31.05 42.02
N TRP G 147 19.57 -29.77 42.26
CA TRP G 147 20.83 -29.36 42.87
C TRP G 147 20.63 -28.90 44.31
N LYS G 148 21.45 -29.45 45.20
CA LYS G 148 21.42 -29.06 46.61
C LYS G 148 22.80 -28.64 47.09
N VAL G 149 22.89 -27.43 47.62
CA VAL G 149 24.12 -26.90 48.18
C VAL G 149 23.90 -26.65 49.66
N ASP G 150 24.59 -27.44 50.49
CA ASP G 150 24.39 -27.43 51.95
C ASP G 150 22.93 -27.67 52.34
N ASN G 151 22.27 -28.56 51.59
CA ASN G 151 20.84 -28.86 51.76
C ASN G 151 19.88 -27.75 51.33
N ALA G 152 20.41 -26.74 50.64
CA ALA G 152 19.57 -25.67 50.08
C ALA G 152 19.30 -25.95 48.61
N LEU G 153 18.04 -25.84 48.23
CA LEU G 153 17.59 -26.09 46.87
C LEU G 153 18.07 -24.98 45.94
N GLN G 154 18.49 -25.36 44.75
CA GLN G 154 18.99 -24.40 43.76
C GLN G 154 18.01 -24.25 42.61
N SER G 155 17.92 -23.03 42.08
CA SER G 155 17.15 -22.79 40.85
C SER G 155 17.74 -21.61 40.10
N GLY G 156 17.63 -21.65 38.78
CA GLY G 156 18.11 -20.56 37.92
C GLY G 156 19.60 -20.53 37.64
N ASN G 157 20.37 -21.35 38.35
CA ASN G 157 21.82 -21.35 38.17
C ASN G 157 22.39 -22.63 37.55
N SER G 158 21.55 -23.36 36.83
CA SER G 158 21.97 -24.59 36.16
C SER G 158 21.36 -24.72 34.76
N GLN G 159 22.10 -25.41 33.89
CA GLN G 159 21.64 -25.72 32.54
C GLN G 159 21.84 -27.20 32.28
N GLU G 160 20.98 -27.78 31.44
CA GLU G 160 21.09 -29.21 31.11
C GLU G 160 20.95 -29.50 29.61
N SER G 161 21.41 -30.69 29.23
CA SER G 161 21.44 -31.12 27.84
C SER G 161 21.09 -32.60 27.80
N VAL G 162 20.47 -33.06 26.71
CA VAL G 162 20.11 -34.47 26.57
C VAL G 162 20.50 -34.98 25.18
N THR G 163 21.00 -36.22 25.12
CA THR G 163 21.37 -36.83 23.83
C THR G 163 20.17 -37.51 23.19
N GLU G 164 20.26 -37.72 21.87
CA GLU G 164 19.28 -38.52 21.14
C GLU G 164 19.48 -39.99 21.48
N GLN G 165 18.47 -40.82 21.22
CA GLN G 165 18.57 -42.26 21.49
C GLN G 165 19.81 -42.87 20.85
N ASP G 166 20.57 -43.60 21.65
CA ASP G 166 21.82 -44.22 21.23
C ASP G 166 21.54 -45.30 20.17
N SER G 167 22.33 -45.28 19.10
CA SER G 167 22.16 -46.22 18.00
C SER G 167 22.45 -47.67 18.41
N LYS G 168 23.11 -47.85 19.55
CA LYS G 168 23.47 -49.18 20.05
C LYS G 168 22.41 -49.75 21.00
N ASP G 169 22.02 -48.98 22.02
CA ASP G 169 21.13 -49.50 23.06
C ASP G 169 19.85 -48.69 23.27
N SER G 170 19.70 -47.63 22.48
CA SER G 170 18.48 -46.81 22.46
C SER G 170 18.17 -46.10 23.80
N THR G 171 19.20 -45.80 24.58
CA THR G 171 19.04 -45.07 25.83
C THR G 171 19.30 -43.59 25.65
N TYR G 172 18.88 -42.81 26.64
CA TYR G 172 19.15 -41.37 26.70
C TYR G 172 20.16 -41.11 27.80
N SER G 173 20.93 -40.03 27.63
CA SER G 173 21.86 -39.58 28.66
C SER G 173 21.72 -38.08 28.87
N LEU G 174 21.83 -37.65 30.12
CA LEU G 174 21.65 -36.26 30.52
C LEU G 174 22.92 -35.71 31.17
N SER G 175 23.22 -34.46 30.87
CA SER G 175 24.32 -33.74 31.50
C SER G 175 23.82 -32.41 32.04
N SER G 176 24.14 -32.11 33.29
CA SER G 176 23.71 -30.87 33.92
C SER G 176 24.88 -30.13 34.58
N THR G 177 25.00 -28.84 34.25
CA THR G 177 26.09 -28.02 34.77
C THR G 177 25.56 -26.97 35.75
N LEU G 178 26.10 -26.99 36.96
CA LEU G 178 25.86 -25.94 37.93
C LEU G 178 27.03 -24.96 37.91
N THR G 179 26.73 -23.69 37.65
CA THR G 179 27.75 -22.66 37.51
C THR G 179 27.73 -21.66 38.65
N LEU G 180 28.84 -21.61 39.38
CA LEU G 180 29.02 -20.65 40.47
C LEU G 180 30.33 -19.91 40.33
N SER G 181 30.35 -18.67 40.83
CA SER G 181 31.59 -17.92 40.95
C SER G 181 32.42 -18.52 42.08
N LYS G 182 33.74 -18.48 41.92
CA LYS G 182 34.68 -18.98 42.93
C LYS G 182 34.26 -18.57 44.35
N ALA G 183 34.09 -17.27 44.55
CA ALA G 183 33.63 -16.72 45.83
C ALA G 183 32.45 -17.49 46.39
N ASP G 184 31.40 -17.63 45.60
CA ASP G 184 30.18 -18.33 46.04
C ASP G 184 30.42 -19.82 46.27
N TYR G 185 31.31 -20.42 45.49
CA TYR G 185 31.62 -21.84 45.62
C TYR G 185 32.28 -22.16 46.96
N GLU G 186 33.13 -21.25 47.43
CA GLU G 186 33.90 -21.48 48.63
C GLU G 186 33.11 -21.20 49.91
N LYS G 187 31.91 -20.66 49.76
CA LYS G 187 31.05 -20.36 50.90
C LYS G 187 30.32 -21.59 51.44
N HIS G 188 30.43 -22.72 50.74
CA HIS G 188 29.65 -23.91 51.08
C HIS G 188 30.42 -25.23 51.08
N LYS G 189 29.92 -26.17 51.88
CA LYS G 189 30.62 -27.43 52.15
C LYS G 189 30.25 -28.54 51.16
N VAL G 190 29.01 -29.01 51.23
CA VAL G 190 28.55 -30.18 50.46
C VAL G 190 27.77 -29.80 49.20
N TYR G 191 28.20 -30.35 48.08
CA TYR G 191 27.55 -30.15 46.79
C TYR G 191 26.92 -31.43 46.30
N ALA G 192 25.59 -31.45 46.23
CA ALA G 192 24.82 -32.66 45.98
C ALA G 192 24.01 -32.61 44.67
N CYS G 193 23.72 -33.80 44.15
CA CYS G 193 22.93 -33.97 42.95
C CYS G 193 21.85 -35.03 43.18
N GLU G 194 20.58 -34.61 43.10
CA GLU G 194 19.46 -35.50 43.39
C GLU G 194 18.65 -35.85 42.15
N VAL G 195 18.55 -37.16 41.89
CA VAL G 195 17.98 -37.65 40.64
C VAL G 195 16.73 -38.47 40.87
N THR G 196 15.69 -38.17 40.10
CA THR G 196 14.47 -38.96 40.09
C THR G 196 14.19 -39.48 38.67
N HIS G 197 13.72 -40.71 38.58
CA HIS G 197 13.36 -41.33 37.30
C HIS G 197 12.43 -42.52 37.54
N GLN G 198 11.76 -42.96 36.48
CA GLN G 198 10.84 -44.11 36.54
C GLN G 198 11.49 -45.39 37.08
N GLY G 199 12.71 -45.69 36.63
CA GLY G 199 13.44 -46.89 37.03
C GLY G 199 13.82 -46.89 38.50
N LEU G 200 14.18 -45.70 39.00
CA LEU G 200 14.53 -45.51 40.41
C LEU G 200 13.30 -45.63 41.30
N SER G 201 13.35 -46.54 42.27
CA SER G 201 12.23 -46.74 43.20
C SER G 201 12.20 -45.66 44.28
N SER G 202 13.33 -44.98 44.46
CA SER G 202 13.40 -43.77 45.28
C SER G 202 14.54 -42.89 44.76
N PRO G 203 14.50 -41.58 45.05
CA PRO G 203 15.51 -40.67 44.52
C PRO G 203 16.93 -41.04 44.94
N VAL G 204 17.87 -40.87 44.02
CA VAL G 204 19.27 -41.23 44.25
C VAL G 204 20.12 -39.95 44.33
N THR G 205 20.85 -39.81 45.43
CA THR G 205 21.68 -38.62 45.64
C THR G 205 23.16 -38.98 45.60
N LYS G 206 23.92 -38.23 44.82
CA LYS G 206 25.38 -38.31 44.82
C LYS G 206 25.92 -36.95 45.22
N SER G 207 26.96 -36.93 46.05
CA SER G 207 27.52 -35.69 46.57
C SER G 207 29.03 -35.74 46.83
N PHE G 208 29.62 -34.56 47.05
CA PHE G 208 31.01 -34.43 47.45
C PHE G 208 31.20 -33.23 48.37
N ASN G 209 32.31 -33.21 49.10
CA ASN G 209 32.73 -32.08 49.93
C ASN G 209 33.97 -31.42 49.35
N ARG G 210 34.05 -30.09 49.42
CA ARG G 210 35.25 -29.37 48.96
C ARG G 210 36.51 -29.83 49.69
N GLY G 211 37.32 -30.65 49.03
CA GLY G 211 38.55 -31.18 49.62
C GLY G 211 38.31 -32.26 50.67
N GLU H 1 14.47 -25.67 -4.81
CA GLU H 1 13.05 -25.57 -4.42
C GLU H 1 12.80 -24.37 -3.53
N VAL H 2 11.52 -24.13 -3.23
CA VAL H 2 11.08 -23.04 -2.37
C VAL H 2 11.83 -23.04 -1.04
N GLN H 3 12.63 -21.99 -0.82
CA GLN H 3 13.41 -21.83 0.40
C GLN H 3 13.03 -20.57 1.14
N LEU H 4 13.17 -20.61 2.46
CA LEU H 4 13.04 -19.44 3.32
C LEU H 4 14.24 -19.41 4.24
N VAL H 5 14.57 -18.24 4.76
CA VAL H 5 15.69 -18.09 5.70
C VAL H 5 15.45 -16.97 6.71
N GLU H 6 15.36 -17.33 7.99
CA GLU H 6 15.28 -16.33 9.07
C GLU H 6 16.66 -15.82 9.42
N SER H 7 16.70 -14.61 9.96
CA SER H 7 17.89 -14.09 10.64
C SER H 7 17.47 -13.01 11.64
N GLY H 8 18.26 -12.86 12.70
CA GLY H 8 17.98 -11.87 13.73
C GLY H 8 18.14 -12.38 15.16
N GLY H 9 17.96 -13.69 15.33
CA GLY H 9 17.97 -14.31 16.65
C GLY H 9 19.17 -13.98 17.52
N GLY H 10 18.99 -14.06 18.83
CA GLY H 10 20.07 -13.82 19.77
C GLY H 10 19.64 -13.92 21.22
N LEU H 11 20.51 -13.45 22.10
CA LEU H 11 20.19 -13.31 23.51
C LEU H 11 19.59 -11.95 23.76
N VAL H 12 18.43 -11.94 24.41
CA VAL H 12 17.77 -10.72 24.82
C VAL H 12 17.49 -10.78 26.30
N LYS H 13 17.74 -9.69 27.01
CA LYS H 13 17.35 -9.58 28.40
C LYS H 13 15.85 -9.24 28.52
N ALA H 14 15.20 -9.80 29.53
CA ALA H 14 13.76 -9.61 29.76
C ALA H 14 13.37 -8.13 29.79
N GLY H 15 12.36 -7.77 29.01
CA GLY H 15 11.97 -6.37 28.85
C GLY H 15 12.51 -5.75 27.58
N GLY H 16 13.65 -6.26 27.08
CA GLY H 16 14.27 -5.74 25.88
C GLY H 16 13.51 -6.04 24.60
N SER H 17 14.09 -5.64 23.46
CA SER H 17 13.44 -5.82 22.17
C SER H 17 14.31 -6.63 21.22
N LEU H 18 13.69 -7.24 20.21
CA LEU H 18 14.41 -7.91 19.14
C LEU H 18 13.59 -7.87 17.85
N ILE H 19 14.28 -7.75 16.72
CA ILE H 19 13.63 -7.70 15.41
C ILE H 19 14.16 -8.81 14.52
N LEU H 20 13.26 -9.65 14.02
CA LEU H 20 13.64 -10.74 13.13
C LEU H 20 13.22 -10.41 11.70
N SER H 21 13.94 -10.97 10.73
CA SER H 21 13.54 -10.87 9.34
C SER H 21 13.51 -12.26 8.68
N CYS H 22 12.80 -12.34 7.57
CA CYS H 22 12.61 -13.58 6.84
C CYS H 22 12.73 -13.27 5.35
N GLY H 23 13.70 -13.91 4.70
CA GLY H 23 13.92 -13.75 3.27
C GLY H 23 13.63 -15.04 2.54
N VAL H 24 13.16 -14.93 1.30
CA VAL H 24 12.73 -16.11 0.55
C VAL H 24 13.48 -16.32 -0.78
N SER H 25 13.50 -17.57 -1.23
CA SER H 25 14.08 -17.94 -2.52
C SER H 25 13.06 -18.70 -3.36
N ASN H 26 13.14 -18.52 -4.67
CA ASN H 26 12.34 -19.27 -5.65
C ASN H 26 10.81 -19.10 -5.57
N PHE H 27 10.35 -17.98 -5.01
CA PHE H 27 8.94 -17.59 -5.11
C PHE H 27 8.71 -16.14 -4.72
N ARG H 28 7.46 -15.68 -4.87
CA ARG H 28 7.09 -14.33 -4.49
C ARG H 28 6.11 -14.35 -3.33
N ILE H 29 6.43 -13.60 -2.26
CA ILE H 29 5.58 -13.59 -1.08
C ILE H 29 4.22 -12.93 -1.35
N SER H 30 4.16 -12.02 -2.30
CA SER H 30 2.94 -11.27 -2.60
C SER H 30 1.71 -12.16 -2.83
N ALA H 31 1.96 -13.41 -3.21
CA ALA H 31 0.90 -14.39 -3.42
C ALA H 31 0.41 -15.06 -2.13
N HIS H 32 1.20 -14.95 -1.06
CA HIS H 32 0.96 -15.76 0.14
C HIS H 32 0.73 -14.97 1.42
N THR H 33 -0.12 -15.50 2.29
CA THR H 33 -0.18 -15.06 3.67
C THR H 33 1.08 -15.58 4.34
N MET H 34 1.77 -14.73 5.08
CA MET H 34 2.99 -15.17 5.77
C MET H 34 2.75 -15.29 7.27
N ASN H 35 3.40 -16.29 7.88
CA ASN H 35 3.21 -16.60 9.28
C ASN H 35 4.53 -16.70 10.03
N TRP H 36 4.49 -16.34 11.31
CA TRP H 36 5.59 -16.66 12.23
C TRP H 36 5.15 -17.75 13.21
N VAL H 37 6.00 -18.76 13.37
CA VAL H 37 5.74 -19.90 14.26
C VAL H 37 6.99 -20.14 15.10
N ARG H 38 6.79 -20.51 16.37
CA ARG H 38 7.89 -20.79 17.29
C ARG H 38 7.81 -22.17 17.91
N ARG H 39 8.97 -22.78 18.15
CA ARG H 39 9.05 -24.03 18.90
C ARG H 39 9.61 -23.75 20.28
N VAL H 40 8.78 -23.93 21.29
CA VAL H 40 9.18 -23.70 22.67
C VAL H 40 9.96 -24.92 23.20
N PRO H 41 10.93 -24.68 24.12
CA PRO H 41 11.76 -25.76 24.67
C PRO H 41 10.98 -27.00 25.05
N GLY H 42 9.72 -26.82 25.48
CA GLY H 42 8.84 -27.93 25.85
C GLY H 42 8.68 -28.97 24.74
N GLY H 43 8.64 -28.50 23.49
CA GLY H 43 8.58 -29.41 22.34
C GLY H 43 7.58 -28.99 21.27
N GLY H 44 6.45 -28.45 21.69
CA GLY H 44 5.36 -28.10 20.77
C GLY H 44 5.60 -26.85 19.93
N LEU H 45 4.70 -26.62 18.98
CA LEU H 45 4.73 -25.41 18.17
C LEU H 45 3.60 -24.45 18.54
N GLU H 46 3.89 -23.15 18.49
CA GLU H 46 2.88 -22.11 18.68
C GLU H 46 2.85 -21.20 17.47
N TRP H 47 1.65 -20.95 16.96
CA TRP H 47 1.48 -19.93 15.94
C TRP H 47 1.61 -18.57 16.62
N VAL H 48 2.47 -17.71 16.08
CA VAL H 48 2.76 -16.42 16.71
C VAL H 48 1.99 -15.26 16.08
N ALA H 49 2.11 -15.13 14.75
CA ALA H 49 1.54 -14.00 14.02
C ALA H 49 1.41 -14.30 12.54
N SER H 50 0.58 -13.51 11.85
CA SER H 50 0.47 -13.59 10.38
C SER H 50 0.10 -12.25 9.76
N ILE H 51 0.48 -12.09 8.50
CA ILE H 51 0.19 -10.88 7.73
C ILE H 51 -0.35 -11.28 6.35
N SER H 52 -1.49 -10.72 5.99
CA SER H 52 -2.18 -11.07 4.75
C SER H 52 -1.52 -10.42 3.54
N THR H 53 -2.01 -10.76 2.35
CA THR H 53 -1.51 -10.17 1.11
C THR H 53 -1.75 -8.68 1.11
N SER H 54 -0.72 -7.93 0.73
CA SER H 54 -0.70 -6.44 0.79
C SER H 54 -1.21 -5.85 2.13
N SER H 55 -0.87 -6.52 3.23
CA SER H 55 -1.03 -6.00 4.59
C SER H 55 -2.47 -5.59 5.00
N THR H 56 -3.45 -6.22 4.37
CA THR H 56 -4.86 -5.98 4.66
C THR H 56 -5.19 -6.29 6.12
N TYR H 57 -4.70 -7.41 6.61
CA TYR H 57 -4.99 -7.84 7.97
C TYR H 57 -3.79 -8.51 8.60
N ARG H 58 -3.37 -7.98 9.75
CA ARG H 58 -2.33 -8.58 10.57
C ARG H 58 -2.98 -9.30 11.74
N ASP H 59 -2.52 -10.51 12.04
CA ASP H 59 -3.09 -11.28 13.15
C ASP H 59 -2.03 -11.77 14.12
N TYR H 60 -2.39 -11.84 15.40
CA TYR H 60 -1.45 -12.19 16.49
C TYR H 60 -2.07 -13.15 17.50
N ALA H 61 -1.24 -13.96 18.14
CA ALA H 61 -1.67 -14.82 19.24
C ALA H 61 -1.80 -14.02 20.54
N ASP H 62 -2.82 -14.33 21.35
CA ASP H 62 -3.07 -13.65 22.63
C ASP H 62 -1.82 -13.34 23.46
N ALA H 63 -0.90 -14.29 23.51
CA ALA H 63 0.30 -14.15 24.34
C ALA H 63 1.27 -13.03 23.89
N VAL H 64 1.16 -12.64 22.63
CA VAL H 64 2.10 -11.67 22.05
C VAL H 64 1.40 -10.39 21.55
N LYS H 65 0.08 -10.38 21.63
CA LYS H 65 -0.72 -9.23 21.20
C LYS H 65 -0.35 -8.01 22.03
N GLY H 66 -0.01 -6.92 21.34
CA GLY H 66 0.36 -5.68 22.01
C GLY H 66 1.86 -5.52 22.17
N ARG H 67 2.61 -6.57 21.86
CA ARG H 67 4.06 -6.59 22.06
C ARG H 67 4.81 -6.86 20.77
N PHE H 68 4.20 -7.64 19.88
CA PHE H 68 4.80 -8.01 18.61
C PHE H 68 4.17 -7.25 17.44
N THR H 69 4.98 -6.95 16.43
CA THR H 69 4.48 -6.37 15.19
C THR H 69 5.03 -7.17 14.02
N VAL H 70 4.17 -7.52 13.08
CA VAL H 70 4.60 -8.20 11.85
C VAL H 70 4.41 -7.30 10.63
N SER H 71 5.49 -7.14 9.86
CA SER H 71 5.46 -6.34 8.64
C SER H 71 5.90 -7.16 7.45
N ARG H 72 5.43 -6.79 6.27
CA ARG H 72 5.90 -7.40 5.04
C ARG H 72 6.42 -6.36 4.06
N ASP H 73 7.30 -6.83 3.18
CA ASP H 73 7.87 -6.05 2.09
C ASP H 73 7.71 -6.89 0.83
N ASP H 74 6.69 -6.58 0.02
CA ASP H 74 6.35 -7.39 -1.16
C ASP H 74 7.33 -7.26 -2.33
N LEU H 75 7.93 -6.08 -2.47
CA LEU H 75 8.83 -5.81 -3.60
C LEU H 75 10.21 -6.45 -3.47
N GLU H 76 10.63 -6.70 -2.24
CA GLU H 76 11.95 -7.28 -1.97
C GLU H 76 11.82 -8.65 -1.30
N ASP H 77 10.57 -9.05 -1.08
CA ASP H 77 10.19 -10.34 -0.47
C ASP H 77 10.79 -10.57 0.92
N PHE H 78 10.43 -9.69 1.85
CA PHE H 78 10.87 -9.81 3.23
C PHE H 78 9.68 -9.79 4.20
N VAL H 79 9.83 -10.53 5.30
CA VAL H 79 8.85 -10.49 6.36
C VAL H 79 9.59 -10.07 7.62
N TYR H 80 8.98 -9.21 8.43
CA TYR H 80 9.62 -8.75 9.66
C TYR H 80 8.83 -9.14 10.89
N LEU H 81 9.53 -9.39 11.99
CA LEU H 81 8.87 -9.58 13.28
C LEU H 81 9.54 -8.76 14.38
N GLN H 82 8.85 -7.71 14.81
CA GLN H 82 9.27 -6.91 15.94
C GLN H 82 8.80 -7.57 17.22
N MET H 83 9.72 -7.73 18.16
CA MET H 83 9.38 -8.27 19.47
C MET H 83 9.82 -7.28 20.53
N HIS H 84 8.84 -6.72 21.23
CA HIS H 84 9.11 -5.76 22.29
C HIS H 84 8.65 -6.32 23.62
N LYS H 85 9.16 -5.73 24.72
CA LYS H 85 8.75 -6.13 26.07
C LYS H 85 8.87 -7.64 26.26
N MET H 86 10.03 -8.18 25.87
CA MET H 86 10.21 -9.61 25.73
C MET H 86 10.20 -10.34 27.08
N ARG H 87 9.43 -11.43 27.13
CA ARG H 87 9.31 -12.25 28.32
C ARG H 87 10.17 -13.51 28.22
N VAL H 88 10.38 -14.14 29.37
CA VAL H 88 11.13 -15.40 29.46
C VAL H 88 10.52 -16.49 28.59
N GLU H 89 9.19 -16.56 28.53
CA GLU H 89 8.49 -17.55 27.72
C GLU H 89 8.51 -17.27 26.21
N ASP H 90 9.13 -16.17 25.79
CA ASP H 90 9.35 -15.93 24.37
C ASP H 90 10.60 -16.66 23.87
N THR H 91 11.32 -17.28 24.80
CA THR H 91 12.44 -18.15 24.46
C THR H 91 11.92 -19.31 23.63
N ALA H 92 12.36 -19.38 22.38
CA ALA H 92 11.92 -20.39 21.42
C ALA H 92 12.75 -20.32 20.14
N ILE H 93 12.68 -21.37 19.32
CA ILE H 93 13.17 -21.30 17.94
C ILE H 93 12.05 -20.70 17.10
N TYR H 94 12.35 -19.63 16.37
CA TYR H 94 11.35 -18.95 15.53
C TYR H 94 11.49 -19.29 14.06
N TYR H 95 10.37 -19.64 13.43
CA TYR H 95 10.31 -19.93 11.99
C TYR H 95 9.32 -18.98 11.31
N CYS H 96 9.61 -18.58 10.08
CA CYS H 96 8.56 -18.03 9.22
C CYS H 96 8.10 -19.12 8.27
N ALA H 97 6.81 -19.14 8.00
CA ALA H 97 6.23 -20.12 7.08
C ALA H 97 5.20 -19.46 6.18
N ARG H 98 5.09 -19.96 4.95
CA ARG H 98 4.04 -19.47 4.06
C ARG H 98 2.82 -20.36 4.11
N LYS H 99 1.65 -19.75 3.89
CA LYS H 99 0.42 -20.48 3.71
C LYS H 99 0.30 -20.76 2.21
N GLY H 100 0.42 -22.03 1.83
CA GLY H 100 0.40 -22.43 0.42
C GLY H 100 0.45 -23.93 0.21
N SER H 101 0.44 -24.36 -1.05
CA SER H 101 0.56 -25.78 -1.40
C SER H 101 0.85 -26.02 -2.88
N ASP H 102 0.99 -27.29 -3.25
CA ASP H 102 1.18 -27.72 -4.65
C ASP H 102 0.25 -26.97 -5.59
N ARG H 103 -1.04 -26.98 -5.25
CA ARG H 103 -2.07 -26.22 -5.97
C ARG H 103 -2.79 -25.31 -4.97
N LEU H 104 -2.52 -24.00 -5.06
CA LEU H 104 -3.09 -23.02 -4.12
C LEU H 104 -4.61 -23.07 -4.06
N SER H 105 -5.17 -22.81 -2.88
CA SER H 105 -6.63 -22.78 -2.70
C SER H 105 -7.05 -21.75 -1.65
N ASP H 106 -8.35 -21.70 -1.35
CA ASP H 106 -8.92 -20.73 -0.41
C ASP H 106 -8.46 -20.89 1.04
N ASN H 107 -8.06 -22.10 1.41
CA ASN H 107 -7.55 -22.39 2.75
C ASN H 107 -6.42 -23.41 2.69
N ASP H 108 -5.19 -22.92 2.81
CA ASP H 108 -3.99 -23.76 2.63
C ASP H 108 -3.20 -23.97 3.92
N PRO H 109 -2.42 -25.06 4.00
CA PRO H 109 -1.53 -25.30 5.14
C PRO H 109 -0.24 -24.50 5.01
N PHE H 110 0.71 -24.78 5.91
CA PHE H 110 2.04 -24.18 5.87
C PHE H 110 3.00 -25.15 5.19
N ASP H 111 3.17 -25.01 3.88
CA ASP H 111 3.94 -25.99 3.10
C ASP H 111 5.45 -25.74 3.07
N ALA H 112 5.86 -24.53 3.42
CA ALA H 112 7.26 -24.13 3.28
C ALA H 112 7.78 -23.34 4.49
N TRP H 113 8.76 -23.92 5.17
CA TRP H 113 9.26 -23.36 6.42
C TRP H 113 10.73 -22.99 6.32
N GLY H 114 11.12 -21.96 7.06
CA GLY H 114 12.54 -21.64 7.21
C GLY H 114 13.19 -22.60 8.20
N PRO H 115 14.53 -22.60 8.29
CA PRO H 115 15.23 -23.55 9.16
C PRO H 115 15.09 -23.22 10.65
N GLY H 116 14.80 -21.96 10.97
CA GLY H 116 14.60 -21.53 12.33
C GLY H 116 15.73 -20.68 12.87
N THR H 117 15.38 -19.66 13.63
CA THR H 117 16.35 -18.81 14.32
C THR H 117 16.11 -18.85 15.84
N VAL H 118 17.20 -18.98 16.60
CA VAL H 118 17.09 -19.15 18.04
C VAL H 118 16.99 -17.81 18.79
N VAL H 119 15.86 -17.63 19.49
CA VAL H 119 15.68 -16.49 20.38
C VAL H 119 15.68 -17.01 21.81
N THR H 120 16.49 -16.39 22.66
CA THR H 120 16.62 -16.80 24.04
C THR H 120 16.57 -15.59 24.98
N VAL H 121 15.49 -15.48 25.73
CA VAL H 121 15.29 -14.36 26.65
C VAL H 121 15.74 -14.71 28.06
N SER H 122 16.74 -13.98 28.54
CA SER H 122 17.34 -14.19 29.85
C SER H 122 16.47 -13.57 30.95
N PRO H 123 16.21 -14.32 32.02
CA PRO H 123 15.36 -13.83 33.12
C PRO H 123 15.89 -12.56 33.79
N ALA H 124 17.20 -12.50 34.01
CA ALA H 124 17.82 -11.34 34.66
C ALA H 124 17.79 -10.13 33.73
N SER H 125 16.92 -9.18 34.04
CA SER H 125 16.80 -7.94 33.28
C SER H 125 17.71 -6.85 33.86
N THR H 126 18.47 -7.23 34.88
CA THR H 126 19.25 -6.29 35.69
C THR H 126 20.45 -6.99 36.34
N LYS H 127 21.55 -6.27 36.47
CA LYS H 127 22.72 -6.76 37.20
C LYS H 127 23.42 -5.61 37.92
N GLY H 128 23.68 -5.82 39.22
CA GLY H 128 24.41 -4.86 40.04
C GLY H 128 25.91 -4.92 39.81
N PRO H 129 26.63 -3.85 40.15
CA PRO H 129 28.06 -3.77 39.89
C PRO H 129 28.97 -4.21 41.03
N SER H 130 30.22 -4.53 40.69
CA SER H 130 31.29 -4.75 41.67
C SER H 130 32.12 -3.47 41.77
N VAL H 131 32.60 -3.15 42.98
CA VAL H 131 33.35 -1.92 43.20
C VAL H 131 34.79 -2.16 43.72
N PHE H 132 35.76 -1.96 42.82
CA PHE H 132 37.17 -2.20 43.14
C PHE H 132 37.92 -0.88 43.32
N PRO H 133 38.64 -0.73 44.45
CA PRO H 133 39.33 0.51 44.75
C PRO H 133 40.60 0.71 43.93
N LEU H 134 40.70 1.88 43.28
CA LEU H 134 41.92 2.32 42.60
C LEU H 134 42.79 3.08 43.61
N ALA H 135 43.60 2.33 44.36
CA ALA H 135 44.39 2.86 45.47
C ALA H 135 45.47 3.85 45.03
N PRO H 136 45.62 4.96 45.78
CA PRO H 136 46.62 5.98 45.46
C PRO H 136 48.05 5.48 45.67
N SER H 137 48.95 5.92 44.79
CA SER H 137 50.37 5.63 44.90
C SER H 137 51.00 6.59 45.92
N SER H 138 51.39 6.04 47.07
CA SER H 138 51.82 6.85 48.22
C SER H 138 53.30 7.27 48.19
N LYS H 139 54.01 6.92 47.13
CA LYS H 139 55.45 7.21 47.01
C LYS H 139 55.84 7.91 45.70
N SER H 140 54.89 7.96 44.75
CA SER H 140 55.16 8.49 43.41
C SER H 140 55.60 9.96 43.36
N THR H 141 54.62 10.87 43.31
CA THR H 141 54.90 12.29 43.06
C THR H 141 55.03 13.16 44.32
N SER H 142 55.75 12.64 45.32
CA SER H 142 56.08 13.35 46.57
C SER H 142 54.87 13.88 47.35
N GLY H 143 55.07 14.96 48.10
CA GLY H 143 54.01 15.59 48.89
C GLY H 143 53.33 16.75 48.18
N GLY H 144 52.69 16.47 47.04
CA GLY H 144 51.94 17.46 46.28
C GLY H 144 50.47 17.09 46.18
N THR H 145 50.07 16.54 45.04
CA THR H 145 48.74 15.97 44.87
C THR H 145 48.76 14.52 44.37
N ALA H 146 47.88 13.71 44.93
CA ALA H 146 47.74 12.31 44.54
C ALA H 146 46.33 12.05 44.01
N ALA H 147 46.22 11.05 43.15
CA ALA H 147 44.92 10.65 42.60
C ALA H 147 44.49 9.28 43.14
N LEU H 148 43.21 9.16 43.46
CA LEU H 148 42.61 7.90 43.88
C LEU H 148 41.20 7.79 43.31
N GLY H 149 40.66 6.57 43.25
CA GLY H 149 39.35 6.38 42.66
C GLY H 149 38.67 5.05 42.87
N CYS H 150 37.47 4.93 42.30
CA CYS H 150 36.69 3.70 42.34
C CYS H 150 36.42 3.23 40.92
N LEU H 151 36.55 1.91 40.72
CA LEU H 151 36.23 1.28 39.46
C LEU H 151 34.96 0.45 39.61
N VAL H 152 33.92 0.83 38.88
CA VAL H 152 32.63 0.17 38.96
C VAL H 152 32.45 -0.76 37.75
N LYS H 153 32.49 -2.07 38.00
CA LYS H 153 32.50 -3.06 36.92
C LYS H 153 31.28 -3.98 36.85
N ASP H 154 30.90 -4.33 35.62
CA ASP H 154 29.89 -5.35 35.32
C ASP H 154 28.49 -5.05 35.89
N TYR H 155 27.85 -4.01 35.36
CA TYR H 155 26.46 -3.67 35.72
C TYR H 155 25.59 -3.48 34.48
N PHE H 156 24.30 -3.75 34.63
CA PHE H 156 23.31 -3.55 33.56
C PHE H 156 21.95 -3.18 34.14
N PRO H 157 21.25 -2.20 33.52
CA PRO H 157 21.69 -1.34 32.43
C PRO H 157 22.31 -0.06 32.98
N GLU H 158 22.04 1.07 32.33
CA GLU H 158 22.47 2.37 32.82
C GLU H 158 21.32 3.12 33.52
N PRO H 159 21.63 4.18 34.29
CA PRO H 159 22.94 4.72 34.62
C PRO H 159 23.45 4.30 36.01
N VAL H 160 24.57 4.89 36.43
CA VAL H 160 25.11 4.74 37.78
C VAL H 160 25.47 6.12 38.35
N THR H 161 25.13 6.33 39.62
CA THR H 161 25.47 7.55 40.35
C THR H 161 26.68 7.31 41.25
N VAL H 162 27.65 8.21 41.19
CA VAL H 162 28.79 8.20 42.12
C VAL H 162 28.90 9.54 42.85
N SER H 163 29.32 9.47 44.11
CA SER H 163 29.67 10.65 44.90
C SER H 163 30.75 10.26 45.90
N TRP H 164 31.38 11.25 46.53
CA TRP H 164 32.46 10.97 47.46
C TRP H 164 32.17 11.52 48.85
N ASN H 165 32.39 10.68 49.87
CA ASN H 165 32.16 11.03 51.28
C ASN H 165 30.74 11.55 51.53
N SER H 166 29.76 10.70 51.24
CA SER H 166 28.32 11.04 51.31
C SER H 166 27.90 12.19 50.39
N GLY H 167 28.83 12.68 49.56
CA GLY H 167 28.59 13.81 48.67
C GLY H 167 29.18 15.12 49.15
N ALA H 168 30.00 15.05 50.20
CA ALA H 168 30.64 16.24 50.77
C ALA H 168 31.80 16.73 49.90
N LEU H 169 32.62 15.80 49.42
CA LEU H 169 33.73 16.13 48.53
C LEU H 169 33.27 16.24 47.08
N THR H 170 33.30 17.46 46.55
CA THR H 170 32.86 17.74 45.18
C THR H 170 33.98 18.27 44.29
N SER H 171 34.95 18.93 44.91
CA SER H 171 36.04 19.55 44.18
C SER H 171 37.10 18.52 43.76
N GLY H 172 37.40 18.50 42.46
CA GLY H 172 38.44 17.63 41.90
C GLY H 172 37.95 16.25 41.48
N VAL H 173 36.63 16.05 41.54
CA VAL H 173 36.03 14.78 41.17
C VAL H 173 35.75 14.72 39.66
N HIS H 174 36.13 13.60 39.06
CA HIS H 174 35.73 13.28 37.68
C HIS H 174 35.03 11.92 37.66
N THR H 175 33.78 11.91 37.23
CA THR H 175 33.08 10.66 36.95
C THR H 175 32.98 10.47 35.44
N PHE H 176 33.54 9.37 34.96
CA PHE H 176 33.68 9.14 33.53
C PHE H 176 32.43 8.54 32.88
N PRO H 177 32.22 8.85 31.58
CA PRO H 177 31.21 8.15 30.80
C PRO H 177 31.43 6.64 30.84
N ALA H 178 30.34 5.89 30.94
CA ALA H 178 30.41 4.45 31.02
C ALA H 178 30.90 3.85 29.72
N VAL H 179 31.37 2.61 29.79
CA VAL H 179 31.86 1.89 28.63
C VAL H 179 31.13 0.54 28.54
N LEU H 180 30.73 0.18 27.34
CA LEU H 180 30.06 -1.11 27.09
C LEU H 180 31.09 -2.17 26.71
N GLN H 181 31.27 -3.14 27.60
CA GLN H 181 32.26 -4.21 27.41
C GLN H 181 31.72 -5.31 26.51
N SER H 182 32.62 -6.06 25.89
CA SER H 182 32.27 -7.16 24.99
C SER H 182 31.35 -8.22 25.64
N SER H 183 31.31 -8.22 26.97
CA SER H 183 30.43 -9.10 27.73
C SER H 183 28.98 -8.62 27.72
N GLY H 184 28.77 -7.38 27.28
CA GLY H 184 27.45 -6.77 27.25
C GLY H 184 27.13 -6.04 28.53
N LEU H 185 28.13 -5.90 29.40
CA LEU H 185 27.97 -5.28 30.71
C LEU H 185 28.72 -3.95 30.78
N TYR H 186 28.15 -2.99 31.50
CA TYR H 186 28.73 -1.65 31.61
C TYR H 186 29.82 -1.55 32.67
N SER H 187 30.62 -0.50 32.55
CA SER H 187 31.77 -0.28 33.42
C SER H 187 32.18 1.19 33.37
N LEU H 188 32.36 1.80 34.54
CA LEU H 188 32.91 3.16 34.62
C LEU H 188 33.90 3.32 35.77
N SER H 189 34.69 4.38 35.71
CA SER H 189 35.60 4.74 36.80
C SER H 189 35.30 6.15 37.30
N SER H 190 35.43 6.36 38.61
CA SER H 190 35.29 7.68 39.21
C SER H 190 36.53 8.01 40.04
N VAL H 191 37.20 9.11 39.69
CA VAL H 191 38.45 9.49 40.33
C VAL H 191 38.38 10.86 41.03
N VAL H 192 39.32 11.08 41.94
CA VAL H 192 39.46 12.37 42.63
C VAL H 192 40.93 12.66 42.92
N THR H 193 41.30 13.93 42.83
CA THR H 193 42.66 14.37 43.17
C THR H 193 42.65 15.15 44.49
N VAL H 194 43.54 14.75 45.39
CA VAL H 194 43.61 15.34 46.73
C VAL H 194 45.06 15.60 47.15
N PRO H 195 45.27 16.55 48.09
CA PRO H 195 46.60 16.75 48.69
C PRO H 195 47.15 15.47 49.32
N SER H 196 48.44 15.21 49.12
CA SER H 196 49.09 13.99 49.59
C SER H 196 49.21 13.91 51.11
N SER H 197 49.23 15.06 51.78
CA SER H 197 49.35 15.13 53.23
C SER H 197 48.07 14.71 53.95
N SER H 198 46.95 14.67 53.23
CA SER H 198 45.66 14.29 53.79
C SER H 198 45.42 12.77 53.74
N LEU H 199 46.28 12.05 53.01
CA LEU H 199 46.17 10.59 52.88
C LEU H 199 46.25 9.88 54.23
N GLY H 200 47.12 10.35 55.11
CA GLY H 200 47.35 9.72 56.41
C GLY H 200 46.35 10.07 57.50
N THR H 201 45.33 10.86 57.17
CA THR H 201 44.29 11.24 58.12
C THR H 201 42.88 11.17 57.52
N GLN H 202 42.68 11.87 56.40
CA GLN H 202 41.37 11.93 55.75
C GLN H 202 41.07 10.64 54.99
N THR H 203 40.00 9.98 55.37
CA THR H 203 39.55 8.75 54.72
C THR H 203 38.61 9.06 53.56
N TYR H 204 38.65 8.23 52.51
CA TYR H 204 37.88 8.48 51.30
C TYR H 204 36.95 7.33 50.93
N ILE H 205 35.65 7.60 50.96
CA ILE H 205 34.63 6.61 50.59
C ILE H 205 33.87 7.10 49.34
N CYS H 206 33.65 6.19 48.39
CA CYS H 206 32.82 6.50 47.24
C CYS H 206 31.45 5.79 47.33
N ASN H 207 30.40 6.55 47.06
CA ASN H 207 29.03 6.05 47.19
C ASN H 207 28.46 5.76 45.81
N VAL H 208 28.25 4.47 45.53
CA VAL H 208 27.76 4.05 44.23
C VAL H 208 26.29 3.67 44.32
N ASN H 209 25.49 4.30 43.45
CA ASN H 209 24.07 4.00 43.35
C ASN H 209 23.68 3.47 41.97
N HIS H 210 23.11 2.27 41.95
CA HIS H 210 22.55 1.68 40.73
C HIS H 210 21.08 1.38 40.99
N LYS H 211 20.25 2.40 40.75
CA LYS H 211 18.80 2.33 40.96
C LYS H 211 18.10 1.10 40.35
N PRO H 212 18.41 0.75 39.08
CA PRO H 212 17.76 -0.41 38.45
C PRO H 212 17.78 -1.71 39.28
N SER H 213 18.90 -1.99 39.93
CA SER H 213 19.05 -3.21 40.74
C SER H 213 18.98 -2.94 42.24
N ASN H 214 18.69 -1.69 42.61
CA ASN H 214 18.63 -1.25 44.00
C ASN H 214 19.95 -1.40 44.75
N THR H 215 21.03 -1.56 44.00
CA THR H 215 22.36 -1.80 44.56
C THR H 215 22.98 -0.49 45.04
N LYS H 216 23.41 -0.48 46.30
CA LYS H 216 24.12 0.64 46.90
C LYS H 216 25.39 0.13 47.58
N VAL H 217 26.55 0.64 47.15
CA VAL H 217 27.84 0.19 47.67
C VAL H 217 28.73 1.36 48.12
N ASP H 218 29.29 1.23 49.33
CA ASP H 218 30.24 2.21 49.87
C ASP H 218 31.62 1.57 50.07
N LYS H 219 32.55 1.90 49.18
CA LYS H 219 33.91 1.36 49.22
C LYS H 219 34.92 2.42 49.62
N LYS H 220 35.69 2.16 50.68
CA LYS H 220 36.73 3.09 51.11
C LYS H 220 38.07 2.85 50.41
N VAL H 221 38.63 3.90 49.83
CA VAL H 221 39.88 3.81 49.08
C VAL H 221 41.04 4.29 49.95
N GLU H 222 42.00 3.41 50.18
CA GLU H 222 43.17 3.73 51.00
C GLU H 222 44.47 3.20 50.40
N PRO H 223 45.61 3.87 50.68
CA PRO H 223 46.92 3.47 50.14
C PRO H 223 47.28 2.02 50.44
N LYS H 224 47.98 1.37 49.50
CA LYS H 224 48.32 -0.05 49.61
C LYS H 224 49.55 -0.24 50.51
N ALA I 1 -8.40 -16.12 13.55
CA ALA I 1 -9.21 -14.88 13.60
C ALA I 1 -9.47 -14.28 12.22
N CYS I 2 -10.33 -13.26 12.19
CA CYS I 2 -10.70 -12.53 10.99
C CYS I 2 -10.65 -11.03 11.25
N PRO I 3 -10.58 -10.22 10.17
CA PRO I 3 -10.77 -8.79 10.34
C PRO I 3 -12.13 -8.47 10.99
N PRO I 4 -12.28 -7.24 11.50
CA PRO I 4 -13.62 -6.76 11.90
C PRO I 4 -14.58 -6.74 10.71
N SER I 5 -15.87 -6.87 10.99
CA SER I 5 -16.91 -6.98 9.96
C SER I 5 -16.73 -8.25 9.10
N HIS I 6 -16.12 -9.27 9.69
CA HIS I 6 -15.94 -10.55 9.01
C HIS I 6 -16.10 -11.69 10.01
N VAL I 7 -16.89 -12.68 9.64
CA VAL I 7 -16.98 -13.93 10.41
C VAL I 7 -16.31 -15.07 9.65
N LEU I 8 -15.77 -16.03 10.41
CA LEU I 8 -15.11 -17.19 9.83
C LEU I 8 -16.15 -18.23 9.40
N ASP I 9 -16.04 -18.69 8.16
CA ASP I 9 -16.89 -19.77 7.66
C ASP I 9 -16.12 -21.09 7.66
N MET I 10 -16.50 -21.99 8.56
CA MET I 10 -15.80 -23.25 8.75
C MET I 10 -15.74 -24.15 7.52
N ARG I 11 -16.81 -24.20 6.75
CA ARG I 11 -16.90 -25.10 5.61
C ARG I 11 -15.89 -24.73 4.52
N SER I 12 -15.80 -23.43 4.22
CA SER I 12 -14.87 -22.94 3.21
C SER I 12 -13.49 -22.67 3.81
N GLY I 13 -13.46 -22.39 5.11
CA GLY I 13 -12.24 -22.06 5.83
C GLY I 13 -11.78 -20.64 5.61
N THR I 14 -12.74 -19.76 5.28
CA THR I 14 -12.45 -18.37 4.91
C THR I 14 -13.27 -17.39 5.74
N CYS I 15 -12.76 -16.17 5.85
CA CYS I 15 -13.54 -15.03 6.34
C CYS I 15 -14.36 -14.49 5.20
N LEU I 16 -15.60 -14.13 5.48
CA LEU I 16 -16.46 -13.50 4.48
C LEU I 16 -17.21 -12.29 5.03
N ALA I 17 -17.59 -11.38 4.12
CA ALA I 17 -18.20 -10.07 4.43
C ALA I 17 -18.80 -9.90 5.83
N VAL J 1 30.22 12.78 -4.76
CA VAL J 1 30.33 14.12 -4.11
C VAL J 1 30.97 13.97 -2.73
N VAL J 2 32.08 14.67 -2.51
CA VAL J 2 32.78 14.62 -1.23
C VAL J 2 32.79 15.99 -0.55
N MET J 3 32.46 15.98 0.75
CA MET J 3 32.35 17.21 1.55
C MET J 3 33.51 17.38 2.51
N THR J 4 34.23 18.49 2.36
CA THR J 4 35.37 18.78 3.22
C THR J 4 35.05 19.97 4.14
N GLN J 5 35.09 19.70 5.45
CA GLN J 5 34.70 20.65 6.47
C GLN J 5 35.93 21.16 7.23
N SER J 6 36.01 22.47 7.44
CA SER J 6 37.19 23.08 8.04
C SER J 6 36.84 24.11 9.10
N PRO J 7 37.50 24.05 10.27
CA PRO J 7 38.45 22.99 10.66
C PRO J 7 37.76 21.84 11.41
N SER J 8 38.54 20.84 11.80
CA SER J 8 38.05 19.73 12.62
C SER J 8 37.71 20.21 14.02
N THR J 9 38.58 21.04 14.56
CA THR J 9 38.42 21.58 15.91
C THR J 9 38.54 23.09 15.88
N LEU J 10 37.57 23.77 16.51
CA LEU J 10 37.57 25.23 16.57
C LEU J 10 37.50 25.69 18.02
N SER J 11 38.57 26.34 18.48
CA SER J 11 38.65 26.87 19.84
C SER J 11 38.15 28.31 19.87
N ALA J 12 37.17 28.56 20.73
CA ALA J 12 36.54 29.88 20.80
C ALA J 12 36.20 30.30 22.24
N SER J 13 35.71 31.52 22.39
CA SER J 13 35.29 32.03 23.69
C SER J 13 33.87 32.59 23.56
N VAL J 14 33.16 32.66 24.68
CA VAL J 14 31.80 33.19 24.70
C VAL J 14 31.77 34.62 24.17
N GLY J 15 30.86 34.90 23.23
CA GLY J 15 30.75 36.22 22.63
C GLY J 15 31.34 36.31 21.23
N ASP J 16 32.28 35.41 20.92
CA ASP J 16 32.98 35.41 19.63
C ASP J 16 32.07 35.21 18.42
N THR J 17 32.50 35.75 17.29
CA THR J 17 31.86 35.52 16.00
C THR J 17 32.75 34.59 15.14
N ILE J 18 32.34 33.33 15.06
CA ILE J 18 33.15 32.28 14.42
C ILE J 18 32.56 31.79 13.10
N THR J 19 33.39 31.16 12.28
CA THR J 19 32.99 30.67 10.96
C THR J 19 33.53 29.28 10.66
N ILE J 20 32.63 28.37 10.28
CA ILE J 20 33.00 27.07 9.74
C ILE J 20 32.79 27.10 8.22
N THR J 21 33.74 26.56 7.47
CA THR J 21 33.59 26.42 6.02
C THR J 21 33.39 24.96 5.60
N CYS J 22 32.52 24.76 4.62
CA CYS J 22 32.32 23.44 4.03
C CYS J 22 32.57 23.57 2.52
N ARG J 23 33.32 22.62 1.96
CA ARG J 23 33.82 22.68 0.59
C ARG J 23 33.49 21.42 -0.22
N ALA J 24 32.95 21.60 -1.42
CA ALA J 24 32.49 20.50 -2.26
C ALA J 24 33.49 20.13 -3.35
N SER J 25 33.51 18.85 -3.70
CA SER J 25 34.38 18.32 -4.76
C SER J 25 33.98 18.83 -6.15
N GLN J 26 32.69 19.08 -6.32
CA GLN J 26 32.12 19.71 -7.52
C GLN J 26 30.81 20.41 -7.15
N SER J 27 30.38 21.34 -8.00
CA SER J 27 29.25 22.24 -7.71
C SER J 27 27.99 21.54 -7.19
N ILE J 28 27.35 22.21 -6.24
CA ILE J 28 26.21 21.68 -5.50
C ILE J 28 25.00 22.62 -5.59
N GLU J 29 25.20 23.75 -6.26
CA GLU J 29 24.21 24.83 -6.35
C GLU J 29 24.06 25.47 -4.96
N THR J 30 22.89 25.30 -4.35
CA THR J 30 22.67 25.77 -2.98
C THR J 30 22.18 24.64 -2.10
N TRP J 31 22.40 23.40 -2.52
CA TRP J 31 21.85 22.23 -1.82
C TRP J 31 22.72 21.76 -0.64
N LEU J 32 22.72 22.57 0.42
CA LEU J 32 23.55 22.31 1.59
C LEU J 32 22.82 22.68 2.90
N ALA J 33 22.99 21.84 3.91
CA ALA J 33 22.35 22.07 5.20
C ALA J 33 23.36 22.00 6.34
N TRP J 34 23.05 22.66 7.44
CA TRP J 34 23.89 22.65 8.64
C TRP J 34 23.12 22.11 9.84
N TYR J 35 23.76 21.19 10.57
CA TYR J 35 23.16 20.56 11.74
C TYR J 35 24.04 20.75 12.97
N GLN J 36 23.42 21.00 14.12
CA GLN J 36 24.12 21.05 15.40
C GLN J 36 23.85 19.77 16.19
N GLN J 37 24.87 19.21 16.85
CA GLN J 37 24.71 18.00 17.65
C GLN J 37 25.48 18.01 18.98
N LYS J 38 24.77 17.78 20.07
CA LYS J 38 25.36 17.66 21.40
C LYS J 38 25.65 16.19 21.69
N PRO J 39 26.75 15.90 22.41
CA PRO J 39 27.12 14.51 22.69
C PRO J 39 25.96 13.68 23.23
N GLY J 40 25.70 12.54 22.59
CA GLY J 40 24.64 11.63 23.00
C GLY J 40 23.23 12.11 22.67
N LYS J 41 23.14 13.01 21.70
CA LYS J 41 21.85 13.58 21.30
C LYS J 41 21.64 13.43 19.80
N ALA J 42 20.49 13.91 19.33
CA ALA J 42 20.15 13.85 17.91
C ALA J 42 20.58 15.12 17.21
N PRO J 43 21.05 15.00 15.94
CA PRO J 43 21.36 16.18 15.13
C PRO J 43 20.17 17.11 14.99
N LYS J 44 20.42 18.42 14.96
CA LYS J 44 19.34 19.40 14.83
C LYS J 44 19.57 20.27 13.61
N LEU J 45 18.60 20.31 12.71
CA LEU J 45 18.69 21.17 11.54
C LEU J 45 18.68 22.63 11.95
N LEU J 46 19.69 23.38 11.49
CA LEU J 46 19.79 24.80 11.76
C LEU J 46 19.43 25.59 10.52
N ILE J 47 20.18 25.35 9.45
CA ILE J 47 20.01 26.05 8.19
C ILE J 47 19.95 25.03 7.08
N TYR J 48 19.12 25.30 6.09
CA TYR J 48 19.05 24.48 4.87
C TYR J 48 19.02 25.38 3.64
N LYS J 49 19.12 24.75 2.47
CA LYS J 49 19.33 25.45 1.19
C LYS J 49 20.36 26.58 1.31
N ALA J 50 21.51 26.25 1.92
CA ALA J 50 22.66 27.15 2.08
C ALA J 50 22.46 28.34 3.03
N SER J 51 21.26 28.92 3.04
CA SER J 51 21.03 30.19 3.75
C SER J 51 19.62 30.36 4.30
N THR J 52 18.81 29.32 4.27
CA THR J 52 17.46 29.40 4.82
C THR J 52 17.44 28.93 6.27
N LEU J 53 17.18 29.86 7.17
CA LEU J 53 17.11 29.58 8.60
C LEU J 53 15.82 28.87 8.94
N LYS J 54 15.94 27.70 9.56
CA LYS J 54 14.78 26.93 10.02
C LYS J 54 14.07 27.70 11.14
N THR J 55 12.74 27.66 11.15
CA THR J 55 11.97 28.38 12.16
C THR J 55 12.13 27.78 13.56
N GLY J 56 12.36 28.65 14.54
CA GLY J 56 12.67 28.23 15.91
C GLY J 56 14.14 28.42 16.22
N VAL J 57 14.98 28.12 15.24
CA VAL J 57 16.43 28.29 15.34
C VAL J 57 16.80 29.76 15.54
N PRO J 58 17.62 30.08 16.55
CA PRO J 58 18.07 31.44 16.87
C PRO J 58 18.74 32.16 15.69
N SER J 59 18.51 33.46 15.60
CA SER J 59 18.93 34.25 14.44
C SER J 59 20.43 34.57 14.39
N ARG J 60 21.16 34.22 15.44
CA ARG J 60 22.62 34.40 15.45
C ARG J 60 23.32 33.43 14.49
N PHE J 61 22.60 32.38 14.10
CA PHE J 61 23.07 31.43 13.08
C PHE J 61 22.73 31.94 11.69
N SER J 62 23.71 31.86 10.79
CA SER J 62 23.51 32.23 9.39
C SER J 62 24.45 31.47 8.48
N GLY J 63 23.94 31.04 7.33
CA GLY J 63 24.72 30.34 6.34
C GLY J 63 24.74 31.13 5.05
N SER J 64 25.80 30.93 4.26
CA SER J 64 25.89 31.53 2.92
C SER J 64 26.80 30.71 2.01
N GLY J 65 26.84 31.09 0.74
CA GLY J 65 27.65 30.41 -0.25
C GLY J 65 26.84 29.61 -1.26
N SER J 66 27.43 29.44 -2.45
CA SER J 66 26.85 28.64 -3.53
C SER J 66 27.98 27.98 -4.32
N GLY J 67 27.65 26.97 -5.12
CA GLY J 67 28.64 26.24 -5.91
C GLY J 67 29.48 25.30 -5.08
N THR J 68 30.75 25.66 -4.88
CA THR J 68 31.72 24.77 -4.22
C THR J 68 32.14 25.19 -2.82
N GLU J 69 31.85 26.42 -2.41
CA GLU J 69 32.23 26.91 -1.08
C GLU J 69 31.07 27.49 -0.27
N PHE J 70 30.93 27.01 0.97
CA PHE J 70 29.82 27.40 1.85
C PHE J 70 30.32 27.80 3.25
N THR J 71 29.50 28.55 3.98
CA THR J 71 29.93 29.20 5.22
C THR J 71 28.84 29.23 6.30
N LEU J 72 29.17 28.72 7.48
CA LEU J 72 28.31 28.84 8.66
C LEU J 72 28.90 29.81 9.67
N THR J 73 28.08 30.77 10.10
CA THR J 73 28.54 31.83 11.01
C THR J 73 27.60 32.00 12.20
N ILE J 74 28.19 31.95 13.38
CA ILE J 74 27.46 32.20 14.62
C ILE J 74 27.94 33.52 15.20
N SER J 75 27.07 34.52 15.19
CA SER J 75 27.42 35.85 15.70
C SER J 75 27.09 36.00 17.18
N GLY J 76 28.13 35.93 18.02
CA GLY J 76 27.96 36.03 19.46
C GLY J 76 27.64 34.69 20.09
N LEU J 77 28.65 33.84 20.22
CA LEU J 77 28.50 32.50 20.78
C LEU J 77 27.92 32.49 22.18
N GLN J 78 27.11 31.49 22.45
CA GLN J 78 26.53 31.25 23.78
C GLN J 78 27.10 29.94 24.33
N PHE J 79 27.01 29.75 25.65
CA PHE J 79 27.40 28.48 26.26
C PHE J 79 26.71 27.29 25.58
N ASP J 80 25.44 27.49 25.23
CA ASP J 80 24.65 26.51 24.50
C ASP J 80 25.31 26.06 23.19
N ASP J 81 26.01 26.99 22.54
CA ASP J 81 26.50 26.78 21.18
C ASP J 81 27.74 25.90 21.06
N PHE J 82 28.27 25.43 22.18
CA PHE J 82 29.44 24.55 22.12
C PHE J 82 29.04 23.11 21.87
N ALA J 83 29.28 22.66 20.65
CA ALA J 83 28.88 21.34 20.19
C ALA J 83 29.60 21.00 18.89
N THR J 84 29.07 20.01 18.17
CA THR J 84 29.56 19.65 16.86
C THR J 84 28.59 20.17 15.81
N TYR J 85 29.12 20.64 14.70
CA TYR J 85 28.32 21.13 13.61
C TYR J 85 28.65 20.36 12.35
N HIS J 86 27.61 19.82 11.70
CA HIS J 86 27.78 19.03 10.49
C HIS J 86 27.20 19.76 9.28
N CYS J 87 27.98 19.84 8.20
CA CYS J 87 27.40 20.20 6.90
C CYS J 87 26.90 18.93 6.22
N GLN J 88 25.95 19.11 5.31
CA GLN J 88 25.40 18.02 4.51
C GLN J 88 25.04 18.51 3.12
N HIS J 89 25.27 17.66 2.13
CA HIS J 89 24.73 17.87 0.78
C HIS J 89 23.64 16.85 0.52
N TYR J 90 22.49 17.35 0.07
CA TYR J 90 21.34 16.49 -0.21
C TYR J 90 20.85 16.67 -1.65
N ALA J 91 20.64 15.53 -2.33
CA ALA J 91 20.19 15.50 -3.72
C ALA J 91 19.59 14.12 -4.05
N GLY J 92 18.52 14.12 -4.85
CA GLY J 92 17.82 12.89 -5.20
C GLY J 92 17.24 12.20 -3.98
N TYR J 93 17.74 10.99 -3.69
CA TYR J 93 17.30 10.21 -2.53
C TYR J 93 18.45 10.00 -1.57
N SER J 94 19.64 10.40 -1.99
CA SER J 94 20.86 10.24 -1.21
C SER J 94 21.24 11.53 -0.46
N ALA J 95 22.18 11.40 0.47
CA ALA J 95 22.78 12.54 1.17
C ALA J 95 24.21 12.20 1.55
N THR J 96 25.03 13.23 1.78
CA THR J 96 26.42 13.01 2.20
C THR J 96 26.95 14.10 3.13
N PHE J 97 27.54 13.69 4.25
CA PHE J 97 28.00 14.61 5.28
C PHE J 97 29.49 14.92 5.22
N GLY J 98 29.88 16.02 5.86
CA GLY J 98 31.29 16.36 6.04
C GLY J 98 31.84 15.72 7.29
N GLN J 99 33.12 16.01 7.57
CA GLN J 99 33.84 15.43 8.70
C GLN J 99 33.24 15.74 10.08
N GLY J 100 32.52 16.87 10.18
CA GLY J 100 32.05 17.39 11.47
C GLY J 100 33.06 18.39 12.02
N THR J 101 32.56 19.44 12.66
CA THR J 101 33.43 20.42 13.31
C THR J 101 33.05 20.56 14.79
N ARG J 102 34.00 20.28 15.67
CA ARG J 102 33.76 20.39 17.10
C ARG J 102 34.14 21.79 17.57
N VAL J 103 33.16 22.52 18.08
CA VAL J 103 33.39 23.87 18.62
C VAL J 103 33.55 23.78 20.13
N GLU J 104 34.62 24.38 20.64
CA GLU J 104 35.17 24.06 21.96
C GLU J 104 35.71 25.30 22.68
N ILE J 105 35.50 25.39 24.00
CA ILE J 105 35.92 26.55 24.80
C ILE J 105 37.44 26.67 24.89
N LYS J 106 37.96 27.88 24.70
CA LYS J 106 39.39 28.11 24.68
C LYS J 106 39.97 28.39 26.07
N ARG J 107 41.12 27.79 26.32
CA ARG J 107 41.98 28.11 27.46
C ARG J 107 43.44 27.81 27.07
N THR J 108 44.36 27.90 28.02
CA THR J 108 45.78 27.64 27.73
C THR J 108 46.03 26.15 27.54
N VAL J 109 47.18 25.80 26.97
CA VAL J 109 47.55 24.40 26.80
C VAL J 109 47.88 23.81 28.17
N ALA J 110 47.27 22.67 28.48
CA ALA J 110 47.45 22.00 29.77
C ALA J 110 47.85 20.54 29.59
N ALA J 111 49.05 20.21 30.07
CA ALA J 111 49.56 18.86 30.00
C ALA J 111 48.75 17.90 30.87
N PRO J 112 48.61 16.64 30.43
CA PRO J 112 47.94 15.63 31.27
C PRO J 112 48.78 15.29 32.49
N SER J 113 48.12 15.15 33.64
CA SER J 113 48.75 14.55 34.81
C SER J 113 48.42 13.06 34.77
N VAL J 114 49.44 12.24 34.57
CA VAL J 114 49.24 10.81 34.31
C VAL J 114 49.42 9.93 35.56
N PHE J 115 48.42 9.11 35.84
CA PHE J 115 48.44 8.18 36.96
C PHE J 115 48.15 6.76 36.50
N ILE J 116 48.81 5.78 37.12
CA ILE J 116 48.58 4.37 36.81
C ILE J 116 48.15 3.60 38.06
N PHE J 117 47.19 2.68 37.86
CA PHE J 117 46.64 1.90 38.95
C PHE J 117 46.75 0.41 38.68
N PRO J 118 47.41 -0.32 39.58
CA PRO J 118 47.39 -1.78 39.51
C PRO J 118 45.99 -2.31 39.89
N PRO J 119 45.62 -3.50 39.40
CA PRO J 119 44.35 -4.09 39.80
C PRO J 119 44.33 -4.44 41.28
N SER J 120 43.16 -4.32 41.91
CA SER J 120 43.00 -4.68 43.32
C SER J 120 43.13 -6.19 43.53
N ASP J 121 43.43 -6.58 44.77
CA ASP J 121 43.54 -7.99 45.12
C ASP J 121 42.21 -8.73 45.03
N GLU J 122 41.12 -8.01 45.28
CA GLU J 122 39.77 -8.56 45.24
C GLU J 122 39.36 -8.99 43.82
N GLN J 123 39.62 -8.11 42.86
CA GLN J 123 39.32 -8.37 41.45
C GLN J 123 40.18 -9.51 40.90
N LEU J 124 41.46 -9.49 41.27
CA LEU J 124 42.42 -10.49 40.85
C LEU J 124 42.06 -11.87 41.40
N LYS J 125 41.54 -11.90 42.62
CA LYS J 125 41.07 -13.12 43.28
C LYS J 125 39.81 -13.68 42.60
N SER J 126 39.03 -12.80 41.98
CA SER J 126 37.84 -13.23 41.24
C SER J 126 38.17 -13.69 39.81
N GLY J 127 39.38 -13.38 39.34
CA GLY J 127 39.88 -13.94 38.09
C GLY J 127 40.20 -12.99 36.94
N THR J 128 39.99 -11.69 37.14
CA THR J 128 40.23 -10.71 36.07
C THR J 128 41.11 -9.56 36.57
N ALA J 129 41.98 -9.06 35.68
CA ALA J 129 42.87 -7.96 36.01
C ALA J 129 42.48 -6.70 35.25
N SER J 130 42.19 -5.62 35.99
CA SER J 130 41.94 -4.31 35.39
C SER J 130 43.00 -3.28 35.77
N VAL J 131 43.83 -2.93 34.79
CA VAL J 131 44.85 -1.89 34.96
C VAL J 131 44.28 -0.60 34.40
N VAL J 132 44.29 0.45 35.20
CA VAL J 132 43.67 1.72 34.83
C VAL J 132 44.69 2.84 34.75
N CYS J 133 44.71 3.54 33.61
CA CYS J 133 45.54 4.72 33.42
C CYS J 133 44.68 5.99 33.35
N LEU J 134 45.07 7.00 34.11
CA LEU J 134 44.33 8.26 34.18
C LEU J 134 45.10 9.42 33.57
N LEU J 135 44.41 10.19 32.74
CA LEU J 135 44.96 11.41 32.15
C LEU J 135 44.12 12.57 32.66
N ASN J 136 44.64 13.29 33.66
CA ASN J 136 43.85 14.28 34.37
C ASN J 136 44.09 15.72 33.95
N ASN J 137 42.99 16.43 33.68
CA ASN J 137 42.98 17.87 33.41
C ASN J 137 43.93 18.34 32.31
N PHE J 138 43.56 18.07 31.07
CA PHE J 138 44.39 18.43 29.92
C PHE J 138 43.63 19.18 28.83
N TYR J 139 44.38 19.97 28.05
CA TYR J 139 43.83 20.71 26.92
C TYR J 139 44.91 20.93 25.86
N PRO J 140 44.59 20.69 24.57
CA PRO J 140 43.30 20.31 23.99
C PRO J 140 42.91 18.86 24.22
N ARG J 141 41.91 18.37 23.47
CA ARG J 141 41.31 17.07 23.73
C ARG J 141 42.12 15.87 23.20
N GLU J 142 42.82 16.05 22.09
CA GLU J 142 43.58 14.93 21.47
C GLU J 142 44.75 14.46 22.31
N ALA J 143 44.61 13.26 22.88
CA ALA J 143 45.59 12.66 23.77
C ALA J 143 45.63 11.16 23.52
N LYS J 144 46.82 10.61 23.32
CA LYS J 144 46.94 9.20 22.98
C LYS J 144 47.47 8.39 24.14
N VAL J 145 46.83 7.25 24.39
CA VAL J 145 47.26 6.31 25.41
C VAL J 145 47.77 5.05 24.72
N GLN J 146 48.94 4.60 25.14
CA GLN J 146 49.55 3.38 24.61
C GLN J 146 49.87 2.45 25.78
N TRP J 147 49.38 1.22 25.70
CA TRP J 147 49.70 0.24 26.72
C TRP J 147 50.92 -0.58 26.28
N LYS J 148 51.81 -0.83 27.24
CA LYS J 148 53.01 -1.63 27.01
C LYS J 148 53.15 -2.67 28.11
N VAL J 149 53.16 -3.94 27.71
CA VAL J 149 53.31 -5.06 28.65
C VAL J 149 54.62 -5.79 28.34
N ASP J 150 55.59 -5.64 29.24
CA ASP J 150 56.98 -6.06 28.99
C ASP J 150 57.49 -5.46 27.68
N ASN J 151 57.18 -4.18 27.49
CA ASN J 151 57.54 -3.41 26.29
C ASN J 151 56.99 -3.94 24.96
N ALA J 152 55.84 -4.62 25.04
CA ALA J 152 55.08 -5.00 23.85
C ALA J 152 53.84 -4.14 23.73
N LEU J 153 53.56 -3.67 22.52
CA LEU J 153 52.39 -2.84 22.25
C LEU J 153 51.12 -3.69 22.38
N GLN J 154 50.15 -3.16 23.12
CA GLN J 154 48.89 -3.85 23.33
C GLN J 154 47.83 -3.36 22.35
N SER J 155 47.11 -4.30 21.74
CA SER J 155 46.15 -3.98 20.72
C SER J 155 44.81 -4.67 20.99
N GLY J 156 43.73 -3.88 20.97
CA GLY J 156 42.37 -4.39 21.09
C GLY J 156 42.08 -5.15 22.37
N ASN J 157 42.60 -4.63 23.48
CA ASN J 157 42.32 -5.19 24.80
C ASN J 157 42.22 -4.10 25.86
N SER J 158 41.93 -2.88 25.38
CA SER J 158 41.72 -1.74 26.26
C SER J 158 40.52 -0.94 25.81
N GLN J 159 39.92 -0.20 26.75
CA GLN J 159 38.81 0.72 26.46
C GLN J 159 39.01 2.04 27.18
N GLU J 160 38.67 3.13 26.50
CA GLU J 160 38.81 4.45 27.12
C GLU J 160 37.56 5.34 27.09
N SER J 161 37.62 6.40 27.87
CA SER J 161 36.48 7.30 28.06
C SER J 161 37.02 8.71 28.32
N VAL J 162 36.28 9.72 27.87
CA VAL J 162 36.72 11.11 27.99
C VAL J 162 35.59 11.95 28.56
N THR J 163 35.93 12.84 29.48
CA THR J 163 34.95 13.77 30.04
C THR J 163 34.71 14.93 29.08
N GLU J 164 33.58 15.60 29.28
CA GLU J 164 33.30 16.87 28.61
C GLU J 164 34.11 17.97 29.33
N GLN J 165 34.24 19.13 28.68
CA GLN J 165 35.00 20.23 29.28
C GLN J 165 34.50 20.56 30.68
N ASP J 166 35.44 20.59 31.62
CA ASP J 166 35.15 20.93 33.02
C ASP J 166 34.59 22.35 33.14
N SER J 167 33.53 22.51 33.94
CA SER J 167 32.82 23.79 34.06
C SER J 167 33.55 24.84 34.90
N LYS J 168 34.72 24.48 35.43
CA LYS J 168 35.55 25.43 36.16
C LYS J 168 36.81 25.80 35.37
N ASP J 169 37.65 24.80 35.12
CA ASP J 169 38.96 25.03 34.50
C ASP J 169 39.00 24.72 32.99
N SER J 170 37.88 24.22 32.46
CA SER J 170 37.69 24.03 31.02
C SER J 170 38.55 22.93 30.40
N THR J 171 39.02 22.01 31.23
CA THR J 171 39.90 20.93 30.76
C THR J 171 39.17 19.61 30.57
N TYR J 172 39.87 18.67 29.95
CA TYR J 172 39.36 17.32 29.71
C TYR J 172 40.08 16.30 30.60
N SER J 173 39.40 15.20 30.86
CA SER J 173 40.02 14.05 31.52
C SER J 173 39.72 12.75 30.79
N LEU J 174 40.70 11.86 30.77
CA LEU J 174 40.59 10.56 30.09
C LEU J 174 40.88 9.44 31.06
N SER J 175 40.14 8.36 30.91
CA SER J 175 40.36 7.13 31.69
C SER J 175 40.46 5.95 30.72
N SER J 176 41.48 5.13 30.89
CA SER J 176 41.75 4.01 29.99
C SER J 176 41.94 2.71 30.76
N THR J 177 41.19 1.66 30.40
CA THR J 177 41.27 0.37 31.08
C THR J 177 41.84 -0.77 30.22
N LEU J 178 43.01 -1.28 30.60
CA LEU J 178 43.48 -2.54 30.09
C LEU J 178 42.82 -3.66 30.88
N THR J 179 42.32 -4.66 30.17
CA THR J 179 41.68 -5.80 30.83
C THR J 179 42.31 -7.13 30.39
N LEU J 180 42.91 -7.82 31.35
CA LEU J 180 43.54 -9.10 31.10
C LEU J 180 42.98 -10.17 32.02
N SER J 181 43.18 -11.43 31.64
CA SER J 181 42.80 -12.56 32.49
C SER J 181 43.87 -12.77 33.55
N LYS J 182 43.46 -13.33 34.69
CA LYS J 182 44.36 -13.58 35.82
C LYS J 182 45.64 -14.27 35.34
N ALA J 183 45.48 -15.35 34.59
CA ALA J 183 46.61 -16.13 34.06
C ALA J 183 47.54 -15.31 33.17
N ASP J 184 46.96 -14.43 32.34
CA ASP J 184 47.74 -13.57 31.46
C ASP J 184 48.46 -12.45 32.22
N TYR J 185 47.91 -12.09 33.37
CA TYR J 185 48.49 -11.06 34.23
C TYR J 185 49.75 -11.56 34.92
N GLU J 186 49.68 -12.78 35.46
CA GLU J 186 50.82 -13.39 36.16
C GLU J 186 51.99 -13.67 35.22
N LYS J 187 51.71 -13.69 33.91
CA LYS J 187 52.71 -13.96 32.88
C LYS J 187 53.80 -12.89 32.76
N HIS J 188 53.48 -11.65 33.13
CA HIS J 188 54.38 -10.53 32.89
C HIS J 188 54.68 -9.71 34.14
N LYS J 189 55.76 -8.95 34.09
CA LYS J 189 56.27 -8.19 35.24
C LYS J 189 55.90 -6.72 35.18
N VAL J 190 56.39 -6.02 34.15
CA VAL J 190 56.25 -4.56 34.05
C VAL J 190 55.08 -4.14 33.14
N TYR J 191 54.18 -3.36 33.72
CA TYR J 191 53.02 -2.84 33.00
C TYR J 191 53.14 -1.33 32.85
N ALA J 192 53.09 -0.86 31.61
CA ALA J 192 53.39 0.53 31.30
C ALA J 192 52.25 1.24 30.59
N CYS J 193 52.16 2.55 30.79
CA CYS J 193 51.18 3.40 30.15
C CYS J 193 51.86 4.61 29.50
N GLU J 194 51.91 4.63 28.18
CA GLU J 194 52.60 5.68 27.42
C GLU J 194 51.60 6.72 26.89
N VAL J 195 51.77 7.96 27.32
CA VAL J 195 50.84 9.04 26.95
C VAL J 195 51.48 10.07 26.03
N THR J 196 50.84 10.29 24.87
CA THR J 196 51.25 11.33 23.92
C THR J 196 50.23 12.46 23.91
N HIS J 197 50.73 13.70 23.97
CA HIS J 197 49.87 14.89 23.92
C HIS J 197 50.67 16.13 23.52
N GLN J 198 49.96 17.15 23.04
CA GLN J 198 50.54 18.39 22.53
C GLN J 198 51.37 19.17 23.57
N GLY J 199 50.92 19.12 24.82
CA GLY J 199 51.60 19.79 25.93
C GLY J 199 52.89 19.12 26.36
N LEU J 200 53.00 17.83 26.06
CA LEU J 200 54.21 17.05 26.30
C LEU J 200 55.12 17.14 25.08
N SER J 201 56.35 17.59 25.27
CA SER J 201 57.31 17.61 24.18
C SER J 201 57.59 16.18 23.74
N SER J 202 57.88 15.32 24.72
CA SER J 202 58.09 13.90 24.50
C SER J 202 57.10 13.11 25.35
N PRO J 203 56.57 11.99 24.80
CA PRO J 203 55.57 11.17 25.50
C PRO J 203 56.01 10.70 26.88
N VAL J 204 55.07 10.67 27.82
CA VAL J 204 55.35 10.32 29.20
C VAL J 204 54.86 8.91 29.50
N THR J 205 55.72 8.12 30.15
CA THR J 205 55.37 6.75 30.52
C THR J 205 55.36 6.58 32.05
N LYS J 206 54.26 6.05 32.56
CA LYS J 206 54.14 5.69 33.97
C LYS J 206 53.98 4.18 34.08
N SER J 207 54.72 3.57 35.00
CA SER J 207 54.77 2.12 35.11
C SER J 207 54.72 1.60 36.55
N PHE J 208 54.44 0.31 36.69
CA PHE J 208 54.56 -0.40 37.97
C PHE J 208 54.99 -1.84 37.72
N ASN J 209 55.54 -2.46 38.76
CA ASN J 209 55.81 -3.90 38.75
C ASN J 209 54.91 -4.61 39.74
N ARG J 210 54.24 -5.68 39.30
CA ARG J 210 53.37 -6.43 40.19
C ARG J 210 54.17 -7.21 41.23
N GLY J 211 54.04 -6.77 42.49
CA GLY J 211 54.80 -7.33 43.60
C GLY J 211 55.77 -6.31 44.20
N GLU K 1 6.64 17.31 19.17
CA GLU K 1 5.78 17.24 17.95
C GLU K 1 6.12 15.97 17.17
N VAL K 2 6.70 16.14 15.99
CA VAL K 2 7.18 15.03 15.18
C VAL K 2 8.27 14.27 15.95
N GLN K 3 8.08 12.95 16.07
CA GLN K 3 9.01 12.10 16.80
C GLN K 3 9.30 10.80 16.06
N LEU K 4 10.51 10.29 16.27
CA LEU K 4 10.91 8.99 15.73
C LEU K 4 11.64 8.24 16.83
N VAL K 5 11.47 6.93 16.87
CA VAL K 5 12.17 6.10 17.85
C VAL K 5 12.70 4.82 17.24
N GLU K 6 14.03 4.69 17.24
CA GLU K 6 14.70 3.49 16.74
C GLU K 6 14.75 2.45 17.85
N SER K 7 14.69 1.18 17.46
CA SER K 7 14.98 0.09 18.39
C SER K 7 15.71 -1.05 17.68
N GLY K 8 16.38 -1.88 18.48
CA GLY K 8 17.11 -3.03 17.97
C GLY K 8 18.62 -2.99 18.12
N GLY K 9 19.14 -2.02 18.88
CA GLY K 9 20.58 -1.91 19.09
C GLY K 9 21.19 -3.09 19.86
N GLY K 10 22.49 -2.99 20.15
CA GLY K 10 23.18 -4.03 20.91
C GLY K 10 24.55 -4.41 20.36
N LEU K 11 25.04 -5.57 20.80
CA LEU K 11 26.33 -6.11 20.36
C LEU K 11 26.15 -7.22 19.34
N VAL K 12 26.92 -7.15 18.26
CA VAL K 12 27.01 -8.23 17.30
C VAL K 12 28.47 -8.62 17.24
N LYS K 13 28.74 -9.88 16.94
CA LYS K 13 30.10 -10.28 16.60
C LYS K 13 30.29 -10.09 15.10
N ALA K 14 31.54 -9.92 14.67
CA ALA K 14 31.83 -9.71 13.25
C ALA K 14 31.25 -10.85 12.41
N GLY K 15 30.64 -10.49 11.27
CA GLY K 15 29.98 -11.46 10.40
C GLY K 15 28.52 -11.66 10.74
N GLY K 16 28.14 -11.35 11.98
CA GLY K 16 26.76 -11.52 12.45
C GLY K 16 25.75 -10.58 11.84
N SER K 17 24.49 -10.75 12.24
CA SER K 17 23.37 -9.95 11.70
C SER K 17 22.65 -9.20 12.80
N LEU K 18 22.10 -8.05 12.45
CA LEU K 18 21.27 -7.26 13.36
C LEU K 18 20.26 -6.44 12.57
N ILE K 19 19.01 -6.46 13.03
CA ILE K 19 17.94 -5.74 12.36
C ILE K 19 17.38 -4.63 13.25
N LEU K 20 17.35 -3.42 12.69
CA LEU K 20 16.84 -2.25 13.39
C LEU K 20 15.48 -1.86 12.85
N SER K 21 14.68 -1.24 13.70
CA SER K 21 13.41 -0.68 13.27
C SER K 21 13.22 0.70 13.84
N CYS K 22 12.49 1.52 13.10
CA CYS K 22 12.19 2.87 13.48
C CYS K 22 10.69 3.03 13.40
N GLY K 23 10.09 3.61 14.43
CA GLY K 23 8.65 3.85 14.49
C GLY K 23 8.39 5.31 14.81
N VAL K 24 7.33 5.87 14.22
CA VAL K 24 7.14 7.32 14.28
C VAL K 24 5.93 7.75 15.07
N SER K 25 5.91 9.02 15.44
CA SER K 25 4.85 9.59 16.26
C SER K 25 4.46 10.98 15.75
N ASN K 26 3.16 11.19 15.58
CA ASN K 26 2.56 12.47 15.12
C ASN K 26 2.84 12.86 13.67
N PHE K 27 3.09 11.87 12.81
CA PHE K 27 3.10 12.07 11.36
C PHE K 27 3.04 10.74 10.59
N ARG K 28 2.79 10.82 9.29
CA ARG K 28 2.74 9.63 8.42
C ARG K 28 3.99 9.59 7.54
N ILE K 29 4.66 8.43 7.50
CA ILE K 29 5.90 8.31 6.70
C ILE K 29 5.66 8.23 5.19
N SER K 30 4.47 7.81 4.79
CA SER K 30 4.12 7.65 3.37
C SER K 30 4.35 8.94 2.57
N ALA K 31 4.51 10.05 3.27
CA ALA K 31 4.72 11.36 2.67
C ALA K 31 6.20 11.68 2.42
N HIS K 32 7.09 10.90 3.03
CA HIS K 32 8.52 11.21 3.05
C HIS K 32 9.42 10.06 2.60
N THR K 33 10.54 10.41 1.98
CA THR K 33 11.66 9.50 1.84
C THR K 33 12.23 9.32 3.24
N MET K 34 12.53 8.08 3.62
CA MET K 34 13.08 7.78 4.93
C MET K 34 14.55 7.39 4.81
N ASN K 35 15.35 7.77 5.81
CA ASN K 35 16.80 7.55 5.78
C ASN K 35 17.36 6.89 7.04
N TRP K 36 18.45 6.15 6.89
CA TRP K 36 19.24 5.71 8.04
C TRP K 36 20.61 6.40 7.97
N VAL K 37 21.01 6.99 9.10
CA VAL K 37 22.29 7.68 9.21
C VAL K 37 22.99 7.14 10.46
N ARG K 38 24.32 7.13 10.45
CA ARG K 38 25.07 6.65 11.60
C ARG K 38 26.16 7.60 12.05
N ARG K 39 26.40 7.67 13.35
CA ARG K 39 27.52 8.45 13.89
C ARG K 39 28.65 7.54 14.37
N VAL K 40 29.74 7.54 13.63
CA VAL K 40 30.92 6.74 13.99
C VAL K 40 31.57 7.28 15.26
N PRO K 41 32.40 6.45 15.94
CA PRO K 41 33.15 6.94 17.11
C PRO K 41 34.07 8.12 16.77
N GLY K 42 34.43 8.28 15.50
CA GLY K 42 35.22 9.40 15.01
C GLY K 42 34.61 10.76 15.29
N GLY K 43 33.29 10.84 15.30
CA GLY K 43 32.58 12.08 15.54
C GLY K 43 31.55 12.40 14.47
N GLY K 44 31.94 12.19 13.21
CA GLY K 44 31.11 12.55 12.05
C GLY K 44 29.95 11.61 11.72
N LEU K 45 29.16 12.01 10.73
CA LEU K 45 27.98 11.24 10.32
C LEU K 45 28.15 10.64 8.93
N GLU K 46 27.60 9.44 8.75
CA GLU K 46 27.54 8.79 7.45
C GLU K 46 26.09 8.49 7.15
N TRP K 47 25.62 8.95 5.99
CA TRP K 47 24.35 8.50 5.44
C TRP K 47 24.54 7.04 5.04
N VAL K 48 23.62 6.18 5.48
CA VAL K 48 23.73 4.75 5.25
C VAL K 48 22.81 4.26 4.14
N ALA K 49 21.51 4.51 4.32
CA ALA K 49 20.48 4.00 3.42
C ALA K 49 19.31 4.97 3.30
N SER K 50 18.57 4.85 2.20
CA SER K 50 17.37 5.65 1.98
C SER K 50 16.31 4.86 1.22
N ILE K 51 15.05 5.17 1.50
CA ILE K 51 13.91 4.50 0.85
C ILE K 51 12.84 5.51 0.45
N SER K 52 12.49 5.51 -0.84
CA SER K 52 11.54 6.48 -1.38
C SER K 52 10.11 6.14 -0.99
N THR K 53 9.19 7.09 -1.21
CA THR K 53 7.77 6.87 -0.93
C THR K 53 7.27 5.66 -1.71
N SER K 54 6.46 4.83 -1.05
CA SER K 54 5.98 3.54 -1.57
C SER K 54 7.05 2.66 -2.24
N SER K 55 8.26 2.64 -1.65
CA SER K 55 9.34 1.68 -1.95
C SER K 55 9.81 1.63 -3.41
N THR K 56 9.70 2.74 -4.13
CA THR K 56 10.04 2.80 -5.55
C THR K 56 11.55 2.65 -5.83
N TYR K 57 12.36 3.34 -5.05
CA TYR K 57 13.82 3.22 -5.17
C TYR K 57 14.48 3.20 -3.81
N ARG K 58 15.41 2.27 -3.63
CA ARG K 58 16.22 2.17 -2.42
C ARG K 58 17.69 2.43 -2.76
N ASP K 59 18.33 3.26 -1.95
CA ASP K 59 19.73 3.61 -2.18
C ASP K 59 20.60 3.36 -0.96
N TYR K 60 21.78 2.82 -1.21
CA TYR K 60 22.70 2.42 -0.15
C TYR K 60 24.08 3.04 -0.34
N ALA K 61 24.76 3.28 0.77
CA ALA K 61 26.16 3.72 0.77
C ALA K 61 27.05 2.59 0.26
N ASP K 62 28.09 2.93 -0.49
CA ASP K 62 29.01 1.92 -1.04
C ASP K 62 29.52 0.93 -0.01
N ALA K 63 29.76 1.41 1.21
CA ALA K 63 30.32 0.58 2.28
C ALA K 63 29.31 -0.40 2.89
N VAL K 64 28.03 -0.25 2.54
CA VAL K 64 26.99 -1.13 3.06
C VAL K 64 26.21 -1.86 1.96
N LYS K 65 26.45 -1.47 0.71
CA LYS K 65 25.76 -2.07 -0.43
C LYS K 65 26.05 -3.57 -0.51
N GLY K 66 25.01 -4.37 -0.70
CA GLY K 66 25.13 -5.82 -0.73
C GLY K 66 25.06 -6.51 0.61
N ARG K 67 25.06 -5.73 1.70
CA ARG K 67 25.02 -6.26 3.05
C ARG K 67 23.79 -5.79 3.82
N PHE K 68 23.35 -4.57 3.50
CA PHE K 68 22.22 -3.92 4.17
C PHE K 68 20.98 -3.87 3.28
N THR K 69 19.80 -4.09 3.86
CA THR K 69 18.55 -3.79 3.17
C THR K 69 17.63 -2.91 4.02
N VAL K 70 17.06 -1.90 3.37
CA VAL K 70 16.12 -0.99 4.01
C VAL K 70 14.71 -1.36 3.56
N SER K 71 13.74 -1.27 4.48
CA SER K 71 12.35 -1.56 4.16
C SER K 71 11.43 -0.55 4.84
N ARG K 72 10.21 -0.46 4.33
CA ARG K 72 9.22 0.42 4.92
C ARG K 72 7.85 -0.21 4.96
N ASP K 73 7.12 0.10 6.02
CA ASP K 73 5.75 -0.35 6.19
C ASP K 73 4.88 0.89 6.34
N ASP K 74 4.30 1.35 5.23
CA ASP K 74 3.56 2.60 5.19
C ASP K 74 2.25 2.57 5.97
N LEU K 75 1.61 1.41 6.01
CA LEU K 75 0.30 1.26 6.64
C LEU K 75 0.34 1.41 8.16
N GLU K 76 1.46 1.02 8.76
CA GLU K 76 1.59 1.07 10.21
C GLU K 76 2.74 1.95 10.67
N ASP K 77 3.43 2.54 9.69
CA ASP K 77 4.44 3.57 9.91
C ASP K 77 5.68 3.05 10.64
N PHE K 78 6.34 2.09 9.99
CA PHE K 78 7.59 1.54 10.48
C PHE K 78 8.63 1.52 9.37
N VAL K 79 9.89 1.69 9.75
CA VAL K 79 11.01 1.55 8.83
C VAL K 79 11.97 0.51 9.40
N TYR K 80 12.54 -0.31 8.52
CA TYR K 80 13.45 -1.36 8.94
C TYR K 80 14.82 -1.18 8.33
N LEU K 81 15.85 -1.63 9.06
CA LEU K 81 17.19 -1.77 8.51
C LEU K 81 17.79 -3.08 8.99
N GLN K 82 17.96 -4.01 8.09
CA GLN K 82 18.64 -5.26 8.43
C GLN K 82 20.08 -5.18 7.96
N MET K 83 20.99 -5.55 8.86
CA MET K 83 22.41 -5.43 8.63
C MET K 83 23.05 -6.82 8.68
N HIS K 84 23.68 -7.22 7.58
CA HIS K 84 24.31 -8.54 7.46
C HIS K 84 25.83 -8.46 7.27
N LYS K 85 26.51 -9.58 7.53
CA LYS K 85 27.96 -9.68 7.40
C LYS K 85 28.64 -8.43 7.95
N MET K 86 28.43 -8.20 9.24
CA MET K 86 28.80 -6.94 9.87
C MET K 86 30.30 -6.79 10.11
N ARG K 87 30.81 -5.61 9.80
CA ARG K 87 32.22 -5.29 9.96
C ARG K 87 32.39 -4.45 11.22
N VAL K 88 33.64 -4.34 11.69
CA VAL K 88 33.96 -3.60 12.91
C VAL K 88 33.62 -2.11 12.77
N GLU K 89 33.78 -1.56 11.57
CA GLU K 89 33.49 -0.15 11.32
C GLU K 89 32.00 0.16 11.12
N ASP K 90 31.15 -0.85 11.25
CA ASP K 90 29.71 -0.65 11.29
C ASP K 90 29.27 -0.11 12.65
N THR K 91 30.18 -0.21 13.63
CA THR K 91 29.98 0.29 14.99
C THR K 91 29.71 1.79 15.02
N ALA K 92 28.49 2.16 15.40
CA ALA K 92 28.05 3.55 15.41
C ALA K 92 26.74 3.72 16.20
N ILE K 93 26.27 4.95 16.34
CA ILE K 93 24.90 5.22 16.79
C ILE K 93 24.04 5.32 15.54
N TYR K 94 22.90 4.62 15.53
CA TYR K 94 22.05 4.61 14.34
C TYR K 94 20.79 5.45 14.50
N TYR K 95 20.61 6.40 13.57
CA TYR K 95 19.44 7.27 13.52
C TYR K 95 18.62 7.01 12.24
N CYS K 96 17.30 6.96 12.37
CA CYS K 96 16.41 7.06 11.20
C CYS K 96 15.99 8.52 11.14
N ALA K 97 15.86 9.05 9.93
CA ALA K 97 15.51 10.45 9.74
C ALA K 97 14.68 10.62 8.48
N ARG K 98 13.72 11.54 8.54
CA ARG K 98 12.89 11.81 7.38
C ARG K 98 13.47 12.94 6.55
N LYS K 99 13.18 12.89 5.25
CA LYS K 99 13.50 13.96 4.32
C LYS K 99 12.27 14.85 4.27
N GLY K 100 12.38 16.06 4.81
CA GLY K 100 11.25 16.97 4.91
C GLY K 100 11.63 18.38 5.32
N SER K 101 10.61 19.22 5.47
CA SER K 101 10.78 20.63 5.85
C SER K 101 9.44 21.24 6.26
N ASP K 102 9.48 22.48 6.77
CA ASP K 102 8.28 23.23 7.11
C ASP K 102 7.30 23.20 5.93
N ARG K 103 7.73 23.75 4.79
CA ARG K 103 7.01 23.62 3.53
C ARG K 103 7.70 22.59 2.64
N LEU K 104 7.00 21.47 2.37
CA LEU K 104 7.53 20.39 1.52
C LEU K 104 7.88 20.87 0.11
N SER K 105 9.10 20.57 -0.34
CA SER K 105 9.56 20.94 -1.68
C SER K 105 10.06 19.71 -2.45
N ASP K 106 10.66 19.96 -3.61
CA ASP K 106 11.21 18.88 -4.44
C ASP K 106 12.45 18.24 -3.82
N ASN K 107 13.24 19.03 -3.10
CA ASN K 107 14.46 18.57 -2.46
C ASN K 107 14.58 19.11 -1.05
N ASP K 108 14.44 18.21 -0.07
CA ASP K 108 14.38 18.61 1.33
C ASP K 108 15.59 18.09 2.14
N PRO K 109 16.02 18.84 3.16
CA PRO K 109 16.99 18.34 4.12
C PRO K 109 16.34 17.32 5.08
N PHE K 110 17.09 16.86 6.09
CA PHE K 110 16.54 15.96 7.11
C PHE K 110 16.12 16.76 8.33
N ASP K 111 14.82 17.04 8.44
CA ASP K 111 14.33 17.95 9.47
C ASP K 111 13.92 17.27 10.78
N ALA K 112 13.90 15.94 10.79
CA ALA K 112 13.50 15.20 11.98
C ALA K 112 14.26 13.89 12.15
N TRP K 113 14.85 13.71 13.32
CA TRP K 113 15.69 12.56 13.62
C TRP K 113 15.22 11.85 14.88
N GLY K 114 15.52 10.56 14.99
CA GLY K 114 15.32 9.84 16.25
C GLY K 114 16.51 10.04 17.16
N PRO K 115 16.39 9.61 18.44
CA PRO K 115 17.47 9.84 19.40
C PRO K 115 18.72 8.97 19.14
N GLY K 116 18.58 7.89 18.38
CA GLY K 116 19.69 7.00 18.07
C GLY K 116 19.65 5.67 18.81
N THR K 117 20.11 4.61 18.16
CA THR K 117 20.30 3.32 18.82
C THR K 117 21.74 2.84 18.68
N VAL K 118 22.35 2.41 19.78
CA VAL K 118 23.77 2.04 19.77
C VAL K 118 24.01 0.63 19.21
N VAL K 119 24.84 0.54 18.18
CA VAL K 119 25.24 -0.73 17.59
C VAL K 119 26.75 -0.83 17.62
N THR K 120 27.26 -1.93 18.18
CA THR K 120 28.69 -2.15 18.29
C THR K 120 29.11 -3.56 17.92
N VAL K 121 30.02 -3.66 16.96
CA VAL K 121 30.48 -4.93 16.42
C VAL K 121 31.86 -5.27 16.99
N SER K 122 31.92 -6.29 17.85
CA SER K 122 33.18 -6.71 18.47
C SER K 122 34.09 -7.47 17.48
N PRO K 123 35.40 -7.13 17.47
CA PRO K 123 36.38 -7.63 16.50
C PRO K 123 36.44 -9.16 16.39
N ALA K 124 36.44 -9.84 17.53
CA ALA K 124 36.51 -11.30 17.56
C ALA K 124 35.20 -11.90 17.06
N SER K 125 35.26 -12.48 15.86
CA SER K 125 34.11 -13.15 15.25
C SER K 125 34.05 -14.60 15.73
N THR K 126 35.18 -15.07 16.25
CA THR K 126 35.33 -16.46 16.66
C THR K 126 36.11 -16.58 17.98
N LYS K 127 35.66 -17.47 18.84
CA LYS K 127 36.36 -17.74 20.10
C LYS K 127 36.64 -19.22 20.32
N GLY K 128 37.90 -19.52 20.65
CA GLY K 128 38.31 -20.87 21.01
C GLY K 128 37.94 -21.19 22.45
N PRO K 129 37.62 -22.47 22.73
CA PRO K 129 37.25 -22.88 24.08
C PRO K 129 38.44 -23.26 24.96
N SER K 130 38.18 -23.34 26.26
CA SER K 130 39.13 -23.94 27.20
C SER K 130 38.54 -25.26 27.71
N VAL K 131 39.38 -26.27 27.83
CA VAL K 131 38.94 -27.62 28.16
C VAL K 131 39.37 -28.04 29.57
N PHE K 132 38.38 -28.26 30.43
CA PHE K 132 38.64 -28.69 31.80
C PHE K 132 38.23 -30.14 32.00
N PRO K 133 39.03 -30.92 32.74
CA PRO K 133 38.75 -32.34 32.91
C PRO K 133 37.65 -32.65 33.94
N LEU K 134 36.89 -33.71 33.69
CA LEU K 134 35.96 -34.26 34.66
C LEU K 134 36.57 -35.55 35.19
N ALA K 135 37.34 -35.43 36.27
CA ALA K 135 38.10 -36.54 36.84
C ALA K 135 37.19 -37.57 37.52
N PRO K 136 37.48 -38.87 37.32
CA PRO K 136 36.70 -39.93 37.96
C PRO K 136 36.98 -40.02 39.46
N SER K 137 36.00 -40.49 40.21
CA SER K 137 36.16 -40.74 41.64
C SER K 137 36.82 -42.11 41.83
N SER K 138 38.04 -42.11 42.37
CA SER K 138 38.80 -43.34 42.58
C SER K 138 38.29 -44.16 43.77
N LYS K 139 37.37 -43.56 44.54
CA LYS K 139 36.64 -44.28 45.59
C LYS K 139 35.14 -44.15 45.28
N SER K 140 34.62 -45.13 44.52
CA SER K 140 33.24 -45.12 44.05
C SER K 140 32.51 -46.46 44.31
N THR K 141 31.52 -46.77 43.47
CA THR K 141 30.72 -48.00 43.64
C THR K 141 31.51 -49.26 43.21
N SER K 142 32.42 -49.69 44.08
CA SER K 142 33.28 -50.87 43.87
C SER K 142 34.19 -50.78 42.61
N GLY K 143 34.87 -51.88 42.29
CA GLY K 143 35.66 -51.97 41.07
C GLY K 143 34.82 -52.39 39.87
N GLY K 144 33.79 -51.59 39.57
CA GLY K 144 32.82 -51.89 38.51
C GLY K 144 32.95 -50.96 37.31
N THR K 145 32.08 -49.95 37.25
CA THR K 145 32.06 -49.00 36.14
C THR K 145 32.37 -47.58 36.62
N ALA K 146 33.30 -46.93 35.93
CA ALA K 146 33.69 -45.56 36.25
C ALA K 146 33.42 -44.63 35.06
N ALA K 147 33.19 -43.36 35.37
CA ALA K 147 32.90 -42.35 34.35
C ALA K 147 33.87 -41.17 34.45
N LEU K 148 34.35 -40.73 33.30
CA LEU K 148 35.22 -39.55 33.23
C LEU K 148 34.92 -38.77 31.95
N GLY K 149 35.47 -37.57 31.84
CA GLY K 149 35.20 -36.76 30.66
C GLY K 149 35.87 -35.40 30.57
N CYS K 150 35.49 -34.65 29.53
CA CYS K 150 35.98 -33.30 29.30
C CYS K 150 34.85 -32.28 29.27
N LEU K 151 35.05 -31.16 29.97
CA LEU K 151 34.14 -30.02 29.89
C LEU K 151 34.74 -28.98 28.94
N VAL K 152 33.96 -28.63 27.92
CA VAL K 152 34.42 -27.68 26.90
C VAL K 152 33.66 -26.36 27.07
N LYS K 153 34.31 -25.36 27.65
CA LYS K 153 33.65 -24.09 28.00
C LYS K 153 34.02 -22.89 27.14
N ASP K 154 33.03 -22.04 26.88
CA ASP K 154 33.21 -20.69 26.33
C ASP K 154 33.81 -20.60 24.93
N TYR K 155 33.10 -21.17 23.96
CA TYR K 155 33.52 -21.07 22.56
C TYR K 155 32.45 -20.43 21.70
N PHE K 156 32.85 -19.92 20.53
CA PHE K 156 31.93 -19.31 19.57
C PHE K 156 32.51 -19.28 18.16
N PRO K 157 31.73 -19.69 17.15
CA PRO K 157 30.42 -20.33 17.26
C PRO K 157 30.51 -21.85 17.24
N GLU K 158 29.39 -22.52 17.03
CA GLU K 158 29.34 -23.97 16.85
C GLU K 158 29.87 -24.36 15.46
N PRO K 159 30.21 -25.65 15.25
CA PRO K 159 30.22 -26.76 16.19
C PRO K 159 31.61 -27.10 16.76
N VAL K 160 31.62 -28.03 17.71
CA VAL K 160 32.86 -28.56 18.28
C VAL K 160 32.87 -30.08 18.11
N THR K 161 34.05 -30.64 17.85
CA THR K 161 34.27 -32.07 17.79
C THR K 161 34.93 -32.54 19.09
N VAL K 162 34.51 -33.70 19.59
CA VAL K 162 35.25 -34.41 20.64
C VAL K 162 35.43 -35.88 20.28
N SER K 163 36.64 -36.38 20.43
CA SER K 163 36.91 -37.82 20.32
C SER K 163 37.83 -38.26 21.45
N TRP K 164 37.92 -39.57 21.66
CA TRP K 164 38.70 -40.11 22.76
C TRP K 164 39.79 -41.06 22.29
N ASN K 165 40.99 -40.87 22.83
CA ASN K 165 42.18 -41.64 22.44
C ASN K 165 42.44 -41.56 20.94
N SER K 166 42.40 -40.34 20.42
CA SER K 166 42.59 -40.03 19.00
C SER K 166 41.70 -40.86 18.06
N GLY K 167 40.45 -41.07 18.49
CA GLY K 167 39.46 -41.78 17.69
C GLY K 167 39.40 -43.28 17.92
N ALA K 168 40.31 -43.81 18.74
CA ALA K 168 40.38 -45.25 19.01
C ALA K 168 39.27 -45.76 19.93
N LEU K 169 38.74 -44.87 20.76
CA LEU K 169 37.70 -45.21 21.74
C LEU K 169 36.35 -44.60 21.36
N THR K 170 35.44 -45.44 20.87
CA THR K 170 34.10 -45.01 20.46
C THR K 170 33.02 -45.58 21.37
N SER K 171 33.21 -46.81 21.84
CA SER K 171 32.28 -47.47 22.74
C SER K 171 32.17 -46.70 24.06
N GLY K 172 30.94 -46.49 24.52
CA GLY K 172 30.68 -45.85 25.82
C GLY K 172 30.67 -44.33 25.83
N VAL K 173 31.07 -43.71 24.72
CA VAL K 173 31.21 -42.25 24.64
C VAL K 173 29.87 -41.56 24.35
N HIS K 174 29.56 -40.55 25.16
CA HIS K 174 28.41 -39.67 24.91
C HIS K 174 28.86 -38.21 24.85
N THR K 175 28.76 -37.61 23.66
CA THR K 175 29.02 -36.18 23.51
C THR K 175 27.67 -35.48 23.51
N PHE K 176 27.50 -34.55 24.44
CA PHE K 176 26.22 -33.88 24.63
C PHE K 176 26.03 -32.71 23.68
N PRO K 177 24.76 -32.33 23.42
CA PRO K 177 24.50 -31.11 22.66
C PRO K 177 25.04 -29.89 23.38
N ALA K 178 25.39 -28.87 22.62
CA ALA K 178 25.93 -27.64 23.19
C ALA K 178 24.86 -26.88 23.97
N VAL K 179 25.30 -25.95 24.79
CA VAL K 179 24.38 -25.14 25.59
C VAL K 179 24.81 -23.67 25.51
N LEU K 180 23.84 -22.80 25.25
CA LEU K 180 24.08 -21.37 25.14
C LEU K 180 23.95 -20.69 26.51
N GLN K 181 25.05 -20.10 26.97
CA GLN K 181 25.10 -19.43 28.27
C GLN K 181 24.67 -17.98 28.11
N SER K 182 24.39 -17.31 29.23
CA SER K 182 23.97 -15.90 29.20
C SER K 182 25.07 -14.95 28.75
N SER K 183 26.30 -15.47 28.67
CA SER K 183 27.44 -14.69 28.21
C SER K 183 27.52 -14.69 26.69
N GLY K 184 26.65 -15.47 26.05
CA GLY K 184 26.62 -15.58 24.60
C GLY K 184 27.60 -16.60 24.06
N LEU K 185 28.19 -17.39 24.96
CA LEU K 185 29.10 -18.47 24.57
C LEU K 185 28.47 -19.85 24.78
N TYR K 186 28.94 -20.82 24.01
CA TYR K 186 28.45 -22.20 24.11
C TYR K 186 29.31 -23.05 25.02
N SER K 187 28.72 -24.11 25.56
CA SER K 187 29.41 -25.04 26.46
C SER K 187 28.80 -26.44 26.40
N LEU K 188 29.63 -27.42 26.05
CA LEU K 188 29.22 -28.82 26.04
C LEU K 188 30.16 -29.68 26.89
N SER K 189 29.74 -30.91 27.13
CA SER K 189 30.57 -31.90 27.80
C SER K 189 30.52 -33.21 27.03
N SER K 190 31.62 -33.96 27.09
CA SER K 190 31.73 -35.24 26.44
C SER K 190 32.22 -36.26 27.46
N VAL K 191 31.42 -37.28 27.71
CA VAL K 191 31.75 -38.29 28.73
C VAL K 191 31.96 -39.67 28.14
N VAL K 192 32.62 -40.53 28.93
CA VAL K 192 32.79 -41.94 28.59
C VAL K 192 32.81 -42.78 29.87
N THR K 193 32.14 -43.93 29.83
CA THR K 193 32.19 -44.88 30.94
C THR K 193 33.15 -46.02 30.61
N VAL K 194 34.03 -46.32 31.57
CA VAL K 194 35.06 -47.35 31.40
C VAL K 194 35.15 -48.23 32.65
N PRO K 195 35.75 -49.43 32.52
CA PRO K 195 35.99 -50.27 33.71
C PRO K 195 36.90 -49.58 34.73
N SER K 196 36.58 -49.77 36.00
CA SER K 196 37.32 -49.15 37.10
C SER K 196 38.76 -49.64 37.19
N SER K 197 38.97 -50.90 36.83
CA SER K 197 40.29 -51.54 36.88
C SER K 197 41.27 -50.97 35.85
N SER K 198 40.74 -50.46 34.74
CA SER K 198 41.56 -49.89 33.67
C SER K 198 42.11 -48.50 34.00
N LEU K 199 41.54 -47.85 35.01
CA LEU K 199 41.95 -46.51 35.43
C LEU K 199 43.43 -46.43 35.82
N GLY K 200 43.87 -47.40 36.62
CA GLY K 200 45.24 -47.40 37.14
C GLY K 200 46.33 -47.83 36.16
N THR K 201 45.95 -47.98 34.89
CA THR K 201 46.91 -48.32 33.83
C THR K 201 46.67 -47.49 32.57
N GLN K 202 45.49 -47.62 32.00
CA GLN K 202 45.14 -46.94 30.75
C GLN K 202 44.90 -45.44 30.94
N THR K 203 45.63 -44.63 30.18
CA THR K 203 45.45 -43.19 30.15
C THR K 203 44.31 -42.83 29.19
N TYR K 204 43.66 -41.69 29.43
CA TYR K 204 42.54 -41.25 28.60
C TYR K 204 42.67 -39.78 28.18
N ILE K 205 42.67 -39.56 26.86
CA ILE K 205 42.80 -38.21 26.30
C ILE K 205 41.60 -37.86 25.43
N CYS K 206 41.00 -36.69 25.67
CA CYS K 206 39.92 -36.20 24.81
C CYS K 206 40.47 -35.25 23.75
N ASN K 207 40.04 -35.48 22.51
CA ASN K 207 40.53 -34.69 21.38
C ASN K 207 39.47 -33.72 20.91
N VAL K 208 39.68 -32.45 21.23
CA VAL K 208 38.71 -31.40 20.96
C VAL K 208 39.14 -30.58 19.74
N ASN K 209 38.28 -30.53 18.73
CA ASN K 209 38.53 -29.74 17.53
C ASN K 209 37.46 -28.67 17.32
N HIS K 210 37.90 -27.43 17.21
CA HIS K 210 37.00 -26.31 16.91
C HIS K 210 37.46 -25.65 15.62
N LYS K 211 36.87 -26.09 14.50
CA LYS K 211 37.27 -25.66 13.16
C LYS K 211 37.15 -24.15 12.87
N PRO K 212 36.08 -23.49 13.36
CA PRO K 212 35.96 -22.03 13.21
C PRO K 212 37.17 -21.22 13.66
N SER K 213 37.69 -21.49 14.86
CA SER K 213 38.82 -20.72 15.38
C SER K 213 40.19 -21.36 15.14
N ASN K 214 40.19 -22.47 14.39
CA ASN K 214 41.40 -23.26 14.11
C ASN K 214 42.12 -23.66 15.41
N THR K 215 41.34 -24.18 16.36
CA THR K 215 41.86 -24.57 17.66
C THR K 215 41.65 -26.06 17.91
N LYS K 216 42.77 -26.75 18.20
CA LYS K 216 42.73 -28.16 18.56
C LYS K 216 43.30 -28.30 19.98
N VAL K 217 42.58 -29.04 20.83
CA VAL K 217 43.04 -29.28 22.20
C VAL K 217 42.97 -30.76 22.57
N ASP K 218 44.06 -31.29 23.11
CA ASP K 218 44.09 -32.62 23.70
C ASP K 218 44.27 -32.50 25.20
N LYS K 219 43.32 -33.04 25.96
CA LYS K 219 43.41 -32.98 27.41
C LYS K 219 43.52 -34.36 28.05
N LYS K 220 44.49 -34.49 28.96
CA LYS K 220 44.67 -35.71 29.74
C LYS K 220 43.74 -35.71 30.95
N VAL K 221 42.98 -36.78 31.11
CA VAL K 221 42.05 -36.91 32.24
C VAL K 221 42.46 -38.08 33.13
N GLU K 222 42.83 -37.76 34.37
CA GLU K 222 43.25 -38.77 35.36
C GLU K 222 42.75 -38.41 36.76
N PRO K 223 42.52 -39.42 37.63
CA PRO K 223 42.02 -39.17 38.99
C PRO K 223 43.02 -38.43 39.87
N LYS K 224 42.52 -37.72 40.88
CA LYS K 224 43.35 -36.98 41.82
C LYS K 224 44.17 -37.90 42.72
N ALA L 1 23.18 7.55 -5.97
CA ALA L 1 22.74 7.10 -7.32
C ALA L 1 21.27 7.47 -7.59
N CYS L 2 20.85 7.32 -8.84
CA CYS L 2 19.45 7.48 -9.22
C CYS L 2 18.84 6.13 -9.62
N PRO L 3 17.49 6.06 -9.70
CA PRO L 3 16.79 4.90 -10.26
C PRO L 3 17.22 4.59 -11.70
N PRO L 4 16.82 3.42 -12.24
CA PRO L 4 17.17 3.09 -13.63
C PRO L 4 16.64 4.13 -14.63
N SER L 5 17.47 4.44 -15.62
CA SER L 5 17.19 5.45 -16.66
C SER L 5 16.83 6.83 -16.09
N HIS L 6 17.49 7.18 -14.98
CA HIS L 6 17.34 8.49 -14.36
C HIS L 6 18.71 9.08 -14.08
N VAL L 7 18.83 10.40 -14.24
CA VAL L 7 20.05 11.13 -13.89
C VAL L 7 19.75 12.23 -12.88
N LEU L 8 20.76 12.59 -12.08
CA LEU L 8 20.62 13.62 -11.06
C LEU L 8 20.86 15.00 -11.64
N ASP L 9 19.78 15.78 -11.78
CA ASP L 9 19.87 17.17 -12.20
C ASP L 9 20.16 18.05 -10.99
N MET L 10 21.38 18.58 -10.94
CA MET L 10 21.87 19.37 -9.80
C MET L 10 21.09 20.66 -9.54
N ARG L 11 20.51 21.23 -10.58
CA ARG L 11 19.81 22.50 -10.46
C ARG L 11 18.48 22.36 -9.74
N SER L 12 17.80 21.24 -9.96
CA SER L 12 16.52 20.93 -9.33
C SER L 12 16.71 20.15 -8.03
N GLY L 13 17.75 19.32 -8.00
CA GLY L 13 18.07 18.49 -6.84
C GLY L 13 17.25 17.21 -6.77
N THR L 14 16.68 16.82 -7.91
CA THR L 14 15.84 15.62 -8.02
C THR L 14 16.33 14.72 -9.13
N CYS L 15 16.05 13.43 -9.04
CA CYS L 15 16.33 12.50 -10.14
C CYS L 15 15.33 12.76 -11.26
N LEU L 16 15.83 12.99 -12.46
CA LEU L 16 14.99 13.18 -13.65
C LEU L 16 15.26 12.13 -14.71
N ALA L 17 14.31 11.96 -15.63
CA ALA L 17 14.35 10.90 -16.63
C ALA L 17 15.19 11.21 -17.87
N ALA L 18 15.80 10.16 -18.43
CA ALA L 18 16.45 10.22 -19.74
C ALA L 18 15.54 9.52 -20.76
N GLU L 19 14.27 9.90 -20.78
CA GLU L 19 13.24 9.20 -21.55
C GLU L 19 13.44 9.32 -23.06
#